data_4W9G
#
_entry.id   4W9G
#
_cell.length_a   93.487
_cell.length_b   93.487
_cell.length_c   363.891
_cell.angle_alpha   90.000
_cell.angle_beta   90.000
_cell.angle_gamma   90.000
#
_symmetry.space_group_name_H-M   'P 41 2 2'
#
loop_
_entity.id
_entity.type
_entity.pdbx_description
1 polymer 'Transcription elongation factor B polypeptide 2'
2 polymer 'Transcription elongation factor B polypeptide 1'
3 polymer 'Von Hippel-Lindau disease tumor suppressor'
4 non-polymer (4R)-1-(3,3-dimethylbutanoyl)-4-hydroxy-N-[3-methyl-4-(1,3-thiazol-5-yl)benzyl]-L-prolinamide
5 water water
#
loop_
_entity_poly.entity_id
_entity_poly.type
_entity_poly.pdbx_seq_one_letter_code
_entity_poly.pdbx_strand_id
1 'polypeptide(L)'
;MDVFLMIRRHKTTIFTDAKESSTVFELKRIVEGILKRPPDEQRLYKDDQLLDDGKTLGE(CAS)GFTSQTARPQAPATVG
LAFRADDTFEAL(CAS)IEPFSSPPELPDVMK
;
A,D,G,J
2 'polypeptide(L)'
;MMYVKLISSDGHEFIVKREHALTSGTIKAMLSGPGQFAENETNEVNFREIPSHVLSKVCMYFTYKVRYTNSSTEIPEFPI
APEIALELLMAANFLDC
;
B,E,H,K
3 'polypeptide(L)'
;GSMEAGRPRPVLRSVNSREPSQVIF(CAS)NRSPRVVLPVWLNFDGEPQPYPTLPPGTGRRIHSYRGHLWLFRDAGTHDG
LLVNQTELFVPSLNVDGQPIFANITLPVYTLKERCLQVVRSLVKPENYRRLDIVRSLYEDLEDHPNVQKDLERLTQERIA
HQRMGD
;
C,F,I,L
#
loop_
_chem_comp.id
_chem_comp.type
_chem_comp.name
_chem_comp.formula
3JV non-polymer (4R)-1-(3,3-dimethylbutanoyl)-4-hydroxy-N-[3-methyl-4-(1,3-thiazol-5-yl)benzyl]-L-prolinamide 'C22 H29 N3 O3 S'
#
# COMPACT_ATOMS: atom_id res chain seq x y z
N MET A 1 -26.05 28.66 16.99
CA MET A 1 -25.09 27.53 17.15
C MET A 1 -24.56 27.44 18.58
N ASP A 2 -24.74 26.27 19.19
CA ASP A 2 -24.32 26.04 20.57
C ASP A 2 -22.82 25.75 20.68
N VAL A 3 -22.20 26.29 21.71
CA VAL A 3 -20.81 25.96 22.06
C VAL A 3 -20.81 25.33 23.45
N PHE A 4 -19.84 24.46 23.70
CA PHE A 4 -19.78 23.71 24.95
C PHE A 4 -18.48 24.01 25.68
N LEU A 5 -18.62 24.35 26.97
CA LEU A 5 -17.53 24.96 27.71
C LEU A 5 -17.19 24.25 29.02
N MET A 6 -15.96 24.46 29.47
CA MET A 6 -15.58 24.25 30.84
C MET A 6 -15.12 25.60 31.37
N ILE A 7 -15.83 26.14 32.35
CA ILE A 7 -15.44 27.39 33.00
C ILE A 7 -14.69 27.01 34.26
N ARG A 8 -13.39 27.33 34.30
CA ARG A 8 -12.50 26.77 35.29
C ARG A 8 -11.78 27.82 36.14
N ARG A 9 -11.85 27.63 37.46
CA ARG A 9 -11.08 28.43 38.42
C ARG A 9 -10.60 27.52 39.53
N HIS A 10 -9.31 27.62 39.87
CA HIS A 10 -8.74 26.84 40.98
C HIS A 10 -9.06 25.34 40.78
N LYS A 11 -9.85 24.72 41.68
CA LYS A 11 -10.28 23.33 41.49
C LYS A 11 -11.79 23.25 41.21
N THR A 12 -12.35 24.34 40.69
CA THR A 12 -13.74 24.34 40.23
C THR A 12 -13.75 24.18 38.70
N THR A 13 -14.77 23.49 38.20
CA THR A 13 -14.98 23.35 36.76
C THR A 13 -16.48 23.27 36.46
N ILE A 14 -17.02 24.28 35.79
CA ILE A 14 -18.43 24.29 35.40
C ILE A 14 -18.54 23.80 33.96
N PHE A 15 -19.42 22.82 33.73
CA PHE A 15 -19.78 22.38 32.39
C PHE A 15 -21.10 23.02 31.99
N THR A 16 -21.09 23.81 30.91
CA THR A 16 -22.30 24.40 30.40
C THR A 16 -22.19 24.67 28.92
N ASP A 17 -23.28 25.15 28.33
CA ASP A 17 -23.25 25.58 26.94
C ASP A 17 -23.79 26.99 26.80
N ALA A 18 -23.49 27.61 25.67
CA ALA A 18 -24.05 28.92 25.33
C ALA A 18 -24.11 29.05 23.82
N LYS A 19 -24.77 30.09 23.35
CA LYS A 19 -24.81 30.38 21.92
C LYS A 19 -23.52 31.04 21.49
N GLU A 20 -23.06 30.72 20.28
CA GLU A 20 -21.93 31.41 19.66
C GLU A 20 -22.14 32.93 19.68
N SER A 21 -23.39 33.35 19.52
CA SER A 21 -23.74 34.77 19.45
C SER A 21 -23.88 35.48 20.81
N SER A 22 -23.78 34.73 21.90
CA SER A 22 -23.96 35.31 23.23
C SER A 22 -22.69 36.01 23.68
N THR A 23 -22.83 36.91 24.65
CA THR A 23 -21.73 37.76 25.08
C THR A 23 -20.97 37.19 26.27
N VAL A 24 -19.74 37.66 26.43
CA VAL A 24 -18.93 37.35 27.60
C VAL A 24 -19.67 37.72 28.89
N PHE A 25 -20.32 38.89 28.90
CA PHE A 25 -21.09 39.32 30.07
C PHE A 25 -22.21 38.34 30.40
N GLU A 26 -22.89 37.87 29.37
CA GLU A 26 -23.97 36.89 29.54
C GLU A 26 -23.45 35.57 30.09
N LEU A 27 -22.26 35.15 29.68
CA LEU A 27 -21.65 33.98 30.30
C LEU A 27 -21.38 34.22 31.79
N LYS A 28 -20.96 35.44 32.15
CA LYS A 28 -20.76 35.82 33.56
C LYS A 28 -22.06 35.77 34.37
N ARG A 29 -23.18 36.05 33.72
CA ARG A 29 -24.49 35.94 34.35
C ARG A 29 -24.81 34.50 34.70
N ILE A 30 -24.38 33.57 33.83
CA ILE A 30 -24.54 32.14 34.09
C ILE A 30 -23.70 31.73 35.29
N VAL A 31 -22.44 32.16 35.30
CA VAL A 31 -21.55 31.90 36.44
C VAL A 31 -22.15 32.44 37.74
N GLU A 32 -22.70 33.65 37.68
CA GLU A 32 -23.34 34.25 38.85
C GLU A 32 -24.43 33.37 39.45
N GLY A 33 -25.25 32.79 38.57
CA GLY A 33 -26.35 31.93 39.00
C GLY A 33 -25.89 30.67 39.70
N ILE A 34 -24.71 30.18 39.32
CA ILE A 34 -24.13 28.96 39.87
C ILE A 34 -23.25 29.24 41.10
N LEU A 35 -22.28 30.13 40.98
CA LEU A 35 -21.31 30.38 42.06
C LEU A 35 -21.62 31.60 42.95
N LYS A 36 -22.74 32.29 42.68
CA LYS A 36 -23.21 33.40 43.53
C LYS A 36 -22.21 34.55 43.68
N ARG A 37 -21.69 35.00 42.54
CA ARG A 37 -20.77 36.14 42.50
C ARG A 37 -21.14 36.96 41.28
N PRO A 38 -21.37 38.27 41.45
CA PRO A 38 -21.83 39.07 40.32
C PRO A 38 -20.75 39.27 39.24
N PRO A 39 -21.17 39.63 38.00
CA PRO A 39 -20.26 39.87 36.88
C PRO A 39 -19.08 40.82 37.18
N ASP A 40 -19.34 41.89 37.90
CA ASP A 40 -18.28 42.86 38.25
C ASP A 40 -17.17 42.27 39.15
N GLU A 41 -17.43 41.12 39.78
CA GLU A 41 -16.43 40.43 40.59
C GLU A 41 -15.81 39.23 39.85
N GLN A 42 -15.97 39.21 38.52
CA GLN A 42 -15.45 38.13 37.69
C GLN A 42 -14.56 38.65 36.58
N ARG A 43 -13.52 37.90 36.26
CA ARG A 43 -12.79 38.05 35.02
C ARG A 43 -12.83 36.72 34.28
N LEU A 44 -13.11 36.75 32.98
CA LEU A 44 -13.08 35.54 32.16
C LEU A 44 -11.91 35.64 31.17
N TYR A 45 -11.23 34.52 30.98
CA TYR A 45 -10.05 34.47 30.13
C TYR A 45 -10.15 33.37 29.07
N LYS A 46 -9.61 33.65 27.89
CA LYS A 46 -9.26 32.61 26.96
C LYS A 46 -7.75 32.48 27.04
N ASP A 47 -7.28 31.36 27.60
CA ASP A 47 -5.87 31.20 27.92
C ASP A 47 -5.46 32.37 28.82
N ASP A 48 -4.49 33.17 28.41
CA ASP A 48 -4.03 34.31 29.24
C ASP A 48 -4.73 35.61 28.86
N GLN A 49 -5.64 35.57 27.89
CA GLN A 49 -6.31 36.76 27.40
C GLN A 49 -7.55 37.12 28.18
N LEU A 50 -7.61 38.36 28.66
CA LEU A 50 -8.80 38.86 29.34
C LEU A 50 -9.90 39.14 28.30
N LEU A 51 -11.13 38.71 28.61
CA LEU A 51 -12.27 38.86 27.70
C LEU A 51 -13.14 40.09 28.03
N ASP A 52 -13.50 40.85 26.99
CA ASP A 52 -14.38 42.02 27.12
C ASP A 52 -15.86 41.62 27.17
N ASP A 53 -16.59 42.20 28.10
CA ASP A 53 -18.01 41.87 28.37
C ASP A 53 -18.91 41.85 27.13
N GLY A 54 -18.77 42.87 26.29
CA GLY A 54 -19.64 43.04 25.11
C GLY A 54 -19.30 42.22 23.88
N LYS A 55 -18.17 41.51 23.92
CA LYS A 55 -17.77 40.65 22.79
C LYS A 55 -18.49 39.31 22.84
N THR A 56 -18.83 38.78 21.67
CA THR A 56 -19.49 37.47 21.60
C THR A 56 -18.46 36.37 21.71
N LEU A 57 -18.91 35.19 22.16
CA LEU A 57 -18.03 34.04 22.32
C LEU A 57 -17.43 33.60 20.99
N GLY A 58 -18.17 33.80 19.90
CA GLY A 58 -17.67 33.53 18.54
C GLY A 58 -16.48 34.39 18.17
N GLU A 59 -16.60 35.69 18.43
CA GLU A 59 -15.49 36.63 18.24
C GLU A 59 -14.27 36.24 19.06
N CAS A 60 -14.50 35.73 20.27
CA CAS A 60 -13.43 35.29 21.16
CB CAS A 60 -13.91 35.42 22.60
C CAS A 60 -12.97 33.87 20.89
O CAS A 60 -12.30 33.27 21.73
SG CAS A 60 -14.28 37.10 23.00
AS CAS A 60 -12.37 38.20 22.51
CE1 CAS A 60 -12.85 39.54 21.12
CE2 CAS A 60 -11.61 39.15 24.07
N GLY A 61 -13.30 33.31 19.72
CA GLY A 61 -12.75 32.03 19.28
C GLY A 61 -13.48 30.77 19.76
N PHE A 62 -14.58 30.92 20.47
CA PHE A 62 -15.38 29.76 20.87
C PHE A 62 -16.42 29.50 19.79
N THR A 63 -16.15 28.49 18.96
CA THR A 63 -17.01 28.12 17.84
C THR A 63 -17.58 26.73 18.04
N SER A 64 -18.71 26.46 17.40
CA SER A 64 -19.43 25.20 17.59
C SER A 64 -18.60 23.98 17.20
N GLN A 65 -17.74 24.14 16.20
CA GLN A 65 -16.92 23.03 15.71
C GLN A 65 -15.61 22.84 16.50
N THR A 66 -15.24 23.80 17.34
CA THR A 66 -14.08 23.65 18.24
C THR A 66 -14.50 23.39 19.68
N ALA A 67 -15.49 24.14 20.16
CA ALA A 67 -16.06 23.90 21.49
C ALA A 67 -17.17 22.84 21.40
N ARG A 68 -16.77 21.57 21.38
CA ARG A 68 -17.68 20.44 21.13
C ARG A 68 -18.18 19.81 22.45
N PRO A 69 -19.31 19.11 22.41
CA PRO A 69 -19.81 18.43 23.60
C PRO A 69 -18.81 17.45 24.22
N GLN A 70 -18.20 16.64 23.37
CA GLN A 70 -17.27 15.60 23.82
C GLN A 70 -15.87 16.12 24.10
N ALA A 71 -15.60 17.37 23.73
CA ALA A 71 -14.28 18.00 23.91
C ALA A 71 -14.43 19.51 24.02
N PRO A 72 -14.96 19.98 25.16
CA PRO A 72 -15.35 21.39 25.33
C PRO A 72 -14.18 22.33 25.54
N ALA A 73 -14.36 23.59 25.14
CA ALA A 73 -13.34 24.61 25.27
C ALA A 73 -13.26 25.13 26.70
N THR A 74 -12.08 25.57 27.10
CA THR A 74 -11.86 26.03 28.47
C THR A 74 -11.96 27.55 28.51
N VAL A 75 -12.64 28.06 29.54
CA VAL A 75 -12.75 29.49 29.77
C VAL A 75 -12.26 29.76 31.18
N GLY A 76 -11.14 30.47 31.31
CA GLY A 76 -10.55 30.79 32.61
C GLY A 76 -11.47 31.70 33.41
N LEU A 77 -11.44 31.57 34.74
CA LEU A 77 -12.24 32.41 35.63
C LEU A 77 -11.39 32.86 36.82
N ALA A 78 -11.51 34.13 37.18
CA ALA A 78 -10.84 34.70 38.35
C ALA A 78 -11.80 35.61 39.10
N PHE A 79 -11.81 35.51 40.44
CA PHE A 79 -12.66 36.35 41.29
C PHE A 79 -11.93 37.55 41.89
N ARG A 80 -12.68 38.61 42.14
CA ARG A 80 -12.20 39.77 42.87
C ARG A 80 -12.47 39.57 44.35
N ALA A 81 -11.41 39.40 45.13
CA ALA A 81 -11.51 39.38 46.58
C ALA A 81 -11.43 40.83 47.07
N ASP A 82 -12.59 41.42 47.33
CA ASP A 82 -12.70 42.78 47.92
C ASP A 82 -12.26 43.90 46.94
N ASP A 83 -11.03 44.39 47.05
CA ASP A 83 -10.54 45.51 46.23
C ASP A 83 -9.94 45.05 44.88
N THR A 84 -9.04 44.08 44.94
CA THR A 84 -8.24 43.66 43.77
C THR A 84 -8.56 42.23 43.31
N PHE A 85 -8.48 42.01 42.01
CA PHE A 85 -8.65 40.67 41.44
C PHE A 85 -7.46 39.78 41.74
N GLU A 86 -7.74 38.52 42.02
CA GLU A 86 -6.71 37.49 42.13
C GLU A 86 -6.11 37.25 40.76
N ALA A 87 -4.94 36.63 40.71
CA ALA A 87 -4.36 36.17 39.45
C ALA A 87 -5.12 34.94 38.97
N LEU A 88 -5.19 34.75 37.66
CA LEU A 88 -5.82 33.56 37.08
C LEU A 88 -5.04 32.31 37.50
N CAS A 89 -5.74 31.33 38.06
CA CAS A 89 -5.10 30.08 38.48
CB CAS A 89 -4.70 30.20 39.95
C CAS A 89 -6.07 28.96 38.23
O CAS A 89 -7.19 28.99 38.71
SG CAS A 89 -4.66 28.67 40.83
AS CAS A 89 -2.67 27.80 40.29
CE1 CAS A 89 -1.88 28.71 38.69
CE2 CAS A 89 -1.43 28.00 41.85
N ILE A 90 -5.63 27.97 37.46
CA ILE A 90 -6.40 26.76 37.19
C ILE A 90 -5.58 25.54 37.60
N GLU A 91 -5.99 24.85 38.67
CA GLU A 91 -5.34 23.60 39.08
C GLU A 91 -5.51 22.57 37.97
N PRO A 92 -4.41 21.90 37.57
CA PRO A 92 -4.56 20.88 36.53
C PRO A 92 -5.22 19.63 37.09
N PHE A 93 -5.78 18.82 36.22
CA PHE A 93 -6.34 17.54 36.62
C PHE A 93 -5.21 16.59 37.02
N SER A 94 -5.59 15.49 37.66
CA SER A 94 -4.64 14.45 38.03
C SER A 94 -4.02 13.82 36.79
N SER A 95 -2.88 13.17 36.97
CA SER A 95 -2.18 12.51 35.87
C SER A 95 -2.54 11.05 35.85
N PRO A 96 -2.76 10.48 34.65
CA PRO A 96 -2.99 9.04 34.58
C PRO A 96 -1.67 8.29 34.76
N PRO A 97 -1.74 7.01 35.15
CA PRO A 97 -0.53 6.23 35.36
C PRO A 97 0.17 5.87 34.04
N GLU A 98 1.29 5.18 34.13
CA GLU A 98 1.98 4.67 32.94
C GLU A 98 1.10 3.62 32.29
N LEU A 99 1.10 3.58 30.95
CA LEU A 99 0.40 2.52 30.21
C LEU A 99 0.93 1.17 30.65
N PRO A 100 0.05 0.27 31.13
CA PRO A 100 0.51 -1.07 31.49
C PRO A 100 1.26 -1.77 30.35
N ASP A 101 2.10 -2.74 30.70
CA ASP A 101 2.88 -3.48 29.71
C ASP A 101 2.04 -3.84 28.49
N VAL A 102 0.86 -4.40 28.74
CA VAL A 102 0.02 -4.96 27.66
C VAL A 102 -0.69 -3.93 26.75
N MET A 103 -0.68 -2.66 27.12
CA MET A 103 -1.32 -1.61 26.31
C MET A 103 -0.28 -0.75 25.59
N MET B 2 -30.83 23.75 36.73
CA MET B 2 -30.36 23.25 38.05
C MET B 2 -29.09 22.42 37.92
N TYR B 3 -28.17 22.64 38.85
CA TYR B 3 -26.85 22.01 38.79
C TYR B 3 -26.56 21.13 40.01
N VAL B 4 -25.57 20.25 39.87
CA VAL B 4 -25.09 19.42 40.96
C VAL B 4 -23.58 19.39 40.93
N LYS B 5 -23.00 19.08 42.08
CA LYS B 5 -21.54 19.05 42.23
C LYS B 5 -21.01 17.61 42.30
N LEU B 6 -20.13 17.28 41.38
CA LEU B 6 -19.46 15.98 41.38
C LEU B 6 -18.01 16.21 41.74
N ILE B 7 -17.58 15.65 42.87
CA ILE B 7 -16.25 15.90 43.39
C ILE B 7 -15.35 14.67 43.25
N SER B 8 -14.21 14.85 42.59
CA SER B 8 -13.25 13.78 42.34
C SER B 8 -12.45 13.47 43.60
N SER B 9 -11.74 12.34 43.58
CA SER B 9 -10.93 11.89 44.73
C SER B 9 -9.83 12.88 45.09
N ASP B 10 -9.31 13.57 44.08
CA ASP B 10 -8.27 14.61 44.27
C ASP B 10 -8.84 16.01 44.47
N GLY B 11 -10.08 16.12 44.92
CA GLY B 11 -10.66 17.41 45.32
C GLY B 11 -11.24 18.31 44.24
N HIS B 12 -11.16 17.91 42.97
CA HIS B 12 -11.72 18.74 41.89
C HIS B 12 -13.23 18.71 41.90
N GLU B 13 -13.85 19.88 41.90
CA GLU B 13 -15.29 20.00 41.97
C GLU B 13 -15.85 20.32 40.59
N PHE B 14 -16.60 19.37 40.03
CA PHE B 14 -17.23 19.55 38.73
C PHE B 14 -18.69 19.90 38.90
N ILE B 15 -19.11 21.02 38.31
CA ILE B 15 -20.50 21.46 38.38
C ILE B 15 -21.19 21.25 37.03
N VAL B 16 -22.14 20.31 36.99
CA VAL B 16 -22.89 19.98 35.77
C VAL B 16 -24.38 20.03 36.04
N LYS B 17 -25.17 20.01 34.98
CA LYS B 17 -26.64 20.05 35.12
C LYS B 17 -27.17 18.78 35.77
N ARG B 18 -28.23 18.91 36.55
CA ARG B 18 -28.80 17.77 37.27
C ARG B 18 -29.24 16.66 36.32
N GLU B 19 -29.93 17.05 35.25
CA GLU B 19 -30.44 16.08 34.26
C GLU B 19 -29.33 15.37 33.48
N HIS B 20 -28.20 16.03 33.27
CA HIS B 20 -27.03 15.39 32.69
C HIS B 20 -26.47 14.33 33.63
N ALA B 21 -26.38 14.68 34.92
CA ALA B 21 -25.85 13.76 35.93
C ALA B 21 -26.75 12.56 36.17
N LEU B 22 -28.06 12.74 36.01
CA LEU B 22 -29.02 11.64 36.17
C LEU B 22 -28.96 10.60 35.05
N THR B 23 -28.15 10.84 34.02
CA THR B 23 -27.75 9.79 33.08
C THR B 23 -27.30 8.54 33.84
N SER B 24 -26.50 8.75 34.89
CA SER B 24 -26.03 7.66 35.74
C SER B 24 -27.06 7.32 36.80
N GLY B 25 -27.50 6.06 36.81
CA GLY B 25 -28.44 5.58 37.81
C GLY B 25 -27.83 5.56 39.19
N THR B 26 -26.52 5.31 39.25
CA THR B 26 -25.77 5.36 40.50
C THR B 26 -25.84 6.75 41.14
N ILE B 27 -25.66 7.79 40.32
CA ILE B 27 -25.71 9.17 40.80
C ILE B 27 -27.12 9.56 41.23
N LYS B 28 -28.13 9.15 40.47
CA LYS B 28 -29.53 9.34 40.87
C LYS B 28 -29.73 8.85 42.30
N ALA B 29 -29.24 7.64 42.57
CA ALA B 29 -29.35 7.03 43.90
C ALA B 29 -28.52 7.77 44.94
N MET B 30 -27.31 8.17 44.58
CA MET B 30 -26.44 8.92 45.48
C MET B 30 -27.02 10.28 45.85
N LEU B 31 -27.85 10.85 44.97
CA LEU B 31 -28.52 12.13 45.26
C LEU B 31 -29.80 11.98 46.08
N SER B 32 -30.66 11.04 45.68
CA SER B 32 -31.92 10.77 46.42
C SER B 32 -31.65 10.05 47.74
N ASN B 43 -27.27 17.66 47.22
CA ASN B 43 -26.86 17.95 45.85
C ASN B 43 -25.33 18.09 45.64
N GLU B 44 -24.57 17.29 46.40
CA GLU B 44 -23.15 17.07 46.15
C GLU B 44 -22.90 15.56 46.21
N VAL B 45 -21.88 15.08 45.50
CA VAL B 45 -21.51 13.67 45.55
C VAL B 45 -19.99 13.54 45.52
N ASN B 46 -19.43 12.85 46.50
CA ASN B 46 -17.98 12.63 46.58
C ASN B 46 -17.59 11.27 46.06
N PHE B 47 -16.73 11.24 45.04
CA PHE B 47 -16.21 10.00 44.49
C PHE B 47 -14.76 9.77 44.95
N ARG B 48 -14.57 8.78 45.82
CA ARG B 48 -13.26 8.52 46.39
C ARG B 48 -12.34 7.68 45.49
N GLU B 49 -12.90 7.00 44.51
CA GLU B 49 -12.10 6.14 43.63
C GLU B 49 -11.87 6.74 42.24
N ILE B 50 -12.52 7.87 41.94
CA ILE B 50 -12.45 8.47 40.60
C ILE B 50 -11.62 9.76 40.63
N PRO B 51 -10.39 9.71 40.09
CA PRO B 51 -9.57 10.92 40.02
C PRO B 51 -10.11 11.90 38.97
N SER B 52 -9.63 13.14 39.00
CA SER B 52 -10.22 14.21 38.20
C SER B 52 -10.08 13.99 36.70
N HIS B 53 -8.99 13.36 36.27
CA HIS B 53 -8.79 13.10 34.84
C HIS B 53 -9.76 12.06 34.28
N VAL B 54 -10.38 11.28 35.16
CA VAL B 54 -11.46 10.36 34.79
C VAL B 54 -12.81 11.06 34.87
N LEU B 55 -13.06 11.75 35.98
CA LEU B 55 -14.36 12.38 36.22
C LEU B 55 -14.69 13.50 35.23
N SER B 56 -13.67 14.21 34.75
CA SER B 56 -13.84 15.25 33.73
C SER B 56 -14.35 14.62 32.44
N LYS B 57 -13.76 13.50 32.06
CA LYS B 57 -14.21 12.73 30.89
C LYS B 57 -15.64 12.19 31.05
N VAL B 58 -15.98 11.77 32.27
CA VAL B 58 -17.34 11.32 32.57
C VAL B 58 -18.34 12.45 32.32
N CYS B 59 -18.00 13.65 32.79
CA CYS B 59 -18.86 14.81 32.55
C CYS B 59 -18.99 15.13 31.07
N MET B 60 -17.88 15.05 30.34
CA MET B 60 -17.88 15.29 28.90
C MET B 60 -18.80 14.30 28.17
N TYR B 61 -18.80 13.06 28.61
CA TYR B 61 -19.71 12.06 28.07
C TYR B 61 -21.17 12.44 28.27
N PHE B 62 -21.52 12.90 29.48
CA PHE B 62 -22.90 13.32 29.75
C PHE B 62 -23.36 14.34 28.72
N THR B 63 -22.54 15.37 28.51
CA THR B 63 -22.87 16.41 27.54
C THR B 63 -23.04 15.79 26.15
N TYR B 64 -22.13 14.88 25.80
CA TYR B 64 -22.16 14.16 24.51
C TYR B 64 -23.41 13.31 24.34
N LYS B 65 -23.80 12.56 25.37
CA LYS B 65 -24.98 11.69 25.30
C LYS B 65 -26.26 12.50 25.12
N VAL B 66 -26.42 13.53 25.95
CA VAL B 66 -27.62 14.37 25.91
C VAL B 66 -27.75 15.08 24.56
N ARG B 67 -26.62 15.48 24.00
CA ARG B 67 -26.61 16.19 22.71
C ARG B 67 -27.00 15.28 21.55
N TYR B 68 -26.43 14.08 21.49
CA TYR B 68 -26.55 13.22 20.31
C TYR B 68 -27.57 12.08 20.44
N THR B 69 -28.21 11.93 21.59
CA THR B 69 -29.27 10.92 21.74
C THR B 69 -30.51 11.38 20.99
N ASN B 70 -31.10 10.49 20.21
CA ASN B 70 -32.24 10.82 19.33
C ASN B 70 -31.95 12.10 18.53
N SER B 71 -30.90 12.04 17.72
CA SER B 71 -30.51 13.15 16.87
C SER B 71 -30.20 12.63 15.47
N SER B 72 -30.74 13.32 14.46
CA SER B 72 -30.54 12.94 13.07
C SER B 72 -29.16 13.38 12.54
N THR B 73 -28.63 14.47 13.09
CA THR B 73 -27.29 14.95 12.76
C THR B 73 -26.26 13.86 13.02
N GLU B 74 -25.36 13.66 12.05
CA GLU B 74 -24.31 12.63 12.15
C GLU B 74 -23.62 12.66 13.50
N ILE B 75 -23.38 11.47 14.05
CA ILE B 75 -22.81 11.34 15.39
C ILE B 75 -21.30 11.07 15.31
N PRO B 76 -20.49 11.88 16.00
CA PRO B 76 -19.06 11.65 16.03
C PRO B 76 -18.66 10.66 17.12
N GLU B 77 -17.50 10.03 16.94
CA GLU B 77 -16.95 9.11 17.92
C GLU B 77 -16.67 9.86 19.22
N PHE B 78 -16.98 9.23 20.35
CA PHE B 78 -16.58 9.77 21.64
C PHE B 78 -15.14 9.38 21.94
N PRO B 79 -14.22 10.36 21.98
CA PRO B 79 -12.81 10.04 22.09
C PRO B 79 -12.41 9.59 23.49
N ILE B 80 -11.53 8.58 23.56
CA ILE B 80 -10.93 8.14 24.81
C ILE B 80 -9.46 7.83 24.57
N ALA B 81 -8.58 8.51 25.30
CA ALA B 81 -7.16 8.27 25.21
C ALA B 81 -6.82 6.90 25.78
N PRO B 82 -5.79 6.22 25.22
CA PRO B 82 -5.35 4.95 25.77
C PRO B 82 -4.97 4.99 27.24
N GLU B 83 -4.42 6.10 27.70
CA GLU B 83 -3.87 6.22 29.06
C GLU B 83 -4.95 6.13 30.13
N ILE B 84 -6.14 6.62 29.82
CA ILE B 84 -7.23 6.74 30.79
C ILE B 84 -8.33 5.68 30.63
N ALA B 85 -8.20 4.81 29.63
CA ALA B 85 -9.25 3.86 29.27
C ALA B 85 -9.63 2.92 30.41
N LEU B 86 -8.63 2.30 31.04
CA LEU B 86 -8.88 1.37 32.14
C LEU B 86 -9.64 2.03 33.30
N GLU B 87 -9.11 3.16 33.76
CA GLU B 87 -9.74 3.90 34.85
C GLU B 87 -11.15 4.38 34.48
N LEU B 88 -11.31 4.78 33.23
CA LEU B 88 -12.61 5.24 32.74
C LEU B 88 -13.58 4.06 32.64
N LEU B 89 -13.09 2.89 32.25
CA LEU B 89 -13.90 1.68 32.19
C LEU B 89 -14.46 1.35 33.57
N MET B 90 -13.59 1.38 34.58
CA MET B 90 -13.98 1.08 35.96
C MET B 90 -15.03 2.04 36.48
N ALA B 91 -14.90 3.32 36.13
CA ALA B 91 -15.85 4.35 36.56
C ALA B 91 -17.19 4.20 35.85
N ALA B 92 -17.14 4.04 34.53
CA ALA B 92 -18.36 3.81 33.74
C ALA B 92 -19.13 2.60 34.24
N ASN B 93 -18.40 1.54 34.58
CA ASN B 93 -18.99 0.32 35.15
C ASN B 93 -19.70 0.59 36.46
N PHE B 94 -19.04 1.33 37.34
CA PHE B 94 -19.59 1.69 38.64
C PHE B 94 -20.81 2.62 38.51
N LEU B 95 -20.68 3.61 37.63
CA LEU B 95 -21.74 4.59 37.43
C LEU B 95 -22.87 4.10 36.52
N ASP B 96 -22.71 2.92 35.91
CA ASP B 96 -23.72 2.36 35.04
C ASP B 96 -24.13 3.32 33.91
N CYS B 97 -23.14 3.90 33.22
CA CYS B 97 -23.40 4.78 32.09
C CYS B 97 -22.51 4.45 30.90
N VAL C 11 -36.77 -17.08 12.38
CA VAL C 11 -37.71 -15.93 12.54
C VAL C 11 -37.21 -14.73 11.74
N LEU C 12 -35.99 -14.26 12.04
CA LEU C 12 -35.39 -13.16 11.28
C LEU C 12 -34.72 -13.69 10.01
N ARG C 13 -35.46 -13.62 8.91
CA ARG C 13 -34.99 -14.07 7.62
C ARG C 13 -35.52 -13.16 6.51
N SER C 14 -34.77 -13.07 5.42
CA SER C 14 -35.22 -12.29 4.27
C SER C 14 -36.39 -13.01 3.63
N VAL C 15 -37.30 -12.22 3.06
CA VAL C 15 -38.41 -12.77 2.28
C VAL C 15 -37.94 -12.95 0.84
N ASN C 16 -38.32 -14.06 0.23
CA ASN C 16 -37.93 -14.35 -1.15
C ASN C 16 -38.93 -13.74 -2.13
N SER C 17 -38.94 -12.40 -2.21
CA SER C 17 -39.94 -11.68 -3.00
C SER C 17 -39.62 -11.63 -4.49
N ARG C 18 -38.33 -11.61 -4.83
CA ARG C 18 -37.86 -11.43 -6.22
C ARG C 18 -38.30 -10.08 -6.83
N GLU C 19 -38.45 -9.05 -6.00
CA GLU C 19 -38.81 -7.71 -6.48
C GLU C 19 -37.63 -6.77 -6.26
N PRO C 20 -36.86 -6.49 -7.33
CA PRO C 20 -35.66 -5.68 -7.19
C PRO C 20 -35.89 -4.38 -6.44
N SER C 21 -34.90 -4.00 -5.64
CA SER C 21 -34.91 -2.75 -4.91
C SER C 21 -33.47 -2.26 -4.79
N GLN C 22 -33.16 -1.17 -5.49
CA GLN C 22 -31.82 -0.59 -5.46
C GLN C 22 -31.65 0.27 -4.22
N VAL C 23 -30.46 0.22 -3.63
CA VAL C 23 -30.20 0.87 -2.35
C VAL C 23 -28.83 1.54 -2.35
N ILE C 24 -28.75 2.68 -1.69
CA ILE C 24 -27.47 3.35 -1.43
C ILE C 24 -27.05 3.06 0.00
N PHE C 25 -25.99 2.26 0.16
CA PHE C 25 -25.35 2.11 1.46
C PHE C 25 -24.47 3.32 1.66
N CAS C 26 -24.81 4.16 2.63
CA CAS C 26 -24.06 5.38 2.89
CB CAS C 26 -25.02 6.56 2.80
C CAS C 26 -23.43 5.27 4.25
O CAS C 26 -24.12 5.34 5.26
SG CAS C 26 -24.19 8.04 3.25
AS CAS C 26 -22.97 8.43 1.44
CE1 CAS C 26 -21.04 8.42 1.87
CE2 CAS C 26 -23.39 10.27 0.81
N ASN C 27 -22.11 5.08 4.27
CA ASN C 27 -21.39 4.94 5.53
C ASN C 27 -21.00 6.29 6.12
N ARG C 28 -21.84 6.81 7.00
CA ARG C 28 -21.56 8.06 7.70
C ARG C 28 -20.95 7.79 9.08
N SER C 29 -20.04 6.82 9.16
CA SER C 29 -19.37 6.49 10.41
C SER C 29 -17.86 6.59 10.19
N PRO C 30 -17.08 6.62 11.29
CA PRO C 30 -15.63 6.56 11.16
C PRO C 30 -15.10 5.12 11.06
N ARG C 31 -15.99 4.13 11.05
CA ARG C 31 -15.59 2.73 11.01
C ARG C 31 -15.61 2.18 9.59
N VAL C 32 -14.90 1.07 9.38
CA VAL C 32 -15.00 0.29 8.15
C VAL C 32 -16.24 -0.58 8.35
N VAL C 33 -17.22 -0.44 7.47
CA VAL C 33 -18.51 -1.11 7.65
C VAL C 33 -18.63 -2.44 6.90
N LEU C 34 -19.08 -3.46 7.63
CA LEU C 34 -19.40 -4.78 7.08
C LEU C 34 -20.91 -4.92 6.98
N PRO C 35 -21.46 -4.86 5.75
CA PRO C 35 -22.88 -5.13 5.60
C PRO C 35 -23.16 -6.63 5.66
N VAL C 36 -24.22 -7.02 6.34
CA VAL C 36 -24.58 -8.42 6.52
C VAL C 36 -26.02 -8.67 6.05
N TRP C 37 -26.18 -9.59 5.10
CA TRP C 37 -27.50 -9.96 4.59
C TRP C 37 -27.97 -11.21 5.30
N LEU C 38 -29.12 -11.12 5.95
CA LEU C 38 -29.74 -12.28 6.57
C LEU C 38 -30.48 -13.04 5.48
N ASN C 39 -29.98 -14.21 5.12
CA ASN C 39 -30.54 -14.96 4.00
C ASN C 39 -31.84 -15.69 4.37
N PHE C 40 -32.33 -16.57 3.50
CA PHE C 40 -33.69 -17.11 3.61
C PHE C 40 -33.83 -18.15 4.73
N ASP C 41 -32.71 -18.67 5.21
CA ASP C 41 -32.68 -19.55 6.38
C ASP C 41 -32.23 -18.80 7.64
N GLY C 42 -32.09 -17.48 7.55
CA GLY C 42 -31.70 -16.66 8.70
C GLY C 42 -30.21 -16.60 8.99
N GLU C 43 -29.39 -17.14 8.09
CA GLU C 43 -27.94 -17.13 8.28
C GLU C 43 -27.37 -15.77 7.89
N PRO C 44 -26.41 -15.24 8.68
CA PRO C 44 -25.76 -13.99 8.32
C PRO C 44 -24.74 -14.20 7.20
N GLN C 45 -24.90 -13.44 6.11
CA GLN C 45 -24.02 -13.53 4.96
C GLN C 45 -23.29 -12.21 4.76
N PRO C 46 -21.97 -12.21 4.98
CA PRO C 46 -21.22 -10.97 4.88
C PRO C 46 -21.05 -10.53 3.44
N TYR C 47 -20.93 -9.22 3.23
CA TYR C 47 -20.69 -8.62 1.91
C TYR C 47 -19.43 -7.77 1.97
N PRO C 48 -18.93 -7.28 0.82
CA PRO C 48 -17.70 -6.49 0.84
C PRO C 48 -17.82 -5.22 1.68
N THR C 49 -16.71 -4.80 2.28
CA THR C 49 -16.73 -3.70 3.23
C THR C 49 -16.83 -2.33 2.56
N LEU C 50 -17.26 -1.35 3.34
CA LEU C 50 -17.24 0.06 2.93
C LEU C 50 -16.28 0.83 3.82
N PRO C 51 -15.30 1.53 3.22
CA PRO C 51 -14.48 2.42 4.05
C PRO C 51 -15.29 3.55 4.67
N PRO C 52 -14.75 4.21 5.73
CA PRO C 52 -15.46 5.33 6.38
C PRO C 52 -15.79 6.45 5.40
N GLY C 53 -17.01 6.97 5.49
CA GLY C 53 -17.42 8.12 4.67
C GLY C 53 -17.79 7.82 3.23
N THR C 54 -17.60 6.58 2.77
CA THR C 54 -17.87 6.23 1.39
C THR C 54 -19.27 5.64 1.23
N GLY C 55 -19.67 5.44 -0.01
CA GLY C 55 -20.97 4.84 -0.31
C GLY C 55 -20.92 3.92 -1.52
N ARG C 56 -21.93 3.08 -1.66
CA ARG C 56 -22.08 2.21 -2.83
C ARG C 56 -23.55 2.07 -3.19
N ARG C 57 -23.83 2.03 -4.49
CA ARG C 57 -25.15 1.68 -4.98
C ARG C 57 -25.17 0.17 -5.09
N ILE C 58 -26.15 -0.46 -4.45
CA ILE C 58 -26.24 -1.92 -4.46
C ILE C 58 -27.62 -2.39 -4.90
N HIS C 59 -27.67 -3.59 -5.47
CA HIS C 59 -28.91 -4.24 -5.83
C HIS C 59 -29.30 -5.19 -4.69
N SER C 60 -30.50 -4.99 -4.13
CA SER C 60 -31.09 -5.92 -3.19
C SER C 60 -32.52 -6.21 -3.62
N TYR C 61 -33.35 -6.66 -2.70
CA TYR C 61 -34.74 -7.01 -3.02
C TYR C 61 -35.67 -6.61 -1.89
N ARG C 62 -36.93 -6.31 -2.22
CA ARG C 62 -37.92 -5.94 -1.22
C ARG C 62 -38.11 -7.04 -0.20
N GLY C 63 -38.19 -6.66 1.08
CA GLY C 63 -38.36 -7.63 2.15
C GLY C 63 -37.08 -8.31 2.62
N HIS C 64 -35.94 -7.95 2.04
CA HIS C 64 -34.66 -8.50 2.48
C HIS C 64 -34.17 -7.80 3.75
N LEU C 65 -33.45 -8.53 4.60
CA LEU C 65 -32.97 -7.98 5.85
C LEU C 65 -31.48 -7.71 5.79
N TRP C 66 -31.10 -6.54 6.28
CA TRP C 66 -29.70 -6.13 6.36
C TRP C 66 -29.41 -5.51 7.72
N LEU C 67 -28.26 -5.86 8.28
CA LEU C 67 -27.71 -5.11 9.41
C LEU C 67 -26.25 -4.79 9.10
N PHE C 68 -25.66 -3.89 9.88
CA PHE C 68 -24.33 -3.36 9.58
C PHE C 68 -23.46 -3.30 10.82
N ARG C 69 -22.17 -3.63 10.66
CA ARG C 69 -21.23 -3.72 11.78
C ARG C 69 -19.87 -3.10 11.45
N ASP C 70 -19.08 -2.86 12.48
CA ASP C 70 -17.66 -2.56 12.32
C ASP C 70 -16.95 -3.83 11.83
N ALA C 71 -16.33 -3.76 10.65
CA ALA C 71 -15.79 -4.96 10.01
C ALA C 71 -14.63 -5.60 10.77
N GLY C 72 -14.01 -4.86 11.67
CA GLY C 72 -12.88 -5.35 12.45
C GLY C 72 -13.25 -5.92 13.80
N THR C 73 -14.17 -5.25 14.49
CA THR C 73 -14.54 -5.60 15.86
C THR C 73 -15.97 -6.12 16.00
N HIS C 74 -16.74 -6.05 14.91
CA HIS C 74 -18.16 -6.43 14.91
C HIS C 74 -19.04 -5.59 15.85
N ASP C 75 -18.57 -4.41 16.24
CA ASP C 75 -19.39 -3.47 16.98
C ASP C 75 -20.66 -3.18 16.18
N GLY C 76 -21.77 -2.98 16.88
CA GLY C 76 -23.05 -2.73 16.23
C GLY C 76 -23.15 -1.31 15.70
N LEU C 77 -23.72 -1.17 14.50
CA LEU C 77 -23.96 0.13 13.92
C LEU C 77 -25.46 0.29 13.66
N LEU C 78 -25.89 1.54 13.50
CA LEU C 78 -27.29 1.83 13.19
C LEU C 78 -27.45 2.09 11.71
N VAL C 79 -28.65 1.81 11.20
CA VAL C 79 -28.99 2.13 9.83
C VAL C 79 -30.37 2.81 9.84
N ASN C 80 -30.41 4.06 9.39
CA ASN C 80 -31.59 4.89 9.55
C ASN C 80 -32.16 4.83 10.96
N GLN C 81 -31.28 5.02 11.95
CA GLN C 81 -31.62 5.09 13.37
C GLN C 81 -32.06 3.76 14.00
N THR C 82 -31.88 2.63 13.31
CA THR C 82 -32.34 1.33 13.83
C THR C 82 -31.35 0.21 13.57
N GLU C 83 -31.67 -0.97 14.09
CA GLU C 83 -30.86 -2.18 13.92
C GLU C 83 -30.92 -2.74 12.51
N LEU C 84 -32.14 -2.91 12.00
CA LEU C 84 -32.38 -3.63 10.75
C LEU C 84 -32.80 -2.68 9.66
N PHE C 85 -32.41 -3.02 8.43
CA PHE C 85 -32.81 -2.26 7.25
C PHE C 85 -33.47 -3.21 6.24
N VAL C 86 -34.69 -2.85 5.82
CA VAL C 86 -35.46 -3.63 4.86
C VAL C 86 -35.75 -2.78 3.64
N PRO C 87 -35.13 -3.11 2.49
CA PRO C 87 -35.39 -2.30 1.28
C PRO C 87 -36.89 -2.25 0.95
N SER C 88 -37.38 -1.04 0.75
CA SER C 88 -38.78 -0.81 0.45
C SER C 88 -38.98 -0.70 -1.07
N LEU C 89 -40.20 -0.42 -1.49
CA LEU C 89 -40.51 -0.16 -2.90
C LEU C 89 -39.81 1.13 -3.34
N ASN C 90 -39.24 1.11 -4.54
CA ASN C 90 -38.61 2.30 -5.15
C ASN C 90 -39.66 3.20 -5.82
N VAL C 91 -39.77 4.43 -5.34
CA VAL C 91 -40.75 5.39 -5.84
C VAL C 91 -40.16 6.30 -6.92
N ASP C 92 -40.68 6.20 -8.14
CA ASP C 92 -40.22 6.99 -9.29
C ASP C 92 -38.74 6.77 -9.64
N GLY C 93 -38.30 5.51 -9.56
CA GLY C 93 -36.93 5.13 -9.90
C GLY C 93 -35.85 5.70 -8.99
N GLN C 94 -36.21 6.04 -7.76
CA GLN C 94 -35.25 6.58 -6.79
C GLN C 94 -34.81 5.45 -5.85
N PRO C 95 -33.48 5.30 -5.65
CA PRO C 95 -32.99 4.29 -4.72
C PRO C 95 -33.23 4.67 -3.26
N ILE C 96 -33.32 3.67 -2.39
CA ILE C 96 -33.56 3.91 -0.97
C ILE C 96 -32.24 4.26 -0.32
N PHE C 97 -32.26 5.19 0.63
CA PHE C 97 -31.06 5.59 1.34
C PHE C 97 -30.94 4.81 2.65
N ALA C 98 -29.81 4.16 2.84
CA ALA C 98 -29.52 3.44 4.07
C ALA C 98 -28.36 4.13 4.77
N ASN C 99 -28.70 5.10 5.63
CA ASN C 99 -27.71 5.85 6.38
C ASN C 99 -27.11 5.06 7.51
N ILE C 100 -25.83 4.71 7.39
CA ILE C 100 -25.15 3.95 8.41
C ILE C 100 -24.37 4.92 9.30
N THR C 101 -24.64 4.86 10.60
CA THR C 101 -24.09 5.80 11.58
C THR C 101 -23.68 5.10 12.86
N LEU C 102 -22.84 5.77 13.65
CA LEU C 102 -22.51 5.27 14.98
C LEU C 102 -23.74 5.42 15.85
N PRO C 103 -24.01 4.42 16.71
CA PRO C 103 -24.94 4.70 17.79
C PRO C 103 -24.26 5.56 18.84
N VAL C 104 -25.03 6.04 19.81
CA VAL C 104 -24.48 6.59 21.03
C VAL C 104 -24.18 5.43 21.95
N TYR C 105 -22.98 4.86 21.85
CA TYR C 105 -22.56 3.78 22.73
C TYR C 105 -22.55 4.28 24.16
N THR C 106 -22.90 3.41 25.10
CA THR C 106 -22.71 3.70 26.51
C THR C 106 -21.23 4.00 26.70
N LEU C 107 -20.90 4.75 27.74
CA LEU C 107 -19.49 5.00 28.07
C LEU C 107 -18.78 3.69 28.37
N LYS C 108 -19.43 2.80 29.12
CA LYS C 108 -18.87 1.48 29.46
C LYS C 108 -18.46 0.69 28.22
N GLU C 109 -19.38 0.54 27.27
CA GLU C 109 -19.10 -0.23 26.07
C GLU C 109 -18.02 0.43 25.23
N ARG C 110 -18.06 1.76 25.17
CA ARG C 110 -17.04 2.52 24.45
C ARG C 110 -15.66 2.26 25.07
N CYS C 111 -15.60 2.18 26.40
CA CYS C 111 -14.35 1.84 27.09
C CYS C 111 -13.88 0.42 26.77
N LEU C 112 -14.82 -0.52 26.69
CA LEU C 112 -14.50 -1.91 26.33
C LEU C 112 -13.96 -1.97 24.90
N GLN C 113 -14.53 -1.16 24.00
CA GLN C 113 -14.05 -1.09 22.62
C GLN C 113 -12.58 -0.68 22.55
N VAL C 114 -12.23 0.37 23.30
CA VAL C 114 -10.87 0.91 23.28
C VAL C 114 -9.89 -0.05 23.94
N VAL C 115 -10.30 -0.69 25.02
CA VAL C 115 -9.43 -1.65 25.69
C VAL C 115 -9.17 -2.86 24.78
N ARG C 116 -10.23 -3.42 24.20
CA ARG C 116 -10.09 -4.53 23.25
C ARG C 116 -9.11 -4.20 22.12
N SER C 117 -9.21 -2.97 21.59
CA SER C 117 -8.37 -2.54 20.47
C SER C 117 -6.89 -2.32 20.82
N LEU C 118 -6.58 -2.21 22.11
CA LEU C 118 -5.20 -2.05 22.56
C LEU C 118 -4.57 -3.34 23.10
N VAL C 119 -5.39 -4.19 23.73
CA VAL C 119 -4.90 -5.41 24.38
C VAL C 119 -5.36 -6.66 23.60
N LYS C 120 -4.42 -7.57 23.35
CA LYS C 120 -4.73 -8.83 22.69
C LYS C 120 -5.46 -9.75 23.67
N PRO C 121 -6.49 -10.46 23.19
CA PRO C 121 -7.33 -11.32 24.05
C PRO C 121 -6.57 -12.15 25.09
N GLU C 122 -5.40 -12.65 24.72
CA GLU C 122 -4.58 -13.47 25.62
CA GLU C 122 -4.58 -13.46 25.62
C GLU C 122 -4.23 -12.74 26.91
N ASN C 123 -4.08 -11.41 26.83
CA ASN C 123 -3.65 -10.58 27.96
C ASN C 123 -4.75 -9.87 28.76
N TYR C 124 -6.02 -10.23 28.54
CA TYR C 124 -7.12 -9.64 29.31
C TYR C 124 -6.97 -9.94 30.80
N ARG C 125 -6.59 -11.18 31.13
CA ARG C 125 -6.41 -11.59 32.51
C ARG C 125 -5.21 -10.93 33.21
N ARG C 126 -4.27 -10.41 32.41
CA ARG C 126 -3.12 -9.68 32.94
C ARG C 126 -3.47 -8.25 33.40
N LEU C 127 -4.56 -7.68 32.87
CA LEU C 127 -4.98 -6.32 33.25
C LEU C 127 -5.45 -6.26 34.70
N ASP C 128 -5.11 -5.16 35.38
CA ASP C 128 -5.44 -5.01 36.79
C ASP C 128 -6.83 -4.38 36.96
N ILE C 129 -7.85 -5.24 36.92
CA ILE C 129 -9.25 -4.84 37.07
C ILE C 129 -10.02 -5.99 37.70
N VAL C 130 -11.24 -5.70 38.16
CA VAL C 130 -12.08 -6.72 38.79
C VAL C 130 -12.42 -7.87 37.83
N ARG C 131 -12.74 -9.02 38.40
CA ARG C 131 -13.05 -10.22 37.63
C ARG C 131 -14.18 -10.01 36.63
N SER C 132 -15.20 -9.26 37.03
CA SER C 132 -16.42 -9.10 36.22
C SER C 132 -16.17 -8.36 34.90
N LEU C 133 -15.17 -7.46 34.89
CA LEU C 133 -14.80 -6.75 33.66
C LEU C 133 -14.01 -7.65 32.69
N TYR C 134 -13.36 -8.67 33.22
CA TYR C 134 -12.70 -9.68 32.41
C TYR C 134 -13.71 -10.36 31.48
N GLU C 135 -14.83 -10.78 32.05
CA GLU C 135 -15.89 -11.44 31.29
C GLU C 135 -16.60 -10.47 30.33
N ASP C 136 -16.71 -9.20 30.73
CA ASP C 136 -17.30 -8.18 29.85
C ASP C 136 -16.45 -7.94 28.60
N LEU C 137 -15.12 -7.95 28.76
CA LEU C 137 -14.18 -7.80 27.64
C LEU C 137 -14.23 -8.99 26.68
N GLU C 138 -14.20 -10.20 27.22
CA GLU C 138 -14.22 -11.43 26.41
C GLU C 138 -15.53 -11.59 25.65
N ASP C 139 -16.61 -11.07 26.23
CA ASP C 139 -17.93 -11.12 25.61
C ASP C 139 -17.99 -10.14 24.43
N HIS C 140 -17.31 -10.50 23.34
CA HIS C 140 -17.20 -9.64 22.17
C HIS C 140 -18.55 -9.45 21.49
N PRO C 141 -18.74 -8.31 20.77
CA PRO C 141 -19.94 -8.18 19.97
C PRO C 141 -19.95 -9.23 18.88
N ASN C 142 -21.11 -9.82 18.65
CA ASN C 142 -21.25 -11.01 17.81
C ASN C 142 -22.62 -11.00 17.14
N VAL C 143 -22.66 -11.30 15.84
CA VAL C 143 -23.90 -11.20 15.08
C VAL C 143 -24.89 -12.30 15.49
N GLN C 144 -24.40 -13.52 15.68
CA GLN C 144 -25.25 -14.62 16.11
C GLN C 144 -25.91 -14.33 17.46
N LYS C 145 -25.15 -13.72 18.37
CA LYS C 145 -25.67 -13.40 19.70
C LYS C 145 -26.79 -12.35 19.65
N ASP C 146 -26.59 -11.30 18.86
CA ASP C 146 -27.60 -10.25 18.69
C ASP C 146 -28.88 -10.77 18.02
N LEU C 147 -28.74 -11.70 17.08
CA LEU C 147 -29.90 -12.31 16.41
C LEU C 147 -30.77 -13.11 17.37
N GLU C 148 -30.15 -13.69 18.40
CA GLU C 148 -30.89 -14.40 19.45
C GLU C 148 -31.59 -13.42 20.40
N ARG C 149 -30.98 -12.26 20.60
CA ARG C 149 -31.60 -11.17 21.36
C ARG C 149 -32.85 -10.66 20.63
N LEU C 150 -32.65 -10.16 19.40
CA LEU C 150 -33.74 -9.62 18.58
C LEU C 150 -34.90 -10.59 18.41
N THR C 151 -34.59 -11.89 18.42
CA THR C 151 -35.60 -12.95 18.37
C THR C 151 -35.99 -13.35 19.80
N MET D 1 15.16 4.73 15.60
CA MET D 1 16.28 3.74 15.65
C MET D 1 16.83 3.62 17.06
N ASP D 2 16.69 2.43 17.66
CA ASP D 2 17.08 2.21 19.06
C ASP D 2 18.59 2.00 19.21
N VAL D 3 19.16 2.65 20.22
CA VAL D 3 20.52 2.34 20.66
C VAL D 3 20.43 1.73 22.05
N PHE D 4 21.34 0.82 22.37
CA PHE D 4 21.33 0.11 23.64
C PHE D 4 22.60 0.40 24.44
N LEU D 5 22.42 0.83 25.68
CA LEU D 5 23.49 1.49 26.43
C LEU D 5 23.80 0.84 27.78
N MET D 6 25.05 1.01 28.22
CA MET D 6 25.45 0.84 29.61
C MET D 6 25.91 2.20 30.12
N ILE D 7 25.23 2.73 31.13
CA ILE D 7 25.62 4.01 31.73
C ILE D 7 26.31 3.71 33.05
N ARG D 8 27.62 3.93 33.10
CA ARG D 8 28.45 3.41 34.17
C ARG D 8 29.13 4.49 35.02
N ARG D 9 28.98 4.38 36.34
CA ARG D 9 29.68 5.21 37.31
C ARG D 9 30.19 4.33 38.47
N HIS D 10 31.48 4.43 38.77
CA HIS D 10 32.12 3.64 39.84
C HIS D 10 31.82 2.14 39.68
N LYS D 11 30.91 1.60 40.51
CA LYS D 11 30.47 0.20 40.40
C LYS D 11 28.96 0.13 40.18
N THR D 12 28.42 1.15 39.52
CA THR D 12 27.03 1.16 39.08
C THR D 12 27.02 1.01 37.56
N THR D 13 26.13 0.15 37.06
CA THR D 13 25.97 -0.07 35.62
C THR D 13 24.48 -0.19 35.25
N ILE D 14 23.95 0.82 34.56
CA ILE D 14 22.54 0.84 34.17
C ILE D 14 22.38 0.35 32.74
N PHE D 15 21.47 -0.59 32.55
CA PHE D 15 21.14 -1.09 31.21
C PHE D 15 19.84 -0.47 30.76
N THR D 16 19.90 0.29 29.67
CA THR D 16 18.72 0.92 29.12
C THR D 16 18.94 1.20 27.64
N ASP D 17 17.90 1.67 26.98
CA ASP D 17 17.97 2.03 25.58
C ASP D 17 17.41 3.42 25.36
N ALA D 18 17.65 3.94 24.17
CA ALA D 18 17.12 5.23 23.79
C ALA D 18 17.12 5.33 22.29
N LYS D 19 16.48 6.36 21.77
CA LYS D 19 16.49 6.60 20.34
C LYS D 19 17.80 7.25 19.93
N GLU D 20 18.18 7.04 18.68
CA GLU D 20 19.36 7.66 18.11
C GLU D 20 19.22 9.18 18.12
N SER D 21 18.00 9.67 17.92
CA SER D 21 17.72 11.11 17.83
C SER D 21 17.36 11.77 19.17
N SER D 22 17.36 11.00 20.26
CA SER D 22 17.12 11.57 21.58
C SER D 22 18.36 12.35 22.04
N THR D 23 18.13 13.43 22.79
CA THR D 23 19.21 14.31 23.22
C THR D 23 19.94 13.74 24.42
N VAL D 24 21.14 14.25 24.67
CA VAL D 24 21.92 13.90 25.86
C VAL D 24 21.14 14.29 27.12
N PHE D 25 20.47 15.43 27.08
CA PHE D 25 19.66 15.90 28.21
C PHE D 25 18.53 14.93 28.52
N GLU D 26 17.87 14.44 27.47
CA GLU D 26 16.80 13.45 27.63
C GLU D 26 17.31 12.15 28.25
N LEU D 27 18.56 11.81 27.99
CA LEU D 27 19.20 10.66 28.64
C LEU D 27 19.46 10.92 30.13
N LYS D 28 19.82 12.15 30.49
CA LYS D 28 20.01 12.53 31.91
C LYS D 28 18.71 12.45 32.72
N ARG D 29 17.57 12.72 32.07
CA ARG D 29 16.26 12.57 32.70
C ARG D 29 15.96 11.11 33.05
N ILE D 30 16.43 10.19 32.22
CA ILE D 30 16.28 8.76 32.49
C ILE D 30 17.13 8.32 33.68
N VAL D 31 18.35 8.84 33.77
CA VAL D 31 19.22 8.56 34.92
C VAL D 31 18.61 9.14 36.21
N GLU D 32 18.00 10.32 36.09
CA GLU D 32 17.32 10.96 37.22
C GLU D 32 16.27 10.06 37.85
N GLY D 33 15.46 9.43 37.01
CA GLY D 33 14.43 8.49 37.46
C GLY D 33 14.97 7.30 38.23
N ILE D 34 16.14 6.82 37.83
CA ILE D 34 16.74 5.64 38.46
C ILE D 34 17.56 6.01 39.69
N LEU D 35 18.61 6.80 39.52
CA LEU D 35 19.56 7.10 40.60
C LEU D 35 19.25 8.35 41.43
N LYS D 36 18.14 9.01 41.14
CA LYS D 36 17.65 10.13 41.95
C LYS D 36 18.63 11.31 42.03
N ARG D 37 19.18 11.68 40.88
CA ARG D 37 20.02 12.87 40.76
C ARG D 37 19.54 13.73 39.59
N PRO D 38 19.36 15.04 39.81
CA PRO D 38 18.87 15.88 38.71
C PRO D 38 19.90 16.05 37.57
N PRO D 39 19.43 16.38 36.35
CA PRO D 39 20.32 16.57 35.20
C PRO D 39 21.51 17.50 35.46
N ASP D 40 21.26 18.62 36.15
CA ASP D 40 22.33 19.59 36.42
C ASP D 40 23.42 19.10 37.41
N GLU D 41 23.19 17.94 38.03
CA GLU D 41 24.22 17.28 38.85
C GLU D 41 24.82 16.05 38.16
N GLN D 42 24.74 16.01 36.82
CA GLN D 42 25.30 14.91 36.04
C GLN D 42 26.24 15.41 34.94
N ARG D 43 27.23 14.59 34.62
CA ARG D 43 28.02 14.77 33.42
C ARG D 43 28.14 13.41 32.74
N LEU D 44 27.63 13.32 31.51
CA LEU D 44 27.74 12.09 30.73
C LEU D 44 28.90 12.20 29.75
N TYR D 45 29.56 11.07 29.52
CA TYR D 45 30.76 11.01 28.69
C TYR D 45 30.69 9.92 27.64
N LYS D 46 31.31 10.15 26.49
CA LYS D 46 31.69 9.08 25.60
C LYS D 46 33.20 8.98 25.69
N ASP D 47 33.69 7.86 26.24
CA ASP D 47 35.09 7.73 26.60
C ASP D 47 35.50 8.92 27.50
N ASP D 48 36.39 9.80 27.04
CA ASP D 48 36.82 10.95 27.85
C ASP D 48 36.10 12.26 27.49
N GLN D 49 35.33 12.25 26.41
CA GLN D 49 34.67 13.45 25.90
C GLN D 49 33.39 13.80 26.66
N LEU D 50 33.30 15.02 27.17
CA LEU D 50 32.09 15.51 27.83
C LEU D 50 30.99 15.74 26.79
N LEU D 51 29.77 15.34 27.12
CA LEU D 51 28.64 15.38 26.18
C LEU D 51 27.69 16.55 26.43
N ASP D 52 27.52 17.41 25.42
CA ASP D 52 26.62 18.56 25.52
C ASP D 52 25.15 18.13 25.51
N ASP D 53 24.36 18.73 26.40
CA ASP D 53 22.95 18.38 26.57
C ASP D 53 22.16 18.41 25.27
N GLY D 54 22.28 19.50 24.52
CA GLY D 54 21.50 19.69 23.29
C GLY D 54 21.78 18.72 22.16
N LYS D 55 22.93 18.04 22.22
CA LYS D 55 23.34 17.12 21.16
C LYS D 55 22.57 15.80 21.24
N THR D 56 22.31 15.21 20.08
CA THR D 56 21.66 13.90 20.00
C THR D 56 22.70 12.80 20.16
N LEU D 57 22.23 11.63 20.55
CA LEU D 57 23.11 10.47 20.69
C LEU D 57 23.70 10.01 19.36
N GLY D 58 22.99 10.24 18.26
CA GLY D 58 23.48 9.91 16.92
C GLY D 58 24.70 10.73 16.53
N GLU D 59 24.64 12.03 16.84
CA GLU D 59 25.76 12.96 16.62
C GLU D 59 27.00 12.56 17.41
N CAS D 60 26.81 12.10 18.64
CA CAS D 60 27.92 11.71 19.50
CB CAS D 60 27.51 11.87 20.96
C CAS D 60 28.37 10.28 19.26
O CAS D 60 29.08 9.71 20.07
SG CAS D 60 27.07 13.53 21.35
AS CAS D 60 28.97 14.62 20.90
CE1 CAS D 60 28.48 15.98 19.53
CE2 CAS D 60 29.66 15.53 22.51
N GLY D 61 27.94 9.69 18.14
CA GLY D 61 28.47 8.39 17.72
C GLY D 61 27.87 7.16 18.37
N PHE D 62 26.70 7.30 18.98
CA PHE D 62 25.91 6.15 19.42
C PHE D 62 24.91 5.85 18.34
N THR D 63 25.08 4.70 17.68
CA THR D 63 24.26 4.31 16.54
C THR D 63 23.71 2.90 16.72
N SER D 64 22.58 2.63 16.06
CA SER D 64 21.93 1.31 16.11
C SER D 64 22.93 0.18 16.03
N GLN D 65 23.84 0.29 15.08
CA GLN D 65 24.68 -0.84 14.69
C GLN D 65 25.94 -1.00 15.53
N THR D 66 26.24 -0.04 16.40
CA THR D 66 27.35 -0.19 17.36
C THR D 66 26.84 -0.33 18.79
N ALA D 67 25.90 0.51 19.19
CA ALA D 67 25.21 0.33 20.46
C ALA D 67 24.14 -0.76 20.33
N ARG D 68 24.58 -2.01 20.34
CA ARG D 68 23.70 -3.17 20.07
C ARG D 68 23.15 -3.78 21.36
N PRO D 69 22.00 -4.49 21.28
CA PRO D 69 21.41 -5.10 22.48
C PRO D 69 22.36 -6.05 23.20
N GLN D 70 23.10 -6.84 22.43
CA GLN D 70 23.98 -7.86 22.97
C GLN D 70 25.38 -7.33 23.28
N ALA D 71 25.71 -6.19 22.70
CA ALA D 71 27.01 -5.55 22.91
C ALA D 71 26.76 -4.05 23.00
N PRO D 72 26.18 -3.60 24.12
CA PRO D 72 25.80 -2.20 24.27
C PRO D 72 27.01 -1.29 24.41
N ALA D 73 26.85 -0.05 23.97
CA ALA D 73 27.91 0.96 24.10
C ALA D 73 27.91 1.54 25.50
N THR D 74 29.07 2.05 25.94
CA THR D 74 29.21 2.58 27.30
C THR D 74 29.10 4.09 27.32
N VAL D 75 28.39 4.62 28.32
CA VAL D 75 28.28 6.05 28.55
C VAL D 75 28.77 6.31 29.97
N GLY D 76 29.82 7.12 30.10
CA GLY D 76 30.40 7.43 31.41
C GLY D 76 29.52 8.38 32.19
N LEU D 77 29.54 8.27 33.52
CA LEU D 77 28.76 9.15 34.38
C LEU D 77 29.60 9.63 35.58
N ALA D 78 29.39 10.88 35.95
CA ALA D 78 30.02 11.49 37.14
C ALA D 78 29.03 12.44 37.79
N PHE D 79 28.93 12.37 39.12
CA PHE D 79 28.02 13.23 39.88
C PHE D 79 28.74 14.45 40.46
N ARG D 80 27.95 15.45 40.85
CA ARG D 80 28.46 16.62 41.56
C ARG D 80 28.09 16.54 43.05
N ALA D 81 29.10 16.58 43.92
CA ALA D 81 28.89 16.56 45.37
C ALA D 81 29.05 17.96 45.98
N ASP D 83 29.52 21.29 45.10
CA ASP D 83 30.18 22.43 44.47
C ASP D 83 30.87 22.01 43.16
N THR D 84 31.81 21.07 43.26
CA THR D 84 32.61 20.63 42.11
C THR D 84 32.32 19.18 41.74
N PHE D 85 32.41 18.87 40.46
CA PHE D 85 32.20 17.50 39.97
C PHE D 85 33.38 16.60 40.34
N GLU D 86 33.09 15.32 40.50
CA GLU D 86 34.12 14.30 40.68
C GLU D 86 34.75 13.97 39.32
N ALA D 87 35.93 13.36 39.35
CA ALA D 87 36.54 12.84 38.13
C ALA D 87 35.77 11.62 37.64
N LEU D 88 35.71 11.43 36.33
CA LEU D 88 35.06 10.25 35.75
C LEU D 88 35.82 8.99 36.13
N CAS D 89 35.15 8.11 36.87
CA CAS D 89 35.74 6.85 37.30
CB CAS D 89 36.07 6.95 38.80
C CAS D 89 34.78 5.75 36.97
O CAS D 89 33.60 5.86 37.30
SG CAS D 89 36.25 5.40 39.61
AS CAS D 89 38.36 4.83 39.12
CE1 CAS D 89 39.09 5.83 37.56
CE2 CAS D 89 39.51 5.20 40.71
N ILE D 90 35.28 4.72 36.30
CA ILE D 90 34.51 3.50 36.04
C ILE D 90 35.33 2.31 36.49
N GLU D 91 34.91 1.68 37.60
CA GLU D 91 35.56 0.47 38.09
C GLU D 91 35.36 -0.63 37.07
N PRO D 92 36.45 -1.29 36.63
CA PRO D 92 36.32 -2.30 35.59
C PRO D 92 35.77 -3.62 36.15
N PHE D 93 35.13 -4.40 35.29
CA PHE D 93 34.62 -5.71 35.70
C PHE D 93 35.77 -6.63 36.02
N SER D 94 35.49 -7.71 36.76
CA SER D 94 36.51 -8.67 37.14
C SER D 94 37.07 -9.37 35.90
N SER D 95 38.28 -9.89 36.04
CA SER D 95 38.92 -10.62 34.95
C SER D 95 38.51 -12.09 35.03
N PRO D 96 38.27 -12.72 33.87
CA PRO D 96 38.05 -14.17 33.87
C PRO D 96 39.35 -14.94 34.11
N PRO D 97 39.25 -16.23 34.47
CA PRO D 97 40.45 -17.02 34.75
C PRO D 97 41.19 -17.45 33.50
N GLU D 98 42.29 -18.18 33.68
CA GLU D 98 43.02 -18.76 32.56
C GLU D 98 42.19 -19.87 31.93
N LEU D 99 42.19 -19.95 30.61
CA LEU D 99 41.51 -21.02 29.88
C LEU D 99 42.00 -22.38 30.35
N PRO D 100 41.07 -23.29 30.70
CA PRO D 100 41.48 -24.65 31.08
C PRO D 100 42.23 -25.39 29.97
N ASP D 101 42.90 -26.48 30.33
CA ASP D 101 43.73 -27.23 29.38
C ASP D 101 42.96 -27.75 28.17
N VAL D 102 41.69 -28.11 28.36
CA VAL D 102 40.85 -28.66 27.29
C VAL D 102 40.20 -27.61 26.38
N MET D 103 40.42 -26.32 26.65
CA MET D 103 39.84 -25.23 25.86
C MET D 103 40.93 -24.35 25.25
N MET E 2 9.70 -1.05 38.22
CA MET E 2 10.40 -0.59 36.99
C MET E 2 11.78 -1.21 36.85
N TYR E 3 12.69 -0.84 37.76
CA TYR E 3 14.06 -1.33 37.72
C TYR E 3 14.42 -2.15 38.95
N VAL E 4 15.38 -3.06 38.78
CA VAL E 4 15.88 -3.90 39.87
C VAL E 4 17.40 -3.89 39.85
N LYS E 5 17.99 -4.26 40.98
CA LYS E 5 19.44 -4.24 41.16
C LYS E 5 19.99 -5.65 41.28
N LEU E 6 20.89 -5.98 40.37
CA LEU E 6 21.58 -7.26 40.40
C LEU E 6 23.03 -7.01 40.78
N ILE E 7 23.43 -7.52 41.94
CA ILE E 7 24.75 -7.26 42.51
C ILE E 7 25.62 -8.51 42.42
N SER E 8 26.79 -8.39 41.78
CA SER E 8 27.71 -9.51 41.61
C SER E 8 28.45 -9.84 42.90
N SER E 9 29.25 -10.90 42.88
CA SER E 9 30.05 -11.29 44.03
C SER E 9 31.12 -10.23 44.36
N ASP E 10 31.71 -9.64 43.33
CA ASP E 10 32.74 -8.60 43.52
C ASP E 10 32.19 -7.18 43.73
N GLY E 11 30.88 -7.03 43.89
CA GLY E 11 30.29 -5.76 44.33
C GLY E 11 29.61 -4.88 43.27
N HIS E 12 29.72 -5.23 41.99
CA HIS E 12 29.11 -4.43 40.93
C HIS E 12 27.59 -4.50 40.96
N GLU E 13 26.95 -3.35 40.89
CA GLU E 13 25.50 -3.24 40.97
C GLU E 13 24.95 -2.93 39.59
N PHE E 14 24.40 -3.95 38.92
CA PHE E 14 23.80 -3.77 37.60
C PHE E 14 22.31 -3.46 37.76
N ILE E 15 21.87 -2.37 37.14
CA ILE E 15 20.48 -1.95 37.25
C ILE E 15 19.76 -2.21 35.93
N VAL E 16 18.75 -3.06 35.97
CA VAL E 16 18.02 -3.47 34.76
C VAL E 16 16.52 -3.35 34.98
N LYS E 17 15.77 -3.41 33.88
CA LYS E 17 14.31 -3.36 33.94
C LYS E 17 13.75 -4.61 34.60
N ARG E 18 12.63 -4.45 35.31
CA ARG E 18 12.02 -5.56 36.03
C ARG E 18 11.53 -6.63 35.06
N GLU E 19 10.91 -6.20 33.96
CA GLU E 19 10.47 -7.10 32.89
C GLU E 19 11.61 -7.99 32.41
N HIS E 20 12.77 -7.38 32.16
CA HIS E 20 13.95 -8.09 31.66
C HIS E 20 14.50 -9.09 32.67
N ALA E 21 14.49 -8.72 33.95
CA ALA E 21 15.01 -9.58 35.01
C ALA E 21 14.12 -10.79 35.28
N LEU E 22 12.80 -10.62 35.15
CA LEU E 22 11.86 -11.71 35.37
C LEU E 22 11.93 -12.80 34.30
N THR E 23 12.66 -12.56 33.21
CA THR E 23 13.08 -13.63 32.30
C THR E 23 13.45 -14.87 33.10
N SER E 24 14.31 -14.67 34.10
CA SER E 24 14.78 -15.75 34.97
C SER E 24 13.78 -16.01 36.08
N GLY E 25 13.21 -17.22 36.09
CA GLY E 25 12.32 -17.63 37.16
C GLY E 25 12.99 -17.63 38.54
N THR E 26 14.29 -17.91 38.57
CA THR E 26 15.07 -17.87 39.80
C THR E 26 15.08 -16.46 40.41
N ILE E 27 15.24 -15.45 39.56
CA ILE E 27 15.23 -14.06 40.01
C ILE E 27 13.82 -13.65 40.46
N LYS E 28 12.80 -14.09 39.73
CA LYS E 28 11.40 -13.85 40.14
C LYS E 28 11.17 -14.30 41.59
N ALA E 29 11.71 -15.47 41.93
CA ALA E 29 11.55 -16.03 43.27
C ALA E 29 12.42 -15.32 44.30
N MET E 30 13.62 -14.92 43.89
CA MET E 30 14.48 -14.12 44.75
C MET E 30 13.91 -12.73 45.03
N LEU E 31 13.13 -12.18 44.09
CA LEU E 31 12.50 -10.86 44.24
C LEU E 31 11.23 -10.91 45.09
N SER E 32 10.25 -11.69 44.64
CA SER E 32 8.97 -11.86 45.35
C SER E 32 9.03 -13.13 46.21
N GLY E 33 9.86 -13.10 47.24
CA GLY E 33 10.03 -14.25 48.12
C GLY E 33 10.96 -13.96 49.28
N THR E 42 15.05 -4.01 49.00
CA THR E 42 13.77 -4.66 48.77
C THR E 42 13.75 -5.32 47.39
N ASN E 43 14.05 -4.52 46.37
CA ASN E 43 14.19 -5.03 45.00
C ASN E 43 15.66 -5.06 44.54
N GLU E 44 16.51 -5.62 45.42
CA GLU E 44 17.89 -5.93 45.10
C GLU E 44 18.06 -7.44 45.22
N VAL E 45 18.97 -8.01 44.43
CA VAL E 45 19.33 -9.43 44.55
C VAL E 45 20.84 -9.55 44.53
N ASN E 46 21.39 -10.33 45.48
CA ASN E 46 22.84 -10.52 45.59
C ASN E 46 23.23 -11.91 45.12
N PHE E 47 24.26 -11.98 44.29
CA PHE E 47 24.75 -13.25 43.76
C PHE E 47 26.18 -13.47 44.24
N ARG E 48 26.36 -14.45 45.12
CA ARG E 48 27.65 -14.71 45.73
C ARG E 48 28.59 -15.51 44.84
N GLU E 49 28.04 -16.20 43.85
CA GLU E 49 28.85 -17.06 42.97
C GLU E 49 29.11 -16.46 41.59
N ILE E 50 28.41 -15.37 41.26
CA ILE E 50 28.46 -14.80 39.91
C ILE E 50 29.24 -13.48 39.93
N PRO E 51 30.47 -13.49 39.38
CA PRO E 51 31.25 -12.25 39.28
C PRO E 51 30.68 -11.25 38.26
N SER E 52 31.28 -10.07 38.19
CA SER E 52 30.78 -8.97 37.35
C SER E 52 30.94 -9.24 35.85
N HIS E 53 31.99 -9.96 35.46
CA HIS E 53 32.21 -10.30 34.06
C HIS E 53 31.26 -11.38 33.54
N VAL E 54 30.62 -12.11 34.45
CA VAL E 54 29.58 -13.06 34.09
C VAL E 54 28.20 -12.38 34.13
N LEU E 55 27.94 -11.62 35.19
CA LEU E 55 26.63 -11.00 35.39
C LEU E 55 26.34 -9.91 34.37
N SER E 56 27.37 -9.18 33.95
CA SER E 56 27.20 -8.15 32.92
C SER E 56 26.70 -8.76 31.62
N LYS E 57 27.26 -9.92 31.26
CA LYS E 57 26.79 -10.68 30.10
C LYS E 57 25.35 -11.15 30.26
N VAL E 58 25.02 -11.62 31.46
CA VAL E 58 23.65 -12.08 31.76
C VAL E 58 22.67 -10.95 31.48
N CYS E 59 23.03 -9.74 31.91
CA CYS E 59 22.19 -8.57 31.67
C CYS E 59 22.08 -8.24 30.19
N MET E 60 23.19 -8.35 29.47
CA MET E 60 23.18 -8.13 28.02
C MET E 60 22.27 -9.13 27.32
N TYR E 61 22.29 -10.38 27.78
CA TYR E 61 21.40 -11.41 27.26
C TYR E 61 19.92 -11.03 27.42
N PHE E 62 19.54 -10.57 28.61
CA PHE E 62 18.15 -10.15 28.84
C PHE E 62 17.72 -9.14 27.79
N THR E 63 18.59 -8.16 27.51
CA THR E 63 18.31 -7.14 26.50
C THR E 63 18.15 -7.79 25.13
N TYR E 64 19.04 -8.73 24.83
CA TYR E 64 19.04 -9.45 23.55
C TYR E 64 17.73 -10.25 23.33
N LYS E 65 17.37 -11.05 24.34
CA LYS E 65 16.17 -11.88 24.26
C LYS E 65 14.90 -11.07 24.04
N VAL E 66 14.72 -10.03 24.87
CA VAL E 66 13.52 -9.19 24.81
C VAL E 66 13.44 -8.48 23.45
N ARG E 67 14.60 -8.08 22.93
CA ARG E 67 14.67 -7.37 21.67
C ARG E 67 14.36 -8.26 20.48
N TYR E 68 14.88 -9.49 20.48
CA TYR E 68 14.79 -10.37 19.30
C TYR E 68 13.77 -11.52 19.38
N THR E 69 13.19 -11.76 20.55
CA THR E 69 12.16 -12.81 20.69
C THR E 69 10.93 -12.45 19.87
N ASN E 70 10.54 -13.35 18.97
CA ASN E 70 9.45 -13.12 18.02
C ASN E 70 9.60 -11.81 17.26
N SER E 71 10.60 -11.79 16.38
CA SER E 71 10.97 -10.59 15.63
C SER E 71 11.13 -10.95 14.16
N SER E 72 10.64 -10.07 13.28
CA SER E 72 10.72 -10.29 11.83
C SER E 72 12.15 -10.10 11.32
N THR E 73 12.85 -9.10 11.88
CA THR E 73 14.23 -8.80 11.50
C THR E 73 15.18 -9.97 11.75
N GLU E 74 16.26 -10.03 10.98
CA GLU E 74 17.30 -11.04 11.16
C GLU E 74 17.86 -10.97 12.58
N ILE E 75 18.17 -12.13 13.15
CA ILE E 75 18.66 -12.25 14.51
C ILE E 75 20.17 -12.50 14.51
N PRO E 76 20.95 -11.64 15.19
CA PRO E 76 22.39 -11.88 15.29
C PRO E 76 22.73 -12.91 16.38
N GLU E 77 23.91 -13.50 16.26
CA GLU E 77 24.38 -14.47 17.23
C GLU E 77 24.70 -13.78 18.54
N PHE E 78 24.31 -14.39 19.66
CA PHE E 78 24.70 -13.88 20.97
C PHE E 78 26.16 -14.25 21.24
N PRO E 79 27.06 -13.25 21.34
CA PRO E 79 28.47 -13.58 21.46
C PRO E 79 28.85 -14.02 22.86
N ILE E 80 29.68 -15.07 22.95
CA ILE E 80 30.28 -15.49 24.22
C ILE E 80 31.77 -15.78 24.03
N ALA E 81 32.60 -15.00 24.70
CA ALA E 81 34.04 -15.25 24.70
C ALA E 81 34.33 -16.63 25.32
N PRO E 82 35.24 -17.40 24.70
CA PRO E 82 35.63 -18.70 25.25
C PRO E 82 35.99 -18.70 26.73
N GLU E 83 36.64 -17.61 27.18
CA GLU E 83 37.16 -17.52 28.55
C GLU E 83 36.06 -17.49 29.61
N ILE E 84 34.93 -16.89 29.29
CA ILE E 84 33.81 -16.76 30.24
C ILE E 84 32.73 -17.84 30.10
N ALA E 85 32.87 -18.71 29.10
CA ALA E 85 31.83 -19.68 28.75
C ALA E 85 31.45 -20.62 29.90
N LEU E 86 32.45 -21.27 30.51
CA LEU E 86 32.17 -22.18 31.63
C LEU E 86 31.39 -21.50 32.73
N GLU E 87 31.87 -20.34 33.18
CA GLU E 87 31.22 -19.61 34.26
C GLU E 87 29.82 -19.13 33.87
N LEU E 88 29.68 -18.67 32.62
CA LEU E 88 28.39 -18.20 32.15
C LEU E 88 27.37 -19.34 32.09
N LEU E 89 27.80 -20.51 31.63
CA LEU E 89 26.96 -21.71 31.59
C LEU E 89 26.38 -21.98 32.98
N MET E 90 27.25 -21.96 33.98
CA MET E 90 26.87 -22.26 35.35
C MET E 90 25.83 -21.28 35.89
N ALA E 91 26.00 -19.99 35.59
CA ALA E 91 25.03 -18.98 35.99
C ALA E 91 23.70 -19.19 35.27
N ALA E 92 23.76 -19.47 33.98
CA ALA E 92 22.56 -19.72 33.17
C ALA E 92 21.81 -20.94 33.66
N ASN E 93 22.55 -21.96 34.11
CA ASN E 93 21.94 -23.16 34.68
C ASN E 93 21.20 -22.84 35.98
N PHE E 94 21.85 -22.06 36.83
CA PHE E 94 21.28 -21.62 38.11
C PHE E 94 20.06 -20.72 37.91
N LEU E 95 20.21 -19.71 37.06
CA LEU E 95 19.15 -18.73 36.81
C LEU E 95 18.02 -19.25 35.92
N ASP E 96 18.28 -20.32 35.17
CA ASP E 96 17.28 -20.95 34.29
C ASP E 96 16.85 -20.10 33.09
N CYS E 97 17.80 -19.42 32.47
CA CYS E 97 17.52 -18.58 31.29
C CYS E 97 18.29 -19.05 30.05
N VAL F 11 3.76 -39.91 12.27
CA VAL F 11 2.89 -38.72 12.43
C VAL F 11 3.40 -37.53 11.63
N LEU F 12 4.72 -37.32 11.63
CA LEU F 12 5.36 -36.28 10.82
C LEU F 12 6.01 -36.89 9.58
N ARG F 13 5.30 -36.80 8.46
CA ARG F 13 5.80 -37.26 7.16
C ARG F 13 5.42 -36.27 6.07
N SER F 14 6.03 -36.38 4.90
CA SER F 14 5.60 -35.59 3.74
C SER F 14 4.34 -36.19 3.15
N VAL F 15 3.44 -35.33 2.67
CA VAL F 15 2.26 -35.77 1.94
C VAL F 15 2.65 -35.94 0.47
N ASN F 16 2.34 -37.09 -0.12
CA ASN F 16 2.68 -37.34 -1.52
C ASN F 16 1.64 -36.70 -2.44
N SER F 17 1.79 -35.39 -2.65
CA SER F 17 0.80 -34.59 -3.38
C SER F 17 1.06 -34.51 -4.89
N ARG F 18 2.33 -34.55 -5.28
CA ARG F 18 2.74 -34.35 -6.68
C ARG F 18 2.30 -32.98 -7.21
N GLU F 19 2.30 -31.98 -6.33
CA GLU F 19 1.86 -30.63 -6.67
C GLU F 19 3.05 -29.68 -6.51
N PRO F 20 3.72 -29.33 -7.63
CA PRO F 20 4.94 -28.51 -7.54
C PRO F 20 4.75 -27.20 -6.77
N SER F 21 5.76 -26.85 -5.98
CA SER F 21 5.80 -25.58 -5.27
C SER F 21 7.26 -25.15 -5.17
N GLN F 22 7.63 -24.14 -5.95
CA GLN F 22 9.00 -23.59 -5.91
C GLN F 22 9.20 -22.76 -4.64
N VAL F 23 10.41 -22.86 -4.08
CA VAL F 23 10.72 -22.26 -2.78
C VAL F 23 12.11 -21.62 -2.82
N ILE F 24 12.25 -20.51 -2.09
CA ILE F 24 13.55 -19.89 -1.87
C ILE F 24 14.01 -20.19 -0.45
N PHE F 25 15.01 -21.06 -0.31
CA PHE F 25 15.68 -21.24 0.97
C PHE F 25 16.63 -20.06 1.14
N CAS F 26 16.32 -19.18 2.08
CA CAS F 26 17.13 -17.98 2.30
CB CAS F 26 16.23 -16.76 2.18
C CAS F 26 17.77 -18.09 3.64
O CAS F 26 17.10 -17.97 4.68
SG CAS F 26 17.14 -15.30 2.60
AS CAS F 26 18.29 -14.83 0.74
CE1 CAS F 26 20.23 -14.96 1.14
CE2 CAS F 26 17.93 -12.96 0.22
N ASN F 27 19.09 -18.32 3.65
CA ASN F 27 19.85 -18.50 4.89
C ASN F 27 20.23 -17.16 5.50
N ARG F 28 19.35 -16.61 6.33
CA ARG F 28 19.64 -15.36 7.05
C ARG F 28 20.28 -15.63 8.42
N SER F 29 21.18 -16.61 8.47
CA SER F 29 21.85 -16.95 9.71
C SER F 29 23.36 -16.92 9.47
N PRO F 30 24.14 -16.88 10.56
CA PRO F 30 25.59 -16.97 10.40
C PRO F 30 26.08 -18.41 10.29
N ARG F 31 25.16 -19.38 10.34
CA ARG F 31 25.52 -20.79 10.30
C ARG F 31 25.46 -21.33 8.88
N VAL F 32 26.16 -22.45 8.68
CA VAL F 32 26.00 -23.26 7.49
C VAL F 32 24.73 -24.06 7.71
N VAL F 33 23.74 -23.88 6.84
CA VAL F 33 22.45 -24.53 7.01
C VAL F 33 22.37 -25.88 6.29
N LEU F 34 21.96 -26.91 7.04
CA LEU F 34 21.60 -28.21 6.48
C LEU F 34 20.06 -28.29 6.40
N PRO F 35 19.51 -28.19 5.18
CA PRO F 35 18.08 -28.43 5.05
C PRO F 35 17.79 -29.92 5.08
N VAL F 36 16.74 -30.30 5.82
CA VAL F 36 16.34 -31.70 5.97
C VAL F 36 14.90 -31.87 5.51
N TRP F 37 14.68 -32.80 4.58
CA TRP F 37 13.34 -33.11 4.08
C TRP F 37 12.85 -34.37 4.76
N LEU F 38 11.65 -34.34 5.32
CA LEU F 38 11.04 -35.52 5.91
C LEU F 38 10.30 -36.31 4.82
N ASN F 39 10.85 -37.46 4.44
CA ASN F 39 10.27 -38.24 3.34
C ASN F 39 8.93 -38.88 3.73
N PHE F 40 8.36 -39.65 2.81
CA PHE F 40 7.01 -40.18 2.98
C PHE F 40 6.88 -41.19 4.12
N ASP F 41 8.00 -41.82 4.49
CA ASP F 41 8.08 -42.72 5.66
C ASP F 41 8.48 -42.00 6.95
N GLY F 42 8.70 -40.69 6.88
CA GLY F 42 9.08 -39.91 8.05
C GLY F 42 10.57 -39.87 8.36
N GLU F 43 11.39 -40.47 7.50
CA GLU F 43 12.85 -40.44 7.68
C GLU F 43 13.42 -39.10 7.26
N PRO F 44 14.29 -38.50 8.09
CA PRO F 44 14.94 -37.25 7.66
C PRO F 44 15.90 -37.51 6.51
N GLN F 45 15.78 -36.70 5.46
CA GLN F 45 16.68 -36.80 4.31
C GLN F 45 17.44 -35.50 4.14
N PRO F 46 18.78 -35.51 4.35
CA PRO F 46 19.56 -34.29 4.22
C PRO F 46 19.77 -33.86 2.78
N TYR F 47 19.80 -32.55 2.55
CA TYR F 47 20.04 -31.96 1.23
C TYR F 47 21.30 -31.11 1.29
N PRO F 48 21.83 -30.67 0.12
CA PRO F 48 23.09 -29.92 0.12
C PRO F 48 23.05 -28.64 0.97
N THR F 49 24.18 -28.30 1.58
CA THR F 49 24.23 -27.21 2.55
C THR F 49 24.18 -25.83 1.90
N LEU F 50 23.76 -24.85 2.68
CA LEU F 50 23.77 -23.45 2.27
C LEU F 50 24.75 -22.70 3.16
N PRO F 51 25.73 -22.01 2.56
CA PRO F 51 26.58 -21.10 3.38
C PRO F 51 25.76 -19.93 3.97
N PRO F 52 26.34 -19.24 4.98
CA PRO F 52 25.65 -18.11 5.62
C PRO F 52 25.30 -16.98 4.64
N GLY F 53 24.09 -16.45 4.77
CA GLY F 53 23.67 -15.29 3.98
C GLY F 53 23.42 -15.55 2.52
N THR F 54 23.37 -16.81 2.12
CA THR F 54 23.14 -17.17 0.71
C THR F 54 21.75 -17.78 0.52
N GLY F 55 21.31 -17.84 -0.72
CA GLY F 55 19.99 -18.37 -1.06
C GLY F 55 20.02 -19.28 -2.27
N ARG F 56 19.00 -20.14 -2.36
CA ARG F 56 18.85 -21.07 -3.48
C ARG F 56 17.38 -21.27 -3.82
N ARG F 57 17.08 -21.21 -5.11
CA ARG F 57 15.75 -21.52 -5.61
C ARG F 57 15.68 -23.02 -5.76
N ILE F 58 14.74 -23.66 -5.05
CA ILE F 58 14.62 -25.12 -5.07
C ILE F 58 13.21 -25.60 -5.39
N HIS F 59 13.13 -26.75 -6.05
CA HIS F 59 11.86 -27.36 -6.46
C HIS F 59 11.39 -28.35 -5.41
N SER F 60 10.31 -28.02 -4.71
CA SER F 60 9.68 -28.92 -3.76
C SER F 60 8.23 -29.15 -4.16
N TYR F 61 7.42 -29.67 -3.24
CA TYR F 61 6.01 -29.93 -3.51
C TYR F 61 5.17 -29.53 -2.31
N ARG F 62 3.87 -29.30 -2.55
CA ARG F 62 2.95 -28.89 -1.50
C ARG F 62 2.71 -30.03 -0.53
N GLY F 63 2.60 -29.70 0.75
CA GLY F 63 2.40 -30.69 1.79
C GLY F 63 3.67 -31.35 2.30
N HIS F 64 4.81 -31.06 1.67
CA HIS F 64 6.10 -31.63 2.09
C HIS F 64 6.65 -30.92 3.32
N LEU F 65 7.31 -31.67 4.20
CA LEU F 65 7.85 -31.11 5.45
C LEU F 65 9.37 -30.92 5.36
N TRP F 66 9.81 -29.73 5.75
CA TRP F 66 11.24 -29.41 5.83
C TRP F 66 11.57 -28.86 7.20
N LEU F 67 12.79 -29.11 7.66
CA LEU F 67 13.36 -28.39 8.78
C LEU F 67 14.83 -28.10 8.50
N PHE F 68 15.44 -27.26 9.32
CA PHE F 68 16.76 -26.71 9.01
C PHE F 68 17.66 -26.71 10.25
N ARG F 69 18.93 -27.08 10.05
CA ARG F 69 19.89 -27.20 11.15
C ARG F 69 21.24 -26.59 10.81
N ASP F 70 22.05 -26.37 11.86
CA ASP F 70 23.46 -26.06 11.68
C ASP F 70 24.13 -27.34 11.17
N ALA F 71 24.79 -27.27 10.03
CA ALA F 71 25.30 -28.46 9.34
C ALA F 71 26.44 -29.16 10.09
N GLY F 72 27.15 -28.43 10.95
CA GLY F 72 28.24 -28.99 11.72
C GLY F 72 27.83 -29.52 13.09
N THR F 73 26.90 -28.83 13.74
CA THR F 73 26.50 -29.15 15.10
C THR F 73 25.08 -29.68 15.24
N HIS F 74 24.26 -29.52 14.21
CA HIS F 74 22.84 -29.88 14.25
C HIS F 74 22.01 -29.03 15.21
N ASP F 75 22.52 -27.86 15.61
CA ASP F 75 21.70 -26.91 16.36
C ASP F 75 20.44 -26.60 15.57
N GLY F 76 19.35 -26.36 16.29
CA GLY F 76 18.07 -26.06 15.66
C GLY F 76 18.06 -24.67 15.08
N LEU F 77 17.38 -24.51 13.96
CA LEU F 77 17.16 -23.21 13.35
C LEU F 77 15.68 -23.00 13.07
N LEU F 78 15.27 -21.74 12.95
CA LEU F 78 13.88 -21.43 12.63
C LEU F 78 13.74 -21.16 11.14
N VAL F 79 12.54 -21.36 10.63
CA VAL F 79 12.21 -21.03 9.25
C VAL F 79 10.83 -20.37 9.28
N ASN F 80 10.78 -19.11 8.84
CA ASN F 80 9.58 -18.28 9.03
C ASN F 80 9.05 -18.41 10.46
N GLN F 81 9.95 -18.16 11.41
CA GLN F 81 9.60 -18.08 12.84
C GLN F 81 9.25 -19.40 13.53
N THR F 82 9.26 -20.53 12.81
CA THR F 82 8.84 -21.81 13.41
C THR F 82 9.81 -22.95 13.09
N GLU F 83 9.51 -24.13 13.63
CA GLU F 83 10.36 -25.31 13.49
C GLU F 83 10.24 -25.95 12.11
N LEU F 84 9.00 -26.10 11.65
CA LEU F 84 8.71 -26.79 10.39
C LEU F 84 8.29 -25.82 9.31
N PHE F 85 8.58 -26.20 8.06
CA PHE F 85 8.17 -25.44 6.90
C PHE F 85 7.50 -26.36 5.90
N VAL F 86 6.27 -25.98 5.52
CA VAL F 86 5.51 -26.70 4.51
C VAL F 86 5.28 -25.77 3.33
N PRO F 87 5.87 -26.08 2.16
CA PRO F 87 5.61 -25.24 0.99
C PRO F 87 4.11 -25.13 0.74
N SER F 88 3.63 -23.90 0.57
CA SER F 88 2.22 -23.63 0.30
C SER F 88 2.00 -23.37 -1.19
N LEU F 89 0.77 -23.00 -1.55
CA LEU F 89 0.42 -22.65 -2.93
C LEU F 89 1.16 -21.40 -3.41
N ASN F 90 1.73 -21.49 -4.62
CA ASN F 90 2.39 -20.35 -5.28
C ASN F 90 1.38 -19.47 -6.02
N VAL F 91 1.29 -18.21 -5.62
CA VAL F 91 0.33 -17.28 -6.20
C VAL F 91 0.94 -16.46 -7.35
N ASP F 92 0.31 -16.56 -8.53
CA ASP F 92 0.78 -15.88 -9.75
C ASP F 92 2.23 -16.24 -10.13
N GLY F 93 2.65 -17.47 -9.81
CA GLY F 93 4.01 -17.95 -10.10
C GLY F 93 5.08 -17.61 -9.07
N GLN F 94 4.71 -16.85 -8.04
CA GLN F 94 5.69 -16.35 -7.07
C GLN F 94 6.14 -17.46 -6.14
N PRO F 95 7.47 -17.66 -6.00
CA PRO F 95 7.99 -18.72 -5.13
C PRO F 95 7.83 -18.36 -3.65
N ILE F 96 7.72 -19.38 -2.81
CA ILE F 96 7.56 -19.18 -1.37
C ILE F 96 8.91 -18.82 -0.77
N PHE F 97 8.91 -17.95 0.24
CA PHE F 97 10.15 -17.55 0.90
C PHE F 97 10.32 -18.31 2.20
N ALA F 98 11.26 -19.25 2.22
CA ALA F 98 11.62 -19.96 3.44
C ALA F 98 12.79 -19.21 4.10
N ASN F 99 12.46 -18.44 5.13
CA ASN F 99 13.41 -17.53 5.75
C ASN F 99 14.06 -18.15 6.97
N ILE F 100 15.31 -18.59 6.80
CA ILE F 100 16.00 -19.37 7.80
C ILE F 100 16.83 -18.44 8.69
N THR F 101 16.58 -18.51 10.00
CA THR F 101 17.22 -17.62 10.97
C THR F 101 17.60 -18.36 12.23
N LEU F 102 18.49 -17.78 13.02
CA LEU F 102 18.77 -18.29 14.36
C LEU F 102 17.53 -18.11 15.21
N PRO F 103 17.25 -19.08 16.09
CA PRO F 103 16.29 -18.78 17.15
C PRO F 103 16.97 -17.97 18.23
N VAL F 104 16.17 -17.38 19.12
CA VAL F 104 16.71 -16.84 20.36
C VAL F 104 16.92 -18.04 21.27
N TYR F 105 18.10 -18.65 21.20
CA TYR F 105 18.46 -19.74 22.10
C TYR F 105 18.42 -19.27 23.54
N THR F 106 18.23 -20.22 24.46
CA THR F 106 18.40 -19.92 25.88
C THR F 106 19.88 -19.64 26.10
N LEU F 107 20.22 -18.82 27.08
CA LEU F 107 21.61 -18.57 27.43
C LEU F 107 22.30 -19.91 27.74
N LYS F 108 21.61 -20.76 28.50
CA LYS F 108 22.17 -22.07 28.83
C LYS F 108 22.57 -22.85 27.58
N GLU F 109 21.63 -22.98 26.65
CA GLU F 109 21.89 -23.72 25.42
C GLU F 109 23.01 -23.07 24.63
N ARG F 110 23.00 -21.74 24.55
CA ARG F 110 24.02 -21.02 23.83
C ARG F 110 25.40 -21.26 24.43
N CYS F 111 25.47 -21.36 25.77
CA CYS F 111 26.73 -21.68 26.46
C CYS F 111 27.16 -23.12 26.15
N LEU F 112 26.21 -24.03 26.06
CA LEU F 112 26.52 -25.41 25.71
C LEU F 112 27.06 -25.50 24.28
N GLN F 113 26.50 -24.70 23.37
CA GLN F 113 26.99 -24.64 22.00
C GLN F 113 28.47 -24.26 21.96
N VAL F 114 28.82 -23.19 22.68
CA VAL F 114 30.18 -22.65 22.67
C VAL F 114 31.19 -23.62 23.30
N VAL F 115 30.80 -24.24 24.41
CA VAL F 115 31.67 -25.20 25.08
C VAL F 115 31.89 -26.45 24.22
N ARG F 116 30.83 -26.93 23.57
CA ARG F 116 30.95 -28.06 22.64
C ARG F 116 31.93 -27.77 21.51
N SER F 117 31.85 -26.56 20.96
CA SER F 117 32.67 -26.16 19.83
C SER F 117 34.16 -26.05 20.18
N LEU F 118 34.47 -25.84 21.46
CA LEU F 118 35.85 -25.77 21.94
C LEU F 118 36.38 -27.11 22.45
N VAL F 119 35.58 -27.78 23.27
CA VAL F 119 36.02 -29.01 23.94
C VAL F 119 35.60 -30.25 23.16
N LYS F 120 36.55 -31.17 22.96
CA LYS F 120 36.27 -32.45 22.33
C LYS F 120 35.43 -33.31 23.28
N PRO F 121 34.43 -34.04 22.75
CA PRO F 121 33.62 -34.91 23.61
C PRO F 121 34.43 -35.82 24.54
N GLU F 122 35.58 -36.28 24.05
CA GLU F 122 36.53 -37.05 24.85
C GLU F 122 36.99 -36.36 26.15
N ASN F 123 36.76 -35.04 26.26
CA ASN F 123 37.19 -34.25 27.42
C ASN F 123 36.08 -33.60 28.24
N TYR F 124 34.81 -33.77 27.86
CA TYR F 124 33.72 -33.12 28.59
C TYR F 124 33.83 -33.37 30.09
N ARG F 125 34.18 -34.61 30.45
CA ARG F 125 34.25 -35.03 31.85
C ARG F 125 35.38 -34.34 32.64
N ARG F 126 36.45 -33.95 31.96
CA ARG F 126 37.57 -33.29 32.62
C ARG F 126 37.25 -31.87 33.09
N LEU F 127 36.22 -31.24 32.51
CA LEU F 127 35.84 -29.88 32.87
C LEU F 127 35.39 -29.78 34.33
N ASP F 128 35.70 -28.66 34.97
CA ASP F 128 35.37 -28.47 36.38
C ASP F 128 33.99 -27.83 36.56
N ILE F 129 32.96 -28.66 36.41
CA ILE F 129 31.56 -28.23 36.55
C ILE F 129 30.75 -29.35 37.17
N VAL F 130 29.53 -29.02 37.61
CA VAL F 130 28.66 -29.99 38.27
C VAL F 130 28.30 -31.17 37.36
N ARG F 131 28.00 -32.31 37.97
CA ARG F 131 27.72 -33.55 37.23
C ARG F 131 26.66 -33.38 36.13
N SER F 132 25.58 -32.67 36.44
CA SER F 132 24.43 -32.58 35.54
C SER F 132 24.72 -31.81 34.25
N LEU F 133 25.73 -30.95 34.26
CA LEU F 133 26.13 -30.22 33.05
C LEU F 133 26.92 -31.09 32.07
N TYR F 134 27.59 -32.14 32.55
CA TYR F 134 28.22 -33.12 31.67
C TYR F 134 27.14 -33.79 30.84
N GLU F 135 26.06 -34.20 31.51
CA GLU F 135 24.93 -34.85 30.86
C GLU F 135 24.26 -33.93 29.86
N ASP F 136 24.20 -32.63 30.19
CA ASP F 136 23.62 -31.63 29.29
C ASP F 136 24.49 -31.42 28.07
N LEU F 137 25.81 -31.43 28.24
CA LEU F 137 26.75 -31.29 27.12
C LEU F 137 26.68 -32.48 26.18
N GLU F 138 26.66 -33.68 26.75
CA GLU F 138 26.63 -34.93 25.96
C GLU F 138 25.33 -35.10 25.18
N ASP F 139 24.24 -34.56 25.70
CA ASP F 139 22.93 -34.64 25.06
C ASP F 139 22.88 -33.64 23.91
N HIS F 140 23.58 -33.97 22.84
CA HIS F 140 23.72 -33.09 21.67
C HIS F 140 22.37 -32.85 21.01
N PRO F 141 22.21 -31.70 20.34
CA PRO F 141 21.03 -31.55 19.51
C PRO F 141 21.01 -32.65 18.46
N ASN F 142 19.82 -33.10 18.12
CA ASN F 142 19.62 -34.31 17.34
C ASN F 142 18.28 -34.18 16.63
N VAL F 143 18.23 -34.56 15.35
CA VAL F 143 17.00 -34.41 14.56
C VAL F 143 15.98 -35.47 14.96
N GLN F 144 16.44 -36.70 15.17
CA GLN F 144 15.56 -37.79 15.62
C GLN F 144 14.91 -37.47 16.97
N LYS F 145 15.66 -36.85 17.87
CA LYS F 145 15.14 -36.45 19.18
C LYS F 145 14.00 -35.43 19.03
N ASP F 146 14.23 -34.40 18.23
CA ASP F 146 13.23 -33.34 18.03
C ASP F 146 11.95 -33.85 17.40
N LEU F 147 12.06 -34.86 16.53
CA LEU F 147 10.88 -35.45 15.88
C LEU F 147 9.99 -36.17 16.89
N GLU F 148 10.61 -36.94 17.76
CA GLU F 148 9.88 -37.66 18.82
C GLU F 148 9.22 -36.69 19.80
N ARG F 149 9.88 -35.57 20.07
CA ARG F 149 9.33 -34.52 20.92
C ARG F 149 8.17 -33.82 20.20
N LEU F 150 8.41 -33.40 18.97
CA LEU F 150 7.38 -32.75 18.15
C LEU F 150 6.16 -33.65 17.92
N THR F 151 6.39 -34.95 17.81
CA THR F 151 5.31 -35.92 17.67
C THR F 151 4.51 -36.10 18.98
N GLN F 152 5.21 -36.02 20.13
CA GLN F 152 4.58 -36.15 21.45
C GLN F 152 3.34 -35.27 21.64
N GLU F 153 3.31 -34.11 20.97
CA GLU F 153 2.10 -33.28 20.90
C GLU F 153 2.17 -32.33 19.70
N ARG F 154 2.06 -32.89 18.49
CA ARG F 154 2.18 -32.12 17.25
C ARG F 154 0.94 -31.28 16.99
N MET G 1 15.18 8.62 -29.47
CA MET G 1 16.23 7.56 -29.51
C MET G 1 16.81 7.33 -28.13
N ASP G 2 16.60 6.14 -27.58
CA ASP G 2 17.03 5.82 -26.22
C ASP G 2 18.53 5.47 -26.17
N VAL G 3 19.18 5.89 -25.09
CA VAL G 3 20.54 5.48 -24.78
C VAL G 3 20.57 4.87 -23.38
N PHE G 4 21.47 3.92 -23.18
CA PHE G 4 21.50 3.13 -21.96
C PHE G 4 22.84 3.30 -21.28
N LEU G 5 22.78 3.69 -20.00
CA LEU G 5 23.94 4.21 -19.29
C LEU G 5 24.21 3.50 -17.97
N MET G 6 25.49 3.43 -17.61
CA MET G 6 25.92 3.11 -16.26
C MET G 6 26.56 4.37 -15.70
N ILE G 7 25.96 4.94 -14.66
CA ILE G 7 26.54 6.08 -13.97
C ILE G 7 27.30 5.54 -12.78
N ARG G 8 28.61 5.76 -12.78
CA ARG G 8 29.49 5.09 -11.83
C ARG G 8 30.31 6.07 -10.98
N ARG G 9 30.25 5.87 -9.66
CA ARG G 9 31.11 6.55 -8.71
C ARG G 9 31.60 5.55 -7.67
N HIS G 10 32.92 5.48 -7.48
CA HIS G 10 33.55 4.59 -6.49
C HIS G 10 33.07 3.14 -6.69
N LYS G 11 32.24 2.62 -5.78
CA LYS G 11 31.64 1.28 -5.92
C LYS G 11 30.11 1.39 -6.05
N THR G 12 29.65 2.48 -6.64
CA THR G 12 28.23 2.70 -6.94
C THR G 12 28.09 2.73 -8.45
N THR G 13 27.19 1.90 -8.99
CA THR G 13 26.90 1.86 -10.42
C THR G 13 25.39 1.90 -10.63
N ILE G 14 24.88 3.03 -11.11
CA ILE G 14 23.47 3.17 -11.42
C ILE G 14 23.22 2.72 -12.86
N PHE G 15 22.13 1.99 -13.08
CA PHE G 15 21.69 1.62 -14.43
C PHE G 15 20.44 2.41 -14.76
N THR G 16 20.49 3.18 -15.83
CA THR G 16 19.29 3.87 -16.32
C THR G 16 19.41 4.20 -17.80
N ASP G 17 18.33 4.73 -18.35
CA ASP G 17 18.31 5.15 -19.73
C ASP G 17 17.84 6.60 -19.82
N ALA G 18 18.06 7.18 -20.99
CA ALA G 18 17.58 8.53 -21.29
C ALA G 18 17.51 8.70 -22.80
N LYS G 19 17.08 9.87 -23.25
CA LYS G 19 16.99 10.16 -24.67
C LYS G 19 18.31 10.76 -25.16
N GLU G 20 18.64 10.56 -26.43
CA GLU G 20 19.78 11.23 -27.05
C GLU G 20 19.67 12.75 -26.94
N SER G 21 18.44 13.26 -27.01
CA SER G 21 18.19 14.71 -26.97
C SER G 21 18.09 15.31 -25.57
N SER G 22 18.14 14.46 -24.54
CA SER G 22 18.03 14.94 -23.15
C SER G 22 19.37 15.48 -22.66
N THR G 23 19.32 16.41 -21.71
CA THR G 23 20.52 17.16 -21.29
C THR G 23 21.27 16.49 -20.16
N VAL G 24 22.52 16.89 -20.01
CA VAL G 24 23.38 16.46 -18.90
C VAL G 24 22.75 16.85 -17.55
N PHE G 25 22.11 18.02 -17.51
CA PHE G 25 21.41 18.48 -16.30
C PHE G 25 20.23 17.58 -15.95
N GLU G 26 19.43 17.26 -16.96
CA GLU G 26 18.28 16.36 -16.78
C GLU G 26 18.72 14.99 -16.27
N LEU G 27 19.92 14.57 -16.64
CA LEU G 27 20.52 13.35 -16.12
C LEU G 27 20.94 13.52 -14.64
N LYS G 28 21.46 14.70 -14.30
CA LYS G 28 21.79 15.02 -12.90
C LYS G 28 20.55 15.09 -12.00
N ARG G 29 19.38 15.35 -12.56
CA ARG G 29 18.12 15.29 -11.82
C ARG G 29 17.76 13.85 -11.46
N ILE G 30 18.06 12.93 -12.36
CA ILE G 30 17.81 11.51 -12.14
C ILE G 30 18.74 10.95 -11.07
N VAL G 31 19.97 11.45 -11.03
CA VAL G 31 20.93 11.09 -9.97
C VAL G 31 20.43 11.59 -8.62
N GLU G 32 19.93 12.83 -8.59
CA GLU G 32 19.37 13.41 -7.36
C GLU G 32 18.23 12.57 -6.79
N GLY G 33 17.35 12.10 -7.66
CA GLY G 33 16.26 11.23 -7.26
C GLY G 33 16.75 9.99 -6.52
N ILE G 34 17.86 9.42 -7.02
CA ILE G 34 18.41 8.18 -6.49
C ILE G 34 19.33 8.40 -5.29
N LEU G 35 20.44 9.13 -5.49
CA LEU G 35 21.48 9.26 -4.48
C LEU G 35 21.32 10.47 -3.55
N LYS G 36 20.28 11.27 -3.77
CA LYS G 36 19.90 12.37 -2.87
C LYS G 36 20.95 13.48 -2.76
N ARG G 37 21.56 13.82 -3.90
CA ARG G 37 22.51 14.93 -3.98
C ARG G 37 22.11 15.84 -5.13
N PRO G 38 22.03 17.16 -4.90
CA PRO G 38 21.54 18.08 -5.94
C PRO G 38 22.49 18.20 -7.15
N PRO G 39 21.97 18.65 -8.30
CA PRO G 39 22.76 18.85 -9.53
C PRO G 39 24.07 19.62 -9.34
N ASP G 40 24.02 20.72 -8.57
CA ASP G 40 25.20 21.57 -8.37
C ASP G 40 26.31 20.88 -7.56
N GLU G 41 25.97 19.83 -6.82
CA GLU G 41 26.96 19.02 -6.09
C GLU G 41 27.43 17.78 -6.89
N GLN G 42 27.14 17.73 -8.19
CA GLN G 42 27.53 16.60 -9.03
C GLN G 42 28.41 17.03 -10.20
N ARG G 43 29.37 16.19 -10.55
CA ARG G 43 30.17 16.36 -11.78
C ARG G 43 30.13 15.08 -12.62
N LEU G 44 29.49 15.15 -13.77
CA LEU G 44 29.41 14.03 -14.69
C LEU G 44 30.51 14.09 -15.75
N TYR G 45 31.05 12.93 -16.11
CA TYR G 45 32.21 12.84 -17.01
C TYR G 45 31.97 11.85 -18.13
N LYS G 46 32.51 12.14 -19.31
CA LYS G 46 32.69 11.12 -20.35
C LYS G 46 34.18 10.81 -20.41
N ASP G 47 34.58 9.67 -19.87
CA ASP G 47 35.98 9.39 -19.57
C ASP G 47 36.53 10.53 -18.69
N ASP G 48 37.55 11.26 -19.15
CA ASP G 48 38.11 12.37 -18.37
C ASP G 48 37.44 13.72 -18.67
N GLN G 49 36.58 13.77 -19.69
CA GLN G 49 35.96 15.03 -20.10
C GLN G 49 34.74 15.41 -19.25
N LEU G 50 34.88 16.49 -18.47
CA LEU G 50 33.78 17.09 -17.73
C LEU G 50 32.65 17.50 -18.67
N LEU G 51 31.41 17.28 -18.24
CA LEU G 51 30.24 17.48 -19.11
C LEU G 51 29.46 18.73 -18.73
N ASP G 52 29.25 19.60 -19.71
CA ASP G 52 28.48 20.83 -19.53
C ASP G 52 27.00 20.51 -19.40
N ASP G 53 26.33 21.14 -18.45
CA ASP G 53 24.90 20.89 -18.19
C ASP G 53 24.02 21.11 -19.43
N GLY G 54 24.31 22.17 -20.19
CA GLY G 54 23.46 22.57 -21.31
C GLY G 54 23.50 21.68 -22.55
N LYS G 55 24.50 20.79 -22.64
CA LYS G 55 24.66 19.92 -23.80
C LYS G 55 23.75 18.70 -23.71
N THR G 56 23.39 18.15 -24.87
CA THR G 56 22.63 16.90 -24.94
C THR G 56 23.57 15.69 -24.85
N LEU G 57 23.02 14.53 -24.53
CA LEU G 57 23.80 13.29 -24.47
C LEU G 57 24.30 12.90 -25.86
N GLY G 58 23.50 13.20 -26.90
CA GLY G 58 23.88 12.94 -28.28
C GLY G 58 25.10 13.71 -28.73
N GLU G 59 25.15 14.99 -28.36
CA GLU G 59 26.31 15.86 -28.66
C GLU G 59 27.57 15.32 -28.00
N CAS G 60 27.44 14.87 -26.75
CA CAS G 60 28.56 14.30 -26.01
CB CAS G 60 28.26 14.31 -24.50
C CAS G 60 28.89 12.88 -26.41
O CAS G 60 29.61 12.19 -25.70
SG CAS G 60 28.02 15.95 -23.90
AS CAS G 60 29.96 16.90 -24.44
CE1 CAS G 60 29.59 18.24 -25.86
CE2 CAS G 60 30.75 17.84 -22.89
N GLY G 61 28.35 12.41 -27.54
CA GLY G 61 28.75 11.13 -28.11
C GLY G 61 28.17 9.89 -27.45
N PHE G 62 27.04 10.04 -26.76
CA PHE G 62 26.25 8.89 -26.31
C PHE G 62 25.16 8.68 -27.35
N THR G 63 25.25 7.57 -28.09
CA THR G 63 24.34 7.28 -29.19
C THR G 63 23.69 5.91 -29.04
N SER G 64 22.58 5.71 -29.75
CA SER G 64 21.82 4.46 -29.68
C SER G 64 22.69 3.24 -29.91
N GLN G 65 23.58 3.34 -30.90
CA GLN G 65 24.37 2.19 -31.33
C GLN G 65 25.66 1.97 -30.53
N THR G 66 25.96 2.84 -29.58
CA THR G 66 27.10 2.63 -28.67
C THR G 66 26.64 2.40 -27.24
N ALA G 67 25.71 3.23 -26.76
CA ALA G 67 25.15 3.09 -25.43
C ALA G 67 23.97 2.12 -25.45
N ARG G 68 24.27 0.84 -25.63
CA ARG G 68 23.25 -0.19 -25.89
C ARG G 68 22.78 -0.83 -24.58
N PRO G 69 21.56 -1.41 -24.58
CA PRO G 69 21.04 -2.08 -23.37
C PRO G 69 21.97 -3.18 -22.84
N GLN G 70 22.46 -4.03 -23.73
CA GLN G 70 23.33 -5.16 -23.35
C GLN G 70 24.79 -4.77 -23.11
N ALA G 71 25.17 -3.57 -23.56
CA ALA G 71 26.52 -3.04 -23.37
C ALA G 71 26.45 -1.53 -23.16
N PRO G 72 25.98 -1.09 -21.98
CA PRO G 72 25.73 0.34 -21.73
C PRO G 72 27.00 1.15 -21.60
N ALA G 73 26.90 2.44 -21.87
CA ALA G 73 28.06 3.35 -21.83
C ALA G 73 28.22 3.94 -20.43
N THR G 74 29.46 4.20 -20.05
CA THR G 74 29.78 4.67 -18.71
C THR G 74 29.76 6.19 -18.63
N VAL G 75 29.11 6.71 -17.60
CA VAL G 75 29.19 8.14 -17.27
C VAL G 75 29.81 8.28 -15.88
N GLY G 76 30.93 9.00 -15.80
CA GLY G 76 31.61 9.24 -14.52
C GLY G 76 30.84 10.20 -13.62
N LEU G 77 31.00 10.04 -12.32
CA LEU G 77 30.29 10.84 -11.33
C LEU G 77 31.20 11.16 -10.15
N ALA G 78 31.30 12.43 -9.81
CA ALA G 78 32.06 12.89 -8.65
C ALA G 78 31.17 13.84 -7.86
N PHE G 79 31.14 13.68 -6.54
CA PHE G 79 30.36 14.55 -5.65
C PHE G 79 31.19 15.69 -5.09
N ARG G 80 30.51 16.80 -4.79
CA ARG G 80 31.12 17.87 -4.00
C ARG G 80 30.87 17.57 -2.54
N ALA G 81 31.97 17.43 -1.79
CA ALA G 81 31.92 17.22 -0.36
C ALA G 81 32.42 18.50 0.30
N ASP G 82 31.55 19.16 1.04
CA ASP G 82 31.88 20.45 1.65
C ASP G 82 32.44 21.42 0.59
N ASP G 83 33.54 22.11 0.87
CA ASP G 83 34.03 23.22 0.03
C ASP G 83 34.40 22.86 -1.42
N THR G 84 35.00 21.69 -1.66
CA THR G 84 35.52 21.34 -3.00
C THR G 84 35.08 19.97 -3.51
N PHE G 85 35.13 19.80 -4.83
CA PHE G 85 34.77 18.53 -5.49
C PHE G 85 35.85 17.47 -5.28
N GLU G 86 35.40 16.21 -5.18
CA GLU G 86 36.32 15.09 -5.11
C GLU G 86 36.83 14.77 -6.52
N ALA G 87 37.88 13.97 -6.61
CA ALA G 87 38.37 13.48 -7.90
C ALA G 87 37.56 12.28 -8.37
N LEU G 88 37.38 12.19 -9.69
CA LEU G 88 36.66 11.08 -10.32
C LEU G 88 37.35 9.74 -10.02
N CAS G 89 36.67 8.87 -9.27
CA CAS G 89 37.17 7.53 -8.94
CB CAS G 89 37.53 7.42 -7.45
C CAS G 89 36.12 6.50 -9.26
O CAS G 89 35.00 6.57 -8.76
SG CAS G 89 37.69 5.75 -6.91
AS CAS G 89 39.86 5.49 -7.38
CE1 CAS G 89 40.10 4.74 -9.22
CE2 CAS G 89 40.71 4.29 -6.01
N ILE G 90 36.48 5.54 -10.10
CA ILE G 90 35.59 4.41 -10.41
C ILE G 90 36.30 3.10 -10.08
N GLU G 91 35.90 2.45 -8.98
CA GLU G 91 36.46 1.15 -8.64
C GLU G 91 36.06 0.13 -9.72
N PRO G 92 37.05 -0.56 -10.29
CA PRO G 92 36.73 -1.58 -11.30
C PRO G 92 36.08 -2.81 -10.70
N PHE G 93 35.32 -3.53 -11.53
CA PHE G 93 34.73 -4.81 -11.12
C PHE G 93 35.81 -5.86 -10.94
N SER G 94 35.49 -6.91 -10.19
CA SER G 94 36.45 -7.97 -9.91
C SER G 94 36.95 -8.63 -11.17
N SER G 95 38.16 -9.18 -11.11
CA SER G 95 38.73 -9.93 -12.22
C SER G 95 38.11 -11.33 -12.25
N PRO G 96 37.71 -11.79 -13.45
CA PRO G 96 37.31 -13.20 -13.56
C PRO G 96 38.55 -14.08 -13.48
N PRO G 97 38.40 -15.33 -12.99
CA PRO G 97 39.56 -16.21 -12.89
C PRO G 97 40.06 -16.65 -14.26
N GLU G 98 41.18 -17.37 -14.29
CA GLU G 98 41.69 -17.91 -15.54
C GLU G 98 40.68 -18.92 -16.09
N LEU G 99 40.53 -18.94 -17.41
CA LEU G 99 39.71 -19.95 -18.06
C LEU G 99 40.21 -21.33 -17.63
N PRO G 100 39.30 -22.20 -17.18
CA PRO G 100 39.70 -23.58 -16.90
C PRO G 100 40.34 -24.25 -18.11
N ASP G 101 41.17 -25.25 -17.88
CA ASP G 101 41.88 -25.97 -18.94
C ASP G 101 40.96 -26.43 -20.09
N VAL G 102 39.73 -26.80 -19.75
CA VAL G 102 38.76 -27.30 -20.74
C VAL G 102 38.11 -26.21 -21.61
N MET G 103 38.31 -24.93 -21.26
CA MET G 103 37.77 -23.82 -22.06
C MET G 103 38.88 -23.06 -22.78
N MET H 2 10.88 2.72 -7.15
CA MET H 2 11.58 3.07 -8.42
C MET H 2 12.85 2.28 -8.64
N TYR H 3 13.80 2.43 -7.74
CA TYR H 3 15.08 1.75 -7.85
C TYR H 3 15.34 0.85 -6.65
N VAL H 4 16.21 -0.13 -6.84
CA VAL H 4 16.61 -1.05 -5.78
C VAL H 4 18.12 -1.23 -5.84
N LYS H 5 18.69 -1.78 -4.78
CA LYS H 5 20.14 -1.94 -4.70
C LYS H 5 20.52 -3.41 -4.66
N LEU H 6 21.35 -3.81 -5.63
CA LEU H 6 21.86 -5.17 -5.72
C LEU H 6 23.35 -5.10 -5.45
N ILE H 7 23.77 -5.62 -4.29
CA ILE H 7 25.17 -5.54 -3.86
C ILE H 7 25.88 -6.84 -4.13
N SER H 8 27.06 -6.77 -4.76
CA SER H 8 27.84 -7.98 -5.06
C SER H 8 28.67 -8.44 -3.85
N SER H 9 29.33 -9.58 -4.00
CA SER H 9 30.16 -10.17 -2.94
C SER H 9 31.39 -9.32 -2.60
N ASP H 10 31.93 -8.63 -3.61
CA ASP H 10 33.05 -7.71 -3.40
C ASP H 10 32.58 -6.26 -3.22
N GLY H 11 31.36 -6.09 -2.71
CA GLY H 11 30.88 -4.79 -2.24
C GLY H 11 30.40 -3.79 -3.28
N HIS H 12 30.23 -4.20 -4.52
CA HIS H 12 29.73 -3.28 -5.56
C HIS H 12 28.22 -3.11 -5.44
N GLU H 13 27.76 -1.87 -5.39
CA GLU H 13 26.35 -1.57 -5.26
C GLU H 13 25.80 -1.16 -6.62
N PHE H 14 24.94 -2.03 -7.17
CA PHE H 14 24.30 -1.77 -8.46
C PHE H 14 22.87 -1.32 -8.24
N ILE H 15 22.54 -0.12 -8.75
CA ILE H 15 21.21 0.45 -8.58
C ILE H 15 20.43 0.41 -9.90
N VAL H 16 19.46 -0.50 -9.97
CA VAL H 16 18.64 -0.69 -11.17
C VAL H 16 17.17 -0.41 -10.86
N LYS H 17 16.37 -0.20 -11.91
CA LYS H 17 14.94 0.08 -11.73
C LYS H 17 14.23 -1.13 -11.12
N ARG H 18 13.20 -0.87 -10.32
CA ARG H 18 12.46 -1.93 -9.66
C ARG H 18 11.83 -2.82 -10.72
N GLU H 19 11.08 -2.21 -11.63
CA GLU H 19 10.46 -2.92 -12.75
C GLU H 19 11.45 -3.87 -13.45
N HIS H 20 12.68 -3.41 -13.65
CA HIS H 20 13.72 -4.20 -14.29
C HIS H 20 14.21 -5.36 -13.42
N ALA H 21 14.29 -5.13 -12.13
CA ALA H 21 14.72 -6.17 -11.20
C ALA H 21 13.66 -7.25 -11.03
N LEU H 22 12.37 -6.87 -11.11
CA LEU H 22 11.27 -7.82 -10.95
C LEU H 22 11.13 -8.79 -12.14
N THR H 23 11.97 -8.62 -13.15
CA THR H 23 12.21 -9.63 -14.17
C THR H 23 12.61 -10.96 -13.53
N SER H 24 13.47 -10.89 -12.52
CA SER H 24 13.85 -12.08 -11.73
C SER H 24 12.76 -12.39 -10.71
N GLY H 25 12.23 -13.60 -10.76
CA GLY H 25 11.26 -14.08 -9.78
C GLY H 25 11.89 -14.21 -8.41
N THR H 26 13.17 -14.61 -8.39
CA THR H 26 13.94 -14.73 -7.15
C THR H 26 14.08 -13.38 -6.46
N ILE H 27 14.37 -12.34 -7.23
CA ILE H 27 14.52 -11.00 -6.67
C ILE H 27 13.17 -10.45 -6.20
N LYS H 28 12.12 -10.69 -6.99
CA LYS H 28 10.77 -10.27 -6.61
C LYS H 28 10.32 -10.90 -5.28
N ALA H 29 10.78 -12.11 -5.01
CA ALA H 29 10.55 -12.75 -3.72
C ALA H 29 11.43 -12.13 -2.64
N MET H 30 12.72 -11.99 -2.93
CA MET H 30 13.68 -11.37 -2.01
C MET H 30 13.22 -9.99 -1.56
N LEU H 31 12.70 -9.20 -2.50
CA LEU H 31 12.18 -7.87 -2.20
C LEU H 31 10.89 -7.90 -1.39
N SER H 32 10.02 -8.88 -1.67
CA SER H 32 8.77 -9.06 -0.92
C SER H 32 8.94 -9.92 0.35
N GLY H 33 10.18 -10.27 0.69
CA GLY H 33 10.47 -10.98 1.93
C GLY H 33 9.93 -12.39 1.95
N THR H 42 12.70 -5.30 2.03
CA THR H 42 13.86 -4.43 1.93
C THR H 42 14.01 -3.88 0.52
N ASN H 43 14.74 -2.77 0.40
CA ASN H 43 15.10 -2.21 -0.91
C ASN H 43 16.50 -2.58 -1.38
N GLU H 44 17.32 -3.12 -0.46
CA GLU H 44 18.66 -3.62 -0.78
C GLU H 44 18.70 -5.14 -0.73
N VAL H 45 19.56 -5.75 -1.55
CA VAL H 45 19.70 -7.21 -1.61
C VAL H 45 21.16 -7.61 -1.74
N ASN H 46 21.66 -8.37 -0.76
CA ASN H 46 23.06 -8.80 -0.73
C ASN H 46 23.26 -10.16 -1.39
N PHE H 47 24.17 -10.22 -2.36
CA PHE H 47 24.54 -11.47 -3.01
C PHE H 47 25.98 -11.83 -2.64
N ARG H 48 26.15 -12.61 -1.57
CA ARG H 48 27.49 -12.98 -1.08
C ARG H 48 28.26 -13.93 -2.01
N GLU H 49 27.55 -14.60 -2.93
CA GLU H 49 28.21 -15.53 -3.86
C GLU H 49 28.54 -14.91 -5.21
N ILE H 50 27.79 -13.87 -5.61
CA ILE H 50 27.92 -13.31 -6.96
C ILE H 50 28.86 -12.11 -6.94
N PRO H 51 30.04 -12.23 -7.60
CA PRO H 51 30.93 -11.07 -7.70
C PRO H 51 30.42 -10.00 -8.66
N SER H 52 31.05 -8.83 -8.61
CA SER H 52 30.63 -7.69 -9.42
C SER H 52 30.69 -7.95 -10.92
N HIS H 53 31.72 -8.65 -11.38
CA HIS H 53 31.87 -8.94 -12.81
C HIS H 53 30.79 -9.90 -13.33
N VAL H 54 30.10 -10.58 -12.42
CA VAL H 54 28.92 -11.36 -12.78
C VAL H 54 27.66 -10.51 -12.61
N LEU H 55 27.56 -9.80 -11.50
CA LEU H 55 26.32 -9.09 -11.18
C LEU H 55 26.07 -7.92 -12.12
N SER H 56 27.15 -7.28 -12.57
CA SER H 56 27.02 -6.19 -13.53
C SER H 56 26.36 -6.67 -14.82
N LYS H 57 26.75 -7.87 -15.26
CA LYS H 57 26.18 -8.47 -16.47
C LYS H 57 24.72 -8.84 -16.27
N VAL H 58 24.37 -9.23 -15.05
CA VAL H 58 23.00 -9.57 -14.74
C VAL H 58 22.11 -8.34 -14.88
N CYS H 59 22.60 -7.20 -14.40
CA CYS H 59 21.88 -5.93 -14.57
C CYS H 59 21.71 -5.57 -16.04
N MET H 60 22.78 -5.73 -16.81
CA MET H 60 22.75 -5.43 -18.24
C MET H 60 21.67 -6.27 -18.92
N TYR H 61 21.53 -7.53 -18.49
CA TYR H 61 20.52 -8.42 -19.02
C TYR H 61 19.10 -7.91 -18.74
N PHE H 62 18.84 -7.42 -17.52
CA PHE H 62 17.53 -6.85 -17.18
C PHE H 62 17.15 -5.75 -18.18
N THR H 63 18.11 -4.88 -18.46
CA THR H 63 17.91 -3.79 -19.42
C THR H 63 17.60 -4.37 -20.81
N TYR H 64 18.39 -5.37 -21.20
CA TYR H 64 18.21 -6.07 -22.47
C TYR H 64 16.84 -6.72 -22.59
N LYS H 65 16.40 -7.42 -21.54
CA LYS H 65 15.13 -8.16 -21.57
C LYS H 65 13.90 -7.25 -21.61
N VAL H 66 13.88 -6.18 -20.82
CA VAL H 66 12.76 -5.25 -20.79
C VAL H 66 12.67 -4.51 -22.12
N ARG H 67 13.81 -4.19 -22.70
CA ARG H 67 13.86 -3.43 -23.95
C ARG H 67 13.33 -4.24 -25.13
N TYR H 68 13.79 -5.47 -25.27
CA TYR H 68 13.49 -6.26 -26.46
C TYR H 68 12.33 -7.26 -26.33
N THR H 69 11.77 -7.42 -25.13
CA THR H 69 10.63 -8.33 -24.94
C THR H 69 9.38 -7.76 -25.63
N ASN H 70 8.77 -8.55 -26.51
CA ASN H 70 7.60 -8.14 -27.29
C ASN H 70 7.91 -6.88 -28.12
N SER H 71 8.95 -6.96 -28.93
CA SER H 71 9.44 -5.81 -29.71
C SER H 71 9.46 -6.10 -31.21
N SER H 72 9.16 -5.07 -32.01
CA SER H 72 9.17 -5.17 -33.47
C SER H 72 10.59 -5.04 -34.03
N THR H 73 11.41 -4.22 -33.37
CA THR H 73 12.81 -4.05 -33.76
C THR H 73 13.59 -5.36 -33.64
N GLU H 74 14.50 -5.59 -34.60
CA GLU H 74 15.36 -6.77 -34.60
C GLU H 74 16.15 -6.85 -33.29
N ILE H 75 16.26 -8.06 -32.75
CA ILE H 75 16.90 -8.29 -31.46
C ILE H 75 18.33 -8.76 -31.64
N PRO H 76 19.30 -8.05 -31.03
CA PRO H 76 20.70 -8.46 -31.13
C PRO H 76 21.06 -9.50 -30.09
N GLU H 77 22.18 -10.17 -30.30
CA GLU H 77 22.69 -11.18 -29.37
C GLU H 77 23.05 -10.54 -28.02
N PHE H 78 22.79 -11.26 -26.93
CA PHE H 78 23.30 -10.85 -25.62
C PHE H 78 24.72 -11.39 -25.43
N PRO H 79 25.72 -10.50 -25.39
CA PRO H 79 27.10 -10.95 -25.34
C PRO H 79 27.51 -11.43 -23.96
N ILE H 80 28.31 -12.50 -23.92
CA ILE H 80 28.83 -13.05 -22.68
C ILE H 80 30.28 -13.46 -22.92
N ALA H 81 31.20 -12.78 -22.23
CA ALA H 81 32.61 -13.09 -22.37
C ALA H 81 32.90 -14.49 -21.80
N PRO H 82 33.64 -15.32 -22.56
CA PRO H 82 33.99 -16.66 -22.10
C PRO H 82 34.40 -16.73 -20.62
N GLU H 83 35.23 -15.79 -20.20
CA GLU H 83 35.84 -15.81 -18.85
C GLU H 83 34.83 -15.70 -17.72
N ILE H 84 33.67 -15.12 -18.00
CA ILE H 84 32.61 -14.94 -16.99
C ILE H 84 31.44 -15.91 -17.14
N ALA H 85 31.41 -16.66 -18.24
CA ALA H 85 30.28 -17.53 -18.59
C ALA H 85 29.91 -18.53 -17.50
N LEU H 86 30.90 -19.24 -16.96
CA LEU H 86 30.65 -20.25 -15.93
C LEU H 86 29.97 -19.66 -14.71
N GLU H 87 30.51 -18.56 -14.21
CA GLU H 87 29.99 -17.91 -13.01
C GLU H 87 28.62 -17.29 -13.26
N LEU H 88 28.42 -16.73 -14.44
CA LEU H 88 27.14 -16.13 -14.81
C LEU H 88 26.05 -17.20 -14.95
N LEU H 89 26.42 -18.40 -15.38
CA LEU H 89 25.51 -19.53 -15.45
C LEU H 89 24.97 -19.87 -14.05
N MET H 90 25.88 -19.95 -13.08
CA MET H 90 25.53 -20.27 -11.68
C MET H 90 24.59 -19.21 -11.11
N ALA H 91 24.89 -17.95 -11.37
CA ALA H 91 24.06 -16.84 -10.91
C ALA H 91 22.66 -16.89 -11.53
N ALA H 92 22.60 -17.04 -12.85
CA ALA H 92 21.34 -17.06 -13.59
C ALA H 92 20.46 -18.22 -13.16
N ASN H 93 21.08 -19.34 -12.80
CA ASN H 93 20.38 -20.49 -12.26
C ASN H 93 19.58 -20.11 -11.01
N PHE H 94 20.24 -19.47 -10.05
CA PHE H 94 19.62 -19.06 -8.80
C PHE H 94 18.55 -17.99 -8.98
N LEU H 95 18.81 -17.02 -9.86
CA LEU H 95 17.86 -15.92 -10.09
C LEU H 95 16.61 -16.30 -10.89
N ASP H 96 16.64 -17.43 -11.59
CA ASP H 96 15.56 -17.82 -12.52
C ASP H 96 15.30 -16.73 -13.56
N CYS H 97 16.38 -16.15 -14.08
CA CYS H 97 16.29 -15.15 -15.14
C CYS H 97 16.95 -15.68 -16.42
N VAL I 11 -0.03 -35.38 -34.77
CA VAL I 11 -0.73 -34.07 -34.65
C VAL I 11 -0.03 -32.99 -35.49
N LEU I 12 1.18 -32.60 -35.11
CA LEU I 12 1.94 -31.55 -35.81
C LEU I 12 2.60 -32.07 -37.10
N ARG I 13 1.95 -31.80 -38.23
CA ARG I 13 2.50 -32.18 -39.54
C ARG I 13 1.99 -31.24 -40.63
N SER I 14 2.60 -31.34 -41.81
CA SER I 14 2.16 -30.52 -42.95
C SER I 14 0.90 -31.12 -43.55
N VAL I 15 0.01 -30.24 -44.00
CA VAL I 15 -1.18 -30.65 -44.74
C VAL I 15 -0.78 -30.80 -46.19
N ASN I 16 -1.29 -31.82 -46.87
CA ASN I 16 -0.98 -32.03 -48.27
C ASN I 16 -2.01 -31.31 -49.14
N SER I 17 -1.96 -29.99 -49.13
CA SER I 17 -2.93 -29.15 -49.82
C SER I 17 -2.71 -29.07 -51.33
N ARG I 18 -1.44 -29.16 -51.75
CA ARG I 18 -1.04 -28.92 -53.14
C ARG I 18 -1.42 -27.50 -53.60
N GLU I 19 -1.41 -26.56 -52.67
CA GLU I 19 -1.72 -25.16 -52.94
C GLU I 19 -0.43 -24.36 -52.76
N PRO I 20 0.26 -24.03 -53.86
CA PRO I 20 1.49 -23.24 -53.77
C PRO I 20 1.36 -21.95 -52.95
N SER I 21 2.42 -21.62 -52.23
CA SER I 21 2.50 -20.38 -51.47
C SER I 21 3.94 -19.90 -51.49
N GLN I 22 4.18 -18.77 -52.15
CA GLN I 22 5.50 -18.17 -52.20
C GLN I 22 5.81 -17.48 -50.86
N VAL I 23 7.04 -17.64 -50.39
CA VAL I 23 7.45 -17.19 -49.06
C VAL I 23 8.83 -16.52 -49.12
N ILE I 24 9.06 -15.53 -48.27
CA ILE I 24 10.40 -14.95 -48.08
C ILE I 24 10.93 -15.38 -46.71
N PHE I 25 11.96 -16.22 -46.70
CA PHE I 25 12.66 -16.54 -45.47
C PHE I 25 13.64 -15.41 -45.22
N CAS I 26 13.32 -14.54 -44.25
CA CAS I 26 14.12 -13.36 -43.96
CB CAS I 26 13.23 -12.13 -43.94
C CAS I 26 14.81 -13.54 -42.65
O CAS I 26 14.16 -13.47 -41.60
SG CAS I 26 14.16 -10.68 -43.51
AS CAS I 26 15.42 -10.32 -45.31
CE1 CAS I 26 17.35 -10.25 -44.81
CE2 CAS I 26 14.92 -8.59 -46.14
N ASN I 27 16.12 -13.78 -42.68
CA ASN I 27 16.89 -14.05 -41.48
C ASN I 27 17.34 -12.75 -40.82
N ARG I 28 16.53 -12.25 -39.89
CA ARG I 28 16.87 -11.08 -39.09
C ARG I 28 17.47 -11.51 -37.77
N SER I 29 18.47 -12.38 -37.82
CA SER I 29 19.16 -12.83 -36.62
C SER I 29 20.66 -12.85 -36.88
N PRO I 30 21.46 -12.93 -35.81
CA PRO I 30 22.90 -13.09 -36.01
C PRO I 30 23.32 -14.56 -36.21
N ARG I 31 22.38 -15.50 -36.20
CA ARG I 31 22.69 -16.93 -36.36
C ARG I 31 22.63 -17.38 -37.82
N VAL I 32 23.33 -18.46 -38.11
CA VAL I 32 23.13 -19.18 -39.37
C VAL I 32 21.87 -20.00 -39.17
N VAL I 33 20.82 -19.70 -39.93
CA VAL I 33 19.51 -20.33 -39.74
C VAL I 33 19.35 -21.64 -40.52
N LEU I 34 18.86 -22.66 -39.84
CA LEU I 34 18.44 -23.91 -40.47
C LEU I 34 16.91 -23.91 -40.52
N PRO I 35 16.33 -23.80 -41.72
CA PRO I 35 14.89 -23.98 -41.84
C PRO I 35 14.54 -25.46 -41.78
N VAL I 36 13.44 -25.80 -41.12
CA VAL I 36 13.06 -27.18 -40.93
C VAL I 36 11.60 -27.37 -41.32
N TRP I 37 11.37 -28.19 -42.34
CA TRP I 37 10.02 -28.51 -42.79
C TRP I 37 9.53 -29.77 -42.08
N LEU I 38 8.33 -29.69 -41.51
CA LEU I 38 7.66 -30.88 -41.00
C LEU I 38 6.95 -31.56 -42.16
N ASN I 39 7.39 -32.76 -42.52
CA ASN I 39 6.78 -33.49 -43.63
C ASN I 39 5.44 -34.11 -43.24
N PHE I 40 4.83 -34.85 -44.17
CA PHE I 40 3.44 -35.29 -43.99
C PHE I 40 3.23 -36.33 -42.89
N ASP I 41 4.31 -37.00 -42.48
CA ASP I 41 4.29 -37.89 -41.30
C ASP I 41 4.75 -37.17 -40.02
N GLY I 42 4.91 -35.85 -40.08
CA GLY I 42 5.35 -35.08 -38.93
C GLY I 42 6.84 -35.14 -38.65
N GLU I 43 7.61 -35.75 -39.56
CA GLU I 43 9.06 -35.88 -39.39
C GLU I 43 9.76 -34.60 -39.84
N PRO I 44 10.68 -34.06 -39.00
CA PRO I 44 11.37 -32.84 -39.41
C PRO I 44 12.34 -33.11 -40.56
N GLN I 45 12.39 -32.18 -41.50
CA GLN I 45 13.23 -32.28 -42.69
C GLN I 45 14.02 -30.99 -42.87
N PRO I 46 15.36 -31.06 -42.78
CA PRO I 46 16.17 -29.84 -42.89
C PRO I 46 16.33 -29.34 -44.33
N TYR I 47 16.27 -28.02 -44.49
CA TYR I 47 16.48 -27.36 -45.77
C TYR I 47 17.77 -26.53 -45.69
N PRO I 48 18.30 -26.08 -46.84
CA PRO I 48 19.58 -25.34 -46.86
C PRO I 48 19.60 -24.12 -45.94
N THR I 49 20.76 -23.84 -45.37
CA THR I 49 20.88 -22.81 -44.34
C THR I 49 20.88 -21.40 -44.91
N LEU I 50 20.53 -20.42 -44.06
CA LEU I 50 20.59 -19.01 -44.41
C LEU I 50 21.62 -18.29 -43.54
N PRO I 51 22.65 -17.70 -44.16
CA PRO I 51 23.57 -16.85 -43.39
C PRO I 51 22.86 -15.68 -42.70
N PRO I 52 23.47 -15.12 -41.64
CA PRO I 52 22.86 -14.02 -40.89
C PRO I 52 22.56 -12.80 -41.76
N GLY I 53 21.37 -12.22 -41.57
CA GLY I 53 20.98 -11.02 -42.30
C GLY I 53 20.64 -11.22 -43.78
N THR I 54 20.48 -12.47 -44.21
CA THR I 54 20.16 -12.75 -45.62
C THR I 54 18.70 -13.20 -45.77
N GLY I 55 18.21 -13.14 -47.00
CA GLY I 55 16.84 -13.55 -47.30
C GLY I 55 16.74 -14.36 -48.58
N ARG I 56 15.76 -15.27 -48.62
CA ARG I 56 15.49 -16.06 -49.83
C ARG I 56 14.01 -16.23 -50.12
N ARG I 57 13.67 -16.08 -51.40
CA ARG I 57 12.34 -16.35 -51.88
C ARG I 57 12.26 -17.84 -52.17
N ILE I 58 11.39 -18.53 -51.45
CA ILE I 58 11.27 -19.98 -51.55
C ILE I 58 9.83 -20.40 -51.81
N HIS I 59 9.67 -21.53 -52.49
CA HIS I 59 8.35 -22.07 -52.83
C HIS I 59 7.93 -23.12 -51.82
N SER I 60 6.75 -22.94 -51.23
CA SER I 60 6.18 -23.91 -50.29
C SER I 60 4.70 -24.10 -50.62
N TYR I 61 3.93 -24.63 -49.68
CA TYR I 61 2.49 -24.86 -49.92
C TYR I 61 1.66 -24.44 -48.71
N ARG I 62 0.37 -24.21 -48.93
CA ARG I 62 -0.51 -23.77 -47.87
C ARG I 62 -0.69 -24.88 -46.84
N GLY I 63 -0.68 -24.50 -45.57
CA GLY I 63 -0.86 -25.47 -44.48
C GLY I 63 0.37 -26.30 -44.13
N HIS I 64 1.50 -26.05 -44.79
CA HIS I 64 2.75 -26.70 -44.44
C HIS I 64 3.34 -26.05 -43.18
N LEU I 65 3.95 -26.86 -42.33
CA LEU I 65 4.53 -26.34 -41.09
C LEU I 65 6.04 -26.21 -41.22
N TRP I 66 6.54 -25.05 -40.78
CA TRP I 66 7.97 -24.78 -40.75
C TRP I 66 8.37 -24.32 -39.36
N LEU I 67 9.60 -24.62 -38.98
CA LEU I 67 10.23 -23.98 -37.84
C LEU I 67 11.71 -23.75 -38.16
N PHE I 68 12.34 -22.88 -37.39
CA PHE I 68 13.68 -22.40 -37.73
C PHE I 68 14.62 -22.48 -36.53
N ARG I 69 15.87 -22.85 -36.80
CA ARG I 69 16.86 -23.11 -35.76
C ARG I 69 18.25 -22.60 -36.12
N ASP I 70 19.08 -22.46 -35.09
CA ASP I 70 20.50 -22.24 -35.29
C ASP I 70 21.06 -23.49 -35.98
N ALA I 71 21.82 -23.30 -37.04
CA ALA I 71 22.31 -24.42 -37.86
C ALA I 71 23.37 -25.26 -37.18
N GLY I 72 24.12 -24.67 -36.24
CA GLY I 72 25.20 -25.38 -35.55
C GLY I 72 24.77 -25.98 -34.23
N THR I 73 23.98 -25.23 -33.47
CA THR I 73 23.63 -25.60 -32.10
C THR I 73 22.19 -26.07 -31.90
N HIS I 74 21.33 -25.81 -32.90
CA HIS I 74 19.89 -26.11 -32.82
C HIS I 74 19.12 -25.29 -31.79
N ASP I 75 19.68 -24.16 -31.38
CA ASP I 75 18.96 -23.20 -30.54
C ASP I 75 17.69 -22.76 -31.26
N GLY I 76 16.63 -22.59 -30.48
CA GLY I 76 15.32 -22.24 -31.02
C GLY I 76 15.28 -20.79 -31.47
N LEU I 77 14.63 -20.56 -32.61
CA LEU I 77 14.45 -19.23 -33.16
C LEU I 77 12.97 -18.99 -33.35
N LEU I 78 12.55 -17.74 -33.28
CA LEU I 78 11.15 -17.39 -33.51
C LEU I 78 10.98 -17.11 -34.97
N VAL I 79 9.74 -17.19 -35.44
CA VAL I 79 9.39 -16.77 -36.79
C VAL I 79 8.03 -16.07 -36.72
N ASN I 80 8.03 -14.79 -37.09
CA ASN I 80 6.86 -13.94 -36.90
C ASN I 80 6.35 -14.03 -35.45
N GLN I 81 7.31 -13.95 -34.52
CA GLN I 81 7.05 -13.89 -33.08
C GLN I 81 6.64 -15.22 -32.41
N THR I 82 6.45 -16.28 -33.18
CA THR I 82 5.98 -17.55 -32.63
C THR I 82 6.88 -18.71 -33.04
N GLU I 83 6.54 -19.91 -32.59
CA GLU I 83 7.36 -21.12 -32.81
C GLU I 83 7.23 -21.66 -34.24
N LEU I 84 6.00 -21.70 -34.75
CA LEU I 84 5.70 -22.32 -36.04
C LEU I 84 5.32 -21.29 -37.10
N PHE I 85 5.62 -21.61 -38.36
CA PHE I 85 5.20 -20.81 -39.49
C PHE I 85 4.41 -21.65 -40.49
N VAL I 86 3.24 -21.15 -40.88
CA VAL I 86 2.37 -21.82 -41.84
C VAL I 86 2.06 -20.89 -43.02
N PRO I 87 2.63 -21.19 -44.20
CA PRO I 87 2.37 -20.34 -45.36
C PRO I 87 0.87 -20.22 -45.64
N SER I 88 0.39 -18.99 -45.65
CA SER I 88 -1.01 -18.70 -45.92
C SER I 88 -1.20 -18.50 -47.43
N LEU I 89 -2.36 -17.96 -47.81
CA LEU I 89 -2.70 -17.73 -49.21
C LEU I 89 -2.02 -16.46 -49.75
N ASN I 90 -1.39 -16.56 -50.91
CA ASN I 90 -0.78 -15.38 -51.58
C ASN I 90 -1.84 -14.48 -52.18
N VAL I 91 -1.90 -13.22 -51.74
CA VAL I 91 -2.89 -12.26 -52.24
C VAL I 91 -2.26 -11.33 -53.28
N ASP I 92 -2.82 -11.34 -54.49
CA ASP I 92 -2.32 -10.56 -55.62
C ASP I 92 -0.78 -10.65 -55.79
N GLY I 93 -0.29 -11.89 -55.76
CA GLY I 93 1.13 -12.16 -56.03
C GLY I 93 2.11 -11.71 -54.96
N GLN I 94 1.62 -11.42 -53.75
CA GLN I 94 2.49 -11.04 -52.63
C GLN I 94 3.00 -12.29 -51.93
N PRO I 95 4.33 -12.46 -51.83
CA PRO I 95 4.84 -13.55 -51.03
C PRO I 95 4.65 -13.30 -49.54
N ILE I 96 4.55 -14.36 -48.75
CA ILE I 96 4.40 -14.24 -47.31
C ILE I 96 5.76 -14.06 -46.66
N PHE I 97 5.87 -13.10 -45.75
CA PHE I 97 7.12 -12.88 -45.04
C PHE I 97 7.21 -13.79 -43.81
N ALA I 98 8.36 -14.47 -43.68
CA ALA I 98 8.65 -15.25 -42.50
C ALA I 98 9.90 -14.65 -41.83
N ASN I 99 9.66 -13.75 -40.88
CA ASN I 99 10.72 -13.04 -40.17
C ASN I 99 11.36 -13.88 -39.07
N ILE I 100 12.59 -14.29 -39.28
CA ILE I 100 13.29 -15.10 -38.31
C ILE I 100 14.14 -14.21 -37.42
N THR I 101 13.87 -14.25 -36.12
CA THR I 101 14.56 -13.42 -35.13
C THR I 101 15.03 -14.26 -33.95
N LEU I 102 15.92 -13.68 -33.14
CA LEU I 102 16.29 -14.28 -31.88
C LEU I 102 15.13 -14.08 -30.93
N PRO I 103 14.85 -15.08 -30.09
CA PRO I 103 13.96 -14.81 -28.98
C PRO I 103 14.75 -14.11 -27.89
N VAL I 104 14.05 -13.59 -26.90
CA VAL I 104 14.70 -13.12 -25.71
C VAL I 104 14.97 -14.35 -24.86
N TYR I 105 16.12 -14.98 -25.09
CA TYR I 105 16.53 -16.13 -24.28
C TYR I 105 16.57 -15.76 -22.80
N THR I 106 16.33 -16.73 -21.93
CA THR I 106 16.64 -16.55 -20.52
C THR I 106 18.15 -16.44 -20.41
N LEU I 107 18.61 -15.71 -19.39
CA LEU I 107 20.03 -15.62 -19.11
C LEU I 107 20.62 -17.00 -18.87
N LYS I 108 19.86 -17.86 -18.18
CA LYS I 108 20.33 -19.21 -17.92
C LYS I 108 20.61 -19.94 -19.22
N GLU I 109 19.67 -19.86 -20.15
CA GLU I 109 19.79 -20.60 -21.42
C GLU I 109 20.86 -19.96 -22.29
N ARG I 110 20.95 -18.64 -22.25
CA ARG I 110 22.02 -17.95 -22.96
C ARG I 110 23.40 -18.37 -22.43
N CYS I 111 23.53 -18.44 -21.11
CA CYS I 111 24.78 -18.89 -20.50
C CYS I 111 25.14 -20.30 -20.96
N LEU I 112 24.14 -21.20 -20.94
CA LEU I 112 24.34 -22.58 -21.37
C LEU I 112 24.82 -22.67 -22.82
N GLN I 113 24.31 -21.80 -23.67
CA GLN I 113 24.74 -21.75 -25.09
C GLN I 113 26.22 -21.42 -25.20
N VAL I 114 26.65 -20.43 -24.43
CA VAL I 114 28.04 -19.97 -24.49
C VAL I 114 29.01 -21.03 -23.96
N VAL I 115 28.61 -21.73 -22.90
CA VAL I 115 29.44 -22.79 -22.29
C VAL I 115 29.55 -24.02 -23.21
N ARG I 116 28.43 -24.41 -23.83
CA ARG I 116 28.42 -25.51 -24.81
C ARG I 116 29.37 -25.23 -25.99
N SER I 117 29.41 -23.97 -26.42
CA SER I 117 30.25 -23.56 -27.54
C SER I 117 31.74 -23.56 -27.17
N LEU I 118 32.04 -23.35 -25.89
CA LEU I 118 33.42 -23.23 -25.44
C LEU I 118 34.02 -24.54 -24.91
N VAL I 119 33.18 -25.48 -24.51
CA VAL I 119 33.67 -26.71 -23.89
C VAL I 119 33.10 -27.96 -24.58
N LYS I 120 33.95 -28.97 -24.78
CA LYS I 120 33.54 -30.19 -25.47
C LYS I 120 32.63 -31.04 -24.61
N PRO I 121 31.62 -31.70 -25.22
CA PRO I 121 30.70 -32.57 -24.46
C PRO I 121 31.37 -33.63 -23.58
N GLU I 122 32.54 -34.11 -23.99
CA GLU I 122 33.32 -35.05 -23.20
C GLU I 122 33.74 -34.46 -21.84
N ASN I 123 33.95 -33.14 -21.79
CA ASN I 123 34.50 -32.47 -20.62
C ASN I 123 33.51 -31.68 -19.76
N TYR I 124 32.21 -31.72 -20.07
CA TYR I 124 31.20 -31.09 -19.21
C TYR I 124 31.35 -31.51 -17.75
N ARG I 125 31.68 -32.79 -17.54
CA ARG I 125 31.80 -33.35 -16.19
C ARG I 125 33.01 -32.80 -15.44
N ARG I 126 34.07 -32.46 -16.15
CA ARG I 126 35.28 -31.89 -15.54
C ARG I 126 35.13 -30.42 -15.08
N LEU I 127 33.98 -29.80 -15.39
CA LEU I 127 33.68 -28.44 -14.92
C LEU I 127 33.33 -28.44 -13.45
N ASP I 128 33.52 -27.29 -12.79
CA ASP I 128 33.25 -27.15 -11.35
C ASP I 128 31.89 -26.48 -11.10
N ILE I 129 30.82 -27.27 -11.26
CA ILE I 129 29.45 -26.78 -11.09
C ILE I 129 28.58 -27.89 -10.50
N VAL I 130 27.41 -27.51 -9.98
CA VAL I 130 26.49 -28.47 -9.36
C VAL I 130 26.02 -29.52 -10.37
N ARG I 131 25.58 -30.66 -9.84
CA ARG I 131 25.20 -31.81 -10.65
C ARG I 131 24.06 -31.48 -11.63
N SER I 132 23.10 -30.68 -11.19
CA SER I 132 21.94 -30.34 -12.03
C SER I 132 22.32 -29.56 -13.29
N LEU I 133 23.35 -28.72 -13.20
CA LEU I 133 23.82 -27.98 -14.36
C LEU I 133 24.55 -28.85 -15.38
N TYR I 134 25.13 -29.98 -14.96
CA TYR I 134 25.67 -30.95 -15.92
C TYR I 134 24.55 -31.43 -16.84
N GLU I 135 23.44 -31.83 -16.23
CA GLU I 135 22.28 -32.33 -16.96
C GLU I 135 21.67 -31.25 -17.86
N ASP I 136 21.71 -30.00 -17.41
CA ASP I 136 21.25 -28.87 -18.22
C ASP I 136 22.14 -28.67 -19.45
N LEU I 137 23.45 -28.85 -19.28
CA LEU I 137 24.40 -28.71 -20.39
C LEU I 137 24.26 -29.83 -21.43
N GLU I 138 24.09 -31.07 -20.94
CA GLU I 138 23.95 -32.23 -21.83
C GLU I 138 22.60 -32.26 -22.53
N ASP I 139 21.59 -31.65 -21.91
CA ASP I 139 20.25 -31.58 -22.49
C ASP I 139 20.22 -30.54 -23.61
N HIS I 140 20.89 -30.85 -24.72
CA HIS I 140 21.04 -29.90 -25.82
C HIS I 140 19.67 -29.54 -26.41
N PRO I 141 19.59 -28.37 -27.05
CA PRO I 141 18.37 -28.08 -27.81
C PRO I 141 18.15 -29.16 -28.87
N ASN I 142 16.89 -29.54 -29.05
CA ASN I 142 16.53 -30.70 -29.85
C ASN I 142 15.15 -30.50 -30.43
N VAL I 143 15.04 -30.55 -31.77
CA VAL I 143 13.78 -30.26 -32.46
C VAL I 143 12.68 -31.25 -32.08
N GLN I 144 13.01 -32.54 -32.16
CA GLN I 144 12.04 -33.59 -31.80
C GLN I 144 11.49 -33.37 -30.38
N LYS I 145 12.38 -33.03 -29.45
CA LYS I 145 11.97 -32.76 -28.06
C LYS I 145 11.00 -31.59 -27.98
N ASP I 146 11.25 -30.53 -28.76
CA ASP I 146 10.38 -29.36 -28.80
C ASP I 146 9.03 -29.66 -29.41
N LEU I 147 9.02 -30.51 -30.44
CA LEU I 147 7.77 -30.94 -31.07
C LEU I 147 6.91 -31.76 -30.09
N GLU I 148 7.56 -32.49 -29.20
CA GLU I 148 6.88 -33.21 -28.11
C GLU I 148 6.26 -32.23 -27.11
N ARG I 149 7.04 -31.21 -26.70
CA ARG I 149 6.55 -30.18 -25.78
C ARG I 149 5.34 -29.45 -26.35
N LEU I 150 5.49 -28.94 -27.57
CA LEU I 150 4.42 -28.21 -28.24
C LEU I 150 3.11 -29.01 -28.25
N THR I 151 3.20 -30.26 -28.70
CA THR I 151 2.05 -31.15 -28.79
C THR I 151 1.31 -31.32 -27.47
N GLN I 152 2.06 -31.40 -26.36
CA GLN I 152 1.46 -31.52 -25.03
C GLN I 152 0.64 -30.29 -24.65
N GLU I 153 1.15 -29.11 -25.01
CA GLU I 153 0.44 -27.84 -24.74
C GLU I 153 -0.43 -27.47 -25.93
N MET J 1 -26.20 32.06 -28.59
CA MET J 1 -25.14 30.99 -28.63
C MET J 1 -24.57 30.73 -27.23
N ASP J 2 -24.78 29.53 -26.72
CA ASP J 2 -24.30 29.18 -25.38
C ASP J 2 -22.80 28.93 -25.33
N VAL J 3 -22.17 29.35 -24.25
CA VAL J 3 -20.81 28.96 -23.93
C VAL J 3 -20.83 28.35 -22.54
N PHE J 4 -19.99 27.34 -22.33
CA PHE J 4 -19.99 26.58 -21.09
C PHE J 4 -18.65 26.77 -20.38
N LEU J 5 -18.74 27.04 -19.08
CA LEU J 5 -17.62 27.58 -18.33
C LEU J 5 -17.35 26.83 -17.05
N MET J 6 -16.09 26.86 -16.63
CA MET J 6 -15.70 26.56 -15.26
C MET J 6 -15.12 27.85 -14.69
N ILE J 7 -15.78 28.39 -13.66
CA ILE J 7 -15.27 29.58 -12.97
C ILE J 7 -14.50 29.08 -11.75
N ARG J 8 -13.21 29.37 -11.69
CA ARG J 8 -12.36 28.73 -10.72
C ARG J 8 -11.54 29.70 -9.86
N ARG J 9 -11.66 29.54 -8.54
CA ARG J 9 -10.80 30.21 -7.57
C ARG J 9 -10.34 29.18 -6.55
N HIS J 10 -9.04 29.13 -6.31
CA HIS J 10 -8.48 28.26 -5.26
C HIS J 10 -8.90 26.79 -5.44
N LYS J 11 -9.74 26.25 -4.57
CA LYS J 11 -10.28 24.88 -4.77
C LYS J 11 -11.80 24.92 -4.98
N THR J 12 -12.27 26.02 -5.56
CA THR J 12 -13.67 26.18 -5.91
C THR J 12 -13.76 26.19 -7.42
N THR J 13 -14.68 25.40 -7.95
CA THR J 13 -14.95 25.36 -9.39
C THR J 13 -16.46 25.39 -9.63
N ILE J 14 -16.94 26.51 -10.19
CA ILE J 14 -18.35 26.64 -10.55
C ILE J 14 -18.56 26.29 -12.02
N PHE J 15 -19.45 25.33 -12.28
CA PHE J 15 -19.88 24.99 -13.64
C PHE J 15 -21.15 25.75 -14.00
N THR J 16 -21.06 26.63 -14.98
CA THR J 16 -22.25 27.32 -15.48
C THR J 16 -22.12 27.65 -16.94
N ASP J 17 -23.23 28.03 -17.54
CA ASP J 17 -23.24 28.51 -18.92
C ASP J 17 -23.78 29.93 -18.98
N ALA J 18 -23.60 30.54 -20.15
CA ALA J 18 -24.06 31.89 -20.41
C ALA J 18 -24.06 32.10 -21.91
N LYS J 19 -24.56 33.25 -22.35
CA LYS J 19 -24.59 33.54 -23.77
C LYS J 19 -23.27 34.15 -24.22
N GLU J 20 -22.87 33.82 -25.45
CA GLU J 20 -21.69 34.42 -26.08
C GLU J 20 -21.76 35.95 -26.03
N SER J 21 -22.98 36.49 -26.14
CA SER J 21 -23.22 37.93 -26.12
C SER J 21 -23.35 38.52 -24.71
N SER J 22 -23.41 37.67 -23.69
CA SER J 22 -23.56 38.16 -22.32
C SER J 22 -22.25 38.78 -21.84
N THR J 23 -22.34 39.62 -20.81
CA THR J 23 -21.20 40.41 -20.36
C THR J 23 -20.43 39.75 -19.24
N VAL J 24 -19.22 40.24 -19.01
CA VAL J 24 -18.40 39.83 -17.88
C VAL J 24 -19.10 40.18 -16.56
N PHE J 25 -19.76 41.33 -16.51
CA PHE J 25 -20.47 41.74 -15.29
C PHE J 25 -21.58 40.75 -14.96
N GLU J 26 -22.35 40.37 -15.98
CA GLU J 26 -23.46 39.42 -15.81
C GLU J 26 -22.96 38.07 -15.28
N LEU J 27 -21.74 37.73 -15.65
CA LEU J 27 -21.06 36.55 -15.12
C LEU J 27 -20.70 36.72 -13.65
N LYS J 28 -20.30 37.93 -13.26
CA LYS J 28 -20.03 38.24 -11.86
C LYS J 28 -21.28 38.17 -11.00
N ARG J 29 -22.42 38.56 -11.56
CA ARG J 29 -23.72 38.43 -10.87
C ARG J 29 -24.00 36.98 -10.50
N ILE J 30 -23.69 36.07 -11.42
CA ILE J 30 -23.90 34.64 -11.20
C ILE J 30 -23.01 34.15 -10.06
N VAL J 31 -21.75 34.57 -10.06
CA VAL J 31 -20.83 34.25 -8.98
C VAL J 31 -21.37 34.80 -7.66
N GLU J 32 -21.86 36.03 -7.69
CA GLU J 32 -22.44 36.65 -6.49
C GLU J 32 -23.51 35.78 -5.86
N GLY J 33 -24.46 35.32 -6.65
CA GLY J 33 -25.56 34.51 -6.15
C GLY J 33 -25.07 33.24 -5.46
N ILE J 34 -23.99 32.67 -5.99
CA ILE J 34 -23.46 31.41 -5.49
C ILE J 34 -22.55 31.63 -4.28
N LEU J 35 -21.48 32.41 -4.46
CA LEU J 35 -20.45 32.60 -3.43
C LEU J 35 -20.67 33.82 -2.52
N LYS J 36 -21.78 34.53 -2.71
CA LYS J 36 -22.20 35.61 -1.80
C LYS J 36 -21.19 36.76 -1.69
N ARG J 37 -20.70 37.21 -2.84
CA ARG J 37 -19.77 38.34 -2.93
C ARG J 37 -20.16 39.25 -4.08
N PRO J 38 -20.34 40.56 -3.82
CA PRO J 38 -20.78 41.47 -4.88
C PRO J 38 -19.75 41.61 -6.02
N PRO J 39 -20.22 41.92 -7.24
CA PRO J 39 -19.37 42.11 -8.42
C PRO J 39 -18.14 43.00 -8.22
N ASP J 40 -18.30 44.12 -7.53
CA ASP J 40 -17.18 45.03 -7.26
C ASP J 40 -16.04 44.42 -6.44
N GLU J 41 -16.32 43.31 -5.76
CA GLU J 41 -15.32 42.58 -4.97
C GLU J 41 -14.74 41.36 -5.72
N GLN J 42 -15.03 41.22 -7.02
CA GLN J 42 -14.52 40.11 -7.84
C GLN J 42 -13.63 40.59 -8.97
N ARG J 43 -12.60 39.82 -9.27
CA ARG J 43 -11.85 39.97 -10.52
C ARG J 43 -11.94 38.66 -11.29
N LEU J 44 -12.39 38.74 -12.54
CA LEU J 44 -12.44 37.57 -13.43
C LEU J 44 -11.29 37.66 -14.41
N TYR J 45 -10.77 36.50 -14.81
CA TYR J 45 -9.60 36.43 -15.67
C TYR J 45 -9.80 35.42 -16.79
N LYS J 46 -9.28 35.73 -17.97
CA LYS J 46 -9.02 34.73 -18.98
C LYS J 46 -7.50 34.52 -18.97
N ASP J 47 -7.08 33.36 -18.47
CA ASP J 47 -5.67 33.11 -18.16
C ASP J 47 -5.16 34.19 -17.20
N ASP J 48 -4.18 34.99 -17.61
CA ASP J 48 -3.67 36.06 -16.75
C ASP J 48 -4.32 37.41 -17.06
N GLN J 49 -5.21 37.45 -18.05
CA GLN J 49 -5.81 38.70 -18.52
C GLN J 49 -7.08 39.11 -17.76
N LEU J 50 -7.00 40.24 -17.06
CA LEU J 50 -8.15 40.82 -16.36
C LEU J 50 -9.27 41.18 -17.33
N LEU J 51 -10.51 40.85 -16.95
CA LEU J 51 -11.67 41.04 -17.83
C LEU J 51 -12.47 42.27 -17.42
N ASP J 52 -12.80 43.12 -18.39
CA ASP J 52 -13.60 44.32 -18.15
C ASP J 52 -15.09 43.97 -18.12
N ASP J 53 -15.81 44.57 -17.17
CA ASP J 53 -17.25 44.34 -17.02
C ASP J 53 -18.05 44.48 -18.31
N GLY J 54 -17.79 45.55 -19.05
CA GLY J 54 -18.60 45.91 -20.21
C GLY J 54 -18.43 45.03 -21.44
N LYS J 55 -17.37 44.23 -21.47
CA LYS J 55 -17.04 43.41 -22.63
C LYS J 55 -17.87 42.15 -22.63
N THR J 56 -18.21 41.65 -23.83
CA THR J 56 -18.95 40.39 -23.95
C THR J 56 -17.98 39.22 -23.86
N LEU J 57 -18.51 38.05 -23.53
CA LEU J 57 -17.69 36.85 -23.43
C LEU J 57 -17.10 36.49 -24.80
N GLY J 58 -17.88 36.71 -25.86
CA GLY J 58 -17.42 36.48 -27.22
C GLY J 58 -16.22 37.33 -27.62
N GLU J 59 -16.21 38.58 -27.15
CA GLU J 59 -15.06 39.46 -27.36
C GLU J 59 -13.82 38.98 -26.60
N CAS J 60 -14.05 38.46 -25.39
CA CAS J 60 -12.97 37.92 -24.58
CB CAS J 60 -13.36 37.95 -23.09
C CAS J 60 -12.60 36.52 -24.99
O CAS J 60 -11.82 35.86 -24.31
SG CAS J 60 -13.55 39.60 -22.51
AS CAS J 60 -11.60 40.60 -22.99
CE1 CAS J 60 -12.02 42.05 -24.28
CE2 CAS J 60 -10.74 41.42 -21.40
N GLY J 61 -13.15 36.04 -26.10
CA GLY J 61 -12.67 34.81 -26.72
C GLY J 61 -13.33 33.54 -26.22
N PHE J 62 -14.44 33.67 -25.51
CA PHE J 62 -15.22 32.50 -25.11
C PHE J 62 -16.29 32.27 -26.17
N THR J 63 -16.09 31.25 -27.00
CA THR J 63 -17.02 30.92 -28.08
C THR J 63 -17.67 29.56 -27.90
N SER J 64 -18.79 29.35 -28.58
CA SER J 64 -19.54 28.09 -28.54
C SER J 64 -18.66 26.91 -28.86
N GLN J 65 -17.81 27.06 -29.86
CA GLN J 65 -17.02 25.95 -30.39
C GLN J 65 -15.73 25.71 -29.63
N THR J 66 -15.39 26.58 -28.68
CA THR J 66 -14.27 26.34 -27.77
C THR J 66 -14.75 26.02 -26.35
N ALA J 67 -15.64 26.85 -25.82
CA ALA J 67 -16.23 26.61 -24.50
C ALA J 67 -17.40 25.64 -24.59
N ARG J 68 -17.09 24.35 -24.72
CA ARG J 68 -18.09 23.32 -25.01
C ARG J 68 -18.67 22.72 -23.73
N PRO J 69 -19.87 22.11 -23.79
CA PRO J 69 -20.44 21.46 -22.61
C PRO J 69 -19.50 20.42 -22.00
N GLN J 70 -18.92 19.57 -22.86
CA GLN J 70 -18.06 18.48 -22.42
C GLN J 70 -16.58 18.87 -22.28
N ALA J 71 -16.25 20.12 -22.62
CA ALA J 71 -14.90 20.67 -22.48
C ALA J 71 -15.02 22.17 -22.28
N PRO J 72 -15.51 22.57 -21.10
CA PRO J 72 -15.83 23.97 -20.81
C PRO J 72 -14.59 24.83 -20.60
N ALA J 73 -14.68 26.11 -20.97
CA ALA J 73 -13.56 27.04 -20.83
C ALA J 73 -13.42 27.48 -19.37
N THR J 74 -12.19 27.81 -18.97
CA THR J 74 -11.92 28.21 -17.59
C THR J 74 -11.92 29.74 -17.48
N VAL J 75 -12.57 30.24 -16.42
CA VAL J 75 -12.53 31.66 -16.07
C VAL J 75 -11.94 31.77 -14.68
N GLY J 76 -10.84 32.53 -14.54
CA GLY J 76 -10.19 32.71 -13.24
C GLY J 76 -10.96 33.69 -12.38
N LEU J 77 -10.95 33.46 -11.06
CA LEU J 77 -11.69 34.29 -10.11
C LEU J 77 -10.80 34.62 -8.92
N ALA J 78 -10.87 35.88 -8.47
CA ALA J 78 -10.06 36.37 -7.37
C ALA J 78 -10.88 37.37 -6.60
N PHE J 79 -10.95 37.21 -5.27
CA PHE J 79 -11.73 38.12 -4.42
C PHE J 79 -10.90 39.26 -3.80
N ARG J 80 -11.61 40.30 -3.36
CA ARG J 80 -11.00 41.32 -2.53
C ARG J 80 -11.04 40.84 -1.09
N ALA J 81 -9.93 41.00 -0.38
CA ALA J 81 -9.85 40.65 1.03
C ALA J 81 -9.14 41.75 1.79
N ASP J 82 -9.93 42.65 2.39
CA ASP J 82 -9.40 43.82 3.13
C ASP J 82 -8.62 44.77 2.23
N ASP J 83 -9.35 45.67 1.58
CA ASP J 83 -8.74 46.79 0.83
C ASP J 83 -8.20 46.36 -0.53
N THR J 84 -7.28 45.39 -0.55
CA THR J 84 -6.62 44.94 -1.79
C THR J 84 -7.11 43.56 -2.24
N PHE J 85 -7.00 43.29 -3.53
CA PHE J 85 -7.34 41.99 -4.12
C PHE J 85 -6.23 40.97 -3.90
N GLU J 86 -6.62 39.73 -3.65
CA GLU J 86 -5.69 38.61 -3.61
C GLU J 86 -5.22 38.29 -5.02
N ALA J 87 -4.05 37.65 -5.14
CA ALA J 87 -3.56 37.21 -6.44
C ALA J 87 -4.41 36.05 -6.97
N LEU J 88 -4.55 35.98 -8.29
CA LEU J 88 -5.26 34.88 -8.94
C LEU J 88 -4.58 33.57 -8.62
N CAS J 89 -5.32 32.62 -8.08
CA CAS J 89 -4.75 31.32 -7.72
CB CAS J 89 -4.29 31.39 -6.27
C CAS J 89 -5.75 30.22 -7.97
O CAS J 89 -6.85 30.26 -7.43
SG CAS J 89 -4.29 29.80 -5.50
AS CAS J 89 -2.32 28.96 -6.14
CE1 CAS J 89 -1.60 29.86 -7.77
CE2 CAS J 89 -1.04 29.22 -4.63
N ILE J 90 -5.37 29.26 -8.81
CA ILE J 90 -6.23 28.12 -9.12
C ILE J 90 -5.49 26.83 -8.79
N GLU J 91 -5.91 26.16 -7.73
CA GLU J 91 -5.35 24.85 -7.39
C GLU J 91 -5.67 23.88 -8.51
N PRO J 92 -4.65 23.21 -9.07
CA PRO J 92 -4.93 22.23 -10.11
C PRO J 92 -5.65 21.00 -9.57
N PHE J 93 -6.33 20.26 -10.44
CA PHE J 93 -6.95 19.00 -10.03
C PHE J 93 -5.87 17.96 -9.77
N SER J 94 -6.26 16.85 -9.17
CA SER J 94 -5.32 15.78 -8.85
C SER J 94 -4.72 15.17 -10.12
N SER J 95 -3.56 14.53 -9.97
CA SER J 95 -2.91 13.85 -11.08
C SER J 95 -3.39 12.40 -11.13
N PRO J 96 -3.86 11.94 -12.30
CA PRO J 96 -4.20 10.54 -12.40
C PRO J 96 -2.95 9.67 -12.31
N PRO J 97 -3.10 8.38 -12.00
CA PRO J 97 -1.92 7.51 -11.87
C PRO J 97 -1.32 7.12 -13.23
N GLU J 98 -0.23 6.36 -13.20
CA GLU J 98 0.37 5.82 -14.42
C GLU J 98 -0.62 4.85 -15.06
N LEU J 99 -0.70 4.85 -16.39
CA LEU J 99 -1.47 3.83 -17.09
C LEU J 99 -0.98 2.44 -16.72
N PRO J 100 -1.87 1.57 -16.25
CA PRO J 100 -1.46 0.20 -15.93
C PRO J 100 -0.83 -0.53 -17.11
N ASP J 101 -0.11 -1.61 -16.82
CA ASP J 101 0.52 -2.43 -17.84
C ASP J 101 -0.38 -2.62 -19.07
N VAL J 102 -1.62 -3.03 -18.82
CA VAL J 102 -2.53 -3.47 -19.89
C VAL J 102 -3.20 -2.33 -20.69
N MET J 103 -2.96 -1.07 -20.32
CA MET J 103 -3.49 0.09 -21.04
C MET J 103 -2.37 0.93 -21.67
N MET K 1 -32.07 30.38 -9.81
CA MET K 1 -31.27 29.21 -10.28
C MET K 1 -30.57 28.57 -9.09
N MET K 2 -30.88 27.30 -8.82
CA MET K 2 -30.33 26.60 -7.66
C MET K 2 -29.14 25.72 -8.02
N TYR K 3 -28.18 25.67 -7.08
CA TYR K 3 -26.92 24.98 -7.26
C TYR K 3 -26.70 24.00 -6.12
N VAL K 4 -25.73 23.10 -6.30
CA VAL K 4 -25.35 22.14 -5.26
C VAL K 4 -23.84 22.02 -5.25
N LYS K 5 -23.29 21.55 -4.14
CA LYS K 5 -21.85 21.41 -3.99
C LYS K 5 -21.45 19.93 -3.94
N LEU K 6 -20.63 19.52 -4.91
CA LEU K 6 -20.04 18.18 -4.93
C LEU K 6 -18.57 18.27 -4.55
N ILE K 7 -18.19 17.66 -3.42
CA ILE K 7 -16.83 17.78 -2.89
C ILE K 7 -16.02 16.51 -3.12
N SER K 8 -14.85 16.68 -3.75
CA SER K 8 -14.02 15.53 -4.10
C SER K 8 -13.18 15.06 -2.92
N SER K 9 -12.50 13.93 -3.09
CA SER K 9 -11.68 13.35 -2.01
C SER K 9 -10.49 14.24 -1.66
N ASP K 10 -9.90 14.87 -2.67
CA ASP K 10 -8.79 15.80 -2.48
C ASP K 10 -9.25 17.22 -2.13
N GLY K 11 -10.53 17.39 -1.77
CA GLY K 11 -11.02 18.63 -1.19
C GLY K 11 -11.53 19.68 -2.16
N HIS K 12 -11.58 19.35 -3.45
CA HIS K 12 -12.11 20.28 -4.46
C HIS K 12 -13.63 20.36 -4.36
N GLU K 13 -14.15 21.57 -4.41
CA GLU K 13 -15.59 21.81 -4.30
C GLU K 13 -16.14 22.19 -5.67
N PHE K 14 -17.04 21.38 -6.19
CA PHE K 14 -17.63 21.60 -7.49
C PHE K 14 -19.07 22.04 -7.34
N ILE K 15 -19.38 23.26 -7.79
CA ILE K 15 -20.72 23.79 -7.69
C ILE K 15 -21.41 23.72 -9.05
N VAL K 16 -22.44 22.87 -9.13
CA VAL K 16 -23.22 22.69 -10.36
C VAL K 16 -24.70 22.91 -10.09
N LYS K 17 -25.47 23.17 -11.15
CA LYS K 17 -26.90 23.39 -11.01
C LYS K 17 -27.60 22.15 -10.49
N ARG K 18 -28.69 22.35 -9.77
CA ARG K 18 -29.45 21.24 -9.20
C ARG K 18 -29.93 20.33 -10.33
N GLU K 19 -30.63 20.93 -11.29
CA GLU K 19 -31.14 20.20 -12.45
C GLU K 19 -30.08 19.25 -13.04
N HIS K 20 -28.84 19.71 -13.12
CA HIS K 20 -27.75 18.92 -13.69
C HIS K 20 -27.32 17.76 -12.80
N ALA K 21 -27.22 18.01 -11.49
CA ALA K 21 -26.82 16.97 -10.55
C ALA K 21 -27.86 15.85 -10.48
N LEU K 22 -29.14 16.22 -10.63
CA LEU K 22 -30.24 15.24 -10.57
C LEU K 22 -30.31 14.33 -11.81
N THR K 23 -29.40 14.53 -12.75
CA THR K 23 -29.04 13.50 -13.72
C THR K 23 -28.69 12.17 -13.05
N SER K 24 -27.99 12.25 -11.91
CA SER K 24 -27.63 11.08 -11.14
C SER K 24 -28.72 10.77 -10.14
N GLY K 25 -29.28 9.56 -10.24
CA GLY K 25 -30.25 9.08 -9.24
C GLY K 25 -29.60 8.96 -7.87
N THR K 26 -28.34 8.53 -7.86
CA THR K 26 -27.58 8.38 -6.62
C THR K 26 -27.44 9.70 -5.88
N ILE K 27 -27.15 10.77 -6.62
CA ILE K 27 -27.07 12.12 -6.05
C ILE K 27 -28.45 12.61 -5.60
N LYS K 28 -29.47 12.35 -6.41
CA LYS K 28 -30.83 12.74 -6.08
C LYS K 28 -31.28 12.15 -4.74
N ALA K 29 -30.77 10.96 -4.43
CA ALA K 29 -31.02 10.32 -3.15
C ALA K 29 -30.20 10.97 -2.03
N MET K 30 -28.91 11.20 -2.29
CA MET K 30 -28.02 11.81 -1.31
C MET K 30 -28.49 13.19 -0.89
N LEU K 31 -29.04 13.94 -1.84
CA LEU K 31 -29.58 15.26 -1.54
C LEU K 31 -30.93 15.14 -0.82
N SER K 32 -31.79 14.25 -1.30
CA SER K 32 -33.08 13.99 -0.67
C SER K 32 -32.93 12.99 0.48
N THR K 42 -28.43 18.14 2.48
CA THR K 42 -29.46 18.72 1.63
C THR K 42 -28.86 19.47 0.43
N ASN K 43 -27.87 20.34 0.67
CA ASN K 43 -27.24 21.14 -0.40
C ASN K 43 -25.83 20.69 -0.81
N GLU K 44 -25.11 19.98 0.07
CA GLU K 44 -23.75 19.50 -0.21
C GLU K 44 -23.68 17.97 -0.24
N VAL K 45 -22.64 17.44 -0.90
CA VAL K 45 -22.39 15.99 -0.92
C VAL K 45 -20.88 15.71 -0.98
N ASN K 46 -20.41 14.82 -0.11
CA ASN K 46 -19.00 14.44 -0.02
C ASN K 46 -18.70 13.08 -0.61
N PHE K 47 -17.82 13.05 -1.62
CA PHE K 47 -17.38 11.81 -2.26
C PHE K 47 -15.93 11.53 -1.89
N ARG K 48 -15.73 10.77 -0.81
CA ARG K 48 -14.39 10.53 -0.27
C ARG K 48 -13.50 9.58 -1.10
N GLU K 49 -14.06 8.92 -2.12
CA GLU K 49 -13.24 8.05 -2.98
C GLU K 49 -13.28 8.45 -4.45
N ILE K 50 -13.67 9.69 -4.73
CA ILE K 50 -13.64 10.23 -6.09
C ILE K 50 -12.75 11.47 -6.09
N PRO K 51 -11.55 11.36 -6.68
CA PRO K 51 -10.67 12.53 -6.74
C PRO K 51 -11.16 13.58 -7.75
N SER K 52 -10.54 14.76 -7.72
CA SER K 52 -11.00 15.91 -8.49
C SER K 52 -10.89 15.69 -10.00
N HIS K 53 -9.83 15.02 -10.45
CA HIS K 53 -9.66 14.76 -11.89
C HIS K 53 -10.74 13.85 -12.46
N VAL K 54 -11.42 13.11 -11.58
CA VAL K 54 -12.59 12.30 -11.96
C VAL K 54 -13.87 13.10 -11.79
N LEU K 55 -14.08 13.68 -10.61
CA LEU K 55 -15.32 14.39 -10.32
C LEU K 55 -15.53 15.59 -11.25
N SER K 56 -14.45 16.20 -11.72
CA SER K 56 -14.56 17.30 -12.69
C SER K 56 -15.17 16.81 -14.00
N LYS K 57 -14.77 15.62 -14.45
CA LYS K 57 -15.32 15.03 -15.66
C LYS K 57 -16.77 14.62 -15.49
N VAL K 58 -17.13 14.14 -14.29
CA VAL K 58 -18.51 13.81 -13.99
C VAL K 58 -19.37 15.05 -14.18
N CYS K 59 -18.93 16.17 -13.63
CA CYS K 59 -19.66 17.42 -13.75
C CYS K 59 -19.80 17.83 -15.21
N MET K 60 -18.71 17.69 -15.96
CA MET K 60 -18.76 17.96 -17.39
C MET K 60 -19.80 17.09 -18.09
N TYR K 61 -19.87 15.80 -17.70
CA TYR K 61 -20.84 14.88 -18.27
C TYR K 61 -22.27 15.34 -18.04
N PHE K 62 -22.58 15.82 -16.83
CA PHE K 62 -23.90 16.38 -16.54
C PHE K 62 -24.26 17.46 -17.56
N THR K 63 -23.36 18.42 -17.73
CA THR K 63 -23.58 19.52 -18.66
C THR K 63 -23.89 18.98 -20.06
N TYR K 64 -23.05 18.04 -20.49
CA TYR K 64 -23.18 17.36 -21.77
C TYR K 64 -24.54 16.68 -21.93
N LYS K 65 -24.91 15.87 -20.94
CA LYS K 65 -26.18 15.15 -20.99
C LYS K 65 -27.39 16.09 -21.11
N VAL K 66 -27.45 17.08 -20.23
CA VAL K 66 -28.58 18.03 -20.24
C VAL K 66 -28.65 18.80 -21.55
N ARG K 67 -27.48 19.12 -22.11
CA ARG K 67 -27.43 19.87 -23.35
C ARG K 67 -27.95 19.04 -24.53
N TYR K 68 -27.49 17.79 -24.64
CA TYR K 68 -27.73 17.00 -25.83
C TYR K 68 -28.84 15.95 -25.72
N THR K 69 -29.51 15.86 -24.57
CA THR K 69 -30.63 14.95 -24.43
C THR K 69 -31.81 15.47 -25.25
N ASN K 70 -32.46 14.57 -25.98
CA ASN K 70 -33.53 14.90 -26.95
C ASN K 70 -33.30 16.22 -27.70
N SER K 71 -32.22 16.27 -28.47
CA SER K 71 -31.84 17.46 -29.22
C SER K 71 -31.76 17.17 -30.71
N SER K 72 -31.91 18.21 -31.53
CA SER K 72 -31.90 18.09 -32.99
C SER K 72 -30.48 18.20 -33.56
N THR K 73 -29.66 19.10 -32.99
CA THR K 73 -28.27 19.28 -33.42
C THR K 73 -27.44 18.03 -33.19
N GLU K 74 -26.57 17.72 -34.14
CA GLU K 74 -25.70 16.55 -34.09
C GLU K 74 -24.93 16.48 -32.78
N ILE K 75 -24.88 15.29 -32.19
CA ILE K 75 -24.26 15.11 -30.89
C ILE K 75 -22.80 14.74 -31.08
N PRO K 76 -21.90 15.39 -30.35
CA PRO K 76 -20.49 15.02 -30.40
C PRO K 76 -20.15 13.93 -29.36
N GLU K 77 -19.03 13.27 -29.58
CA GLU K 77 -18.55 12.26 -28.66
C GLU K 77 -18.19 12.90 -27.32
N PHE K 78 -18.46 12.19 -26.23
CA PHE K 78 -17.98 12.59 -24.92
C PHE K 78 -16.57 12.04 -24.74
N PRO K 79 -15.57 12.93 -24.67
CA PRO K 79 -14.18 12.47 -24.62
C PRO K 79 -13.77 12.00 -23.23
N ILE K 80 -12.95 10.95 -23.17
CA ILE K 80 -12.42 10.44 -21.92
C ILE K 80 -10.97 9.99 -22.17
N ALA K 81 -10.04 10.69 -21.53
CA ALA K 81 -8.62 10.37 -21.68
C ALA K 81 -8.33 9.01 -21.08
N PRO K 82 -7.52 8.18 -21.78
CA PRO K 82 -7.20 6.84 -21.30
C PRO K 82 -6.78 6.78 -19.82
N GLU K 83 -6.06 7.81 -19.36
CA GLU K 83 -5.49 7.83 -18.01
C GLU K 83 -6.56 7.86 -16.91
N ILE K 84 -7.69 8.50 -17.17
CA ILE K 84 -8.76 8.62 -16.17
C ILE K 84 -9.93 7.65 -16.36
N ALA K 85 -9.88 6.81 -17.40
CA ALA K 85 -11.00 5.94 -17.76
C ALA K 85 -11.42 4.94 -16.67
N LEU K 86 -10.45 4.29 -16.04
CA LEU K 86 -10.77 3.32 -14.99
C LEU K 86 -11.51 3.95 -13.82
N GLU K 87 -10.94 5.03 -13.28
CA GLU K 87 -11.52 5.67 -12.11
C GLU K 87 -12.86 6.30 -12.42
N LEU K 88 -13.00 6.83 -13.63
CA LEU K 88 -14.27 7.40 -14.07
C LEU K 88 -15.34 6.31 -14.19
N LEU K 89 -14.93 5.13 -14.66
CA LEU K 89 -15.80 3.95 -14.70
C LEU K 89 -16.35 3.60 -13.32
N MET K 90 -15.46 3.58 -12.32
CA MET K 90 -15.84 3.29 -10.93
C MET K 90 -16.83 4.31 -10.39
N ALA K 91 -16.56 5.58 -10.68
CA ALA K 91 -17.44 6.66 -10.23
C ALA K 91 -18.81 6.56 -10.90
N ALA K 92 -18.81 6.33 -12.21
CA ALA K 92 -20.04 6.24 -12.99
C ALA K 92 -20.93 5.12 -12.50
N ASN K 93 -20.33 3.98 -12.16
CA ASN K 93 -21.06 2.85 -11.59
C ASN K 93 -21.81 3.28 -10.33
N PHE K 94 -21.06 3.90 -9.41
CA PHE K 94 -21.60 4.39 -8.14
C PHE K 94 -22.75 5.39 -8.33
N LEU K 95 -22.54 6.38 -9.20
CA LEU K 95 -23.51 7.45 -9.41
C LEU K 95 -24.71 7.05 -10.29
N ASP K 96 -24.60 5.93 -11.00
CA ASP K 96 -25.64 5.47 -11.93
C ASP K 96 -25.95 6.50 -13.02
N CYS K 97 -24.92 7.20 -13.48
CA CYS K 97 -25.05 8.15 -14.59
C CYS K 97 -24.35 7.62 -15.84
N VAL L 11 -40.56 -12.62 -34.63
CA VAL L 11 -41.33 -11.36 -34.40
C VAL L 11 -40.70 -10.22 -35.21
N LEU L 12 -39.52 -9.75 -34.81
CA LEU L 12 -38.84 -8.65 -35.53
C LEU L 12 -38.16 -9.13 -36.81
N ARG L 13 -38.81 -8.86 -37.94
CA ARG L 13 -38.27 -9.22 -39.24
C ARG L 13 -38.75 -8.23 -40.30
N SER L 14 -38.19 -8.33 -41.50
CA SER L 14 -38.66 -7.54 -42.64
C SER L 14 -39.92 -8.16 -43.23
N VAL L 15 -40.83 -7.30 -43.69
CA VAL L 15 -42.00 -7.73 -44.45
C VAL L 15 -41.59 -7.81 -45.91
N ASN L 16 -42.06 -8.84 -46.61
CA ASN L 16 -41.70 -9.04 -48.01
C ASN L 16 -42.69 -8.35 -48.96
N SER L 17 -42.61 -7.01 -49.00
CA SER L 17 -43.57 -6.18 -49.74
C SER L 17 -43.25 -6.03 -51.22
N ARG L 18 -41.95 -6.10 -51.56
CA ARG L 18 -41.47 -5.85 -52.93
C ARG L 18 -41.82 -4.45 -53.44
N GLU L 19 -42.02 -3.51 -52.52
CA GLU L 19 -42.35 -2.13 -52.87
C GLU L 19 -41.14 -1.26 -52.61
N PRO L 20 -40.42 -0.86 -53.68
CA PRO L 20 -39.20 -0.07 -53.52
C PRO L 20 -39.39 1.17 -52.66
N SER L 21 -38.39 1.45 -51.84
CA SER L 21 -38.32 2.69 -51.10
C SER L 21 -36.87 3.15 -51.14
N GLN L 22 -36.65 4.31 -51.75
CA GLN L 22 -35.33 4.92 -51.79
C GLN L 22 -35.11 5.66 -50.49
N VAL L 23 -33.90 5.52 -49.93
CA VAL L 23 -33.56 6.02 -48.60
C VAL L 23 -32.18 6.68 -48.65
N ILE L 24 -31.93 7.63 -47.76
CA ILE L 24 -30.60 8.17 -47.55
C ILE L 24 -30.09 7.76 -46.16
N PHE L 25 -29.05 6.93 -46.12
CA PHE L 25 -28.34 6.67 -44.88
C PHE L 25 -27.40 7.86 -44.69
N CAS L 26 -27.64 8.64 -43.64
CA CAS L 26 -26.86 9.84 -43.40
CB CAS L 26 -27.83 11.01 -43.49
C CAS L 26 -26.19 9.68 -42.05
O CAS L 26 -26.85 9.71 -41.01
SG CAS L 26 -27.08 12.52 -43.02
AS CAS L 26 -25.41 12.76 -44.48
CE1 CAS L 26 -26.07 13.06 -46.32
CE2 CAS L 26 -24.39 14.40 -44.05
N ASN L 27 -24.88 9.50 -42.07
CA ASN L 27 -24.10 9.27 -40.85
C ASN L 27 -23.68 10.59 -40.20
N ARG L 28 -24.52 11.07 -39.28
CA ARG L 28 -24.20 12.25 -38.49
C ARG L 28 -23.62 11.83 -37.14
N SER L 29 -22.69 10.89 -37.16
CA SER L 29 -22.01 10.44 -35.95
C SER L 29 -20.52 10.43 -36.22
N PRO L 30 -19.71 10.47 -35.17
CA PRO L 30 -18.27 10.34 -35.34
C PRO L 30 -17.80 8.89 -35.49
N ARG L 31 -18.72 7.93 -35.55
CA ARG L 31 -18.36 6.52 -35.69
C ARG L 31 -18.51 6.04 -37.13
N VAL L 32 -17.71 5.03 -37.48
CA VAL L 32 -17.88 4.29 -38.71
C VAL L 32 -19.14 3.46 -38.51
N VAL L 33 -20.15 3.68 -39.35
CA VAL L 33 -21.46 3.05 -39.16
C VAL L 33 -21.62 1.77 -39.98
N LEU L 34 -22.08 0.71 -39.32
CA LEU L 34 -22.50 -0.53 -39.96
C LEU L 34 -24.04 -0.57 -40.01
N PRO L 35 -24.63 -0.41 -41.20
CA PRO L 35 -26.08 -0.65 -41.33
C PRO L 35 -26.38 -2.13 -41.30
N VAL L 36 -27.46 -2.51 -40.62
CA VAL L 36 -27.81 -3.91 -40.44
C VAL L 36 -29.27 -4.14 -40.87
N TRP L 37 -29.46 -4.90 -41.94
CA TRP L 37 -30.80 -5.25 -42.41
C TRP L 37 -31.29 -6.50 -41.69
N LEU L 38 -32.51 -6.47 -41.18
CA LEU L 38 -33.12 -7.66 -40.63
C LEU L 38 -33.83 -8.38 -41.76
N ASN L 39 -33.33 -9.57 -42.11
CA ASN L 39 -33.90 -10.33 -43.22
C ASN L 39 -35.24 -10.96 -42.85
N PHE L 40 -35.84 -11.68 -43.79
CA PHE L 40 -37.23 -12.12 -43.65
C PHE L 40 -37.44 -13.14 -42.54
N ASP L 41 -36.36 -13.73 -42.05
CA ASP L 41 -36.42 -14.65 -40.91
C ASP L 41 -36.07 -13.97 -39.58
N GLY L 42 -35.65 -12.71 -39.64
CA GLY L 42 -35.27 -11.96 -38.44
C GLY L 42 -33.78 -11.93 -38.17
N GLU L 43 -33.00 -12.55 -39.07
CA GLU L 43 -31.55 -12.60 -38.93
C GLU L 43 -30.90 -11.27 -39.36
N PRO L 44 -29.99 -10.73 -38.54
CA PRO L 44 -29.34 -9.48 -38.91
C PRO L 44 -28.33 -9.69 -40.04
N GLN L 45 -28.41 -8.85 -41.06
CA GLN L 45 -27.57 -8.94 -42.25
C GLN L 45 -26.80 -7.63 -42.43
N PRO L 46 -25.46 -7.68 -42.31
CA PRO L 46 -24.65 -6.47 -42.39
C PRO L 46 -24.44 -5.99 -43.82
N TYR L 47 -24.41 -4.67 -44.00
CA TYR L 47 -24.21 -4.03 -45.30
C TYR L 47 -22.98 -3.15 -45.22
N PRO L 48 -22.45 -2.69 -46.37
CA PRO L 48 -21.19 -1.93 -46.36
C PRO L 48 -21.19 -0.74 -45.40
N THR L 49 -20.03 -0.45 -44.83
CA THR L 49 -19.92 0.57 -43.79
C THR L 49 -19.93 1.98 -44.33
N LEU L 50 -20.35 2.93 -43.49
CA LEU L 50 -20.30 4.36 -43.80
C LEU L 50 -19.32 5.06 -42.88
N PRO L 51 -18.31 5.74 -43.46
CA PRO L 51 -17.43 6.56 -42.61
C PRO L 51 -18.17 7.72 -41.92
N PRO L 52 -17.56 8.28 -40.87
CA PRO L 52 -18.17 9.41 -40.17
C PRO L 52 -18.46 10.59 -41.10
N GLY L 53 -19.64 11.20 -40.95
CA GLY L 53 -20.02 12.37 -41.74
C GLY L 53 -20.42 12.15 -43.19
N THR L 54 -20.44 10.90 -43.64
CA THR L 54 -20.82 10.58 -45.03
C THR L 54 -22.28 10.15 -45.13
N GLY L 55 -22.78 10.06 -46.35
CA GLY L 55 -24.14 9.59 -46.61
C GLY L 55 -24.26 8.86 -47.94
N ARG L 56 -25.20 7.92 -48.03
CA ARG L 56 -25.39 7.14 -49.26
C ARG L 56 -26.87 6.97 -49.61
N ARG L 57 -27.17 7.08 -50.89
CA ARG L 57 -28.51 6.81 -51.39
C ARG L 57 -28.57 5.32 -51.66
N ILE L 58 -29.53 4.64 -51.03
CA ILE L 58 -29.59 3.18 -51.10
C ILE L 58 -31.00 2.70 -51.45
N HIS L 59 -31.08 1.56 -52.13
CA HIS L 59 -32.36 0.98 -52.51
C HIS L 59 -32.81 -0.05 -51.49
N SER L 60 -33.98 0.18 -50.90
CA SER L 60 -34.60 -0.75 -49.99
C SER L 60 -36.08 -0.94 -50.35
N TYR L 61 -36.90 -1.33 -49.39
CA TYR L 61 -38.29 -1.66 -49.65
C TYR L 61 -39.16 -1.28 -48.47
N ARG L 62 -40.45 -1.06 -48.71
CA ARG L 62 -41.38 -0.74 -47.64
C ARG L 62 -41.48 -1.89 -46.67
N GLY L 63 -41.60 -1.58 -45.39
CA GLY L 63 -41.76 -2.60 -44.36
C GLY L 63 -40.49 -3.35 -43.95
N HIS L 64 -39.37 -3.06 -44.60
CA HIS L 64 -38.09 -3.65 -44.19
C HIS L 64 -37.56 -2.96 -42.93
N LEU L 65 -36.85 -3.71 -42.10
CA LEU L 65 -36.34 -3.17 -40.85
C LEU L 65 -34.83 -3.00 -40.91
N TRP L 66 -34.36 -1.87 -40.40
CA TRP L 66 -32.94 -1.58 -40.31
C TRP L 66 -32.59 -1.12 -38.91
N LEU L 67 -31.35 -1.39 -38.51
CA LEU L 67 -30.76 -0.76 -37.34
C LEU L 67 -29.30 -0.47 -37.66
N PHE L 68 -28.66 0.37 -36.86
CA PHE L 68 -27.34 0.88 -37.19
C PHE L 68 -26.40 0.83 -35.98
N ARG L 69 -25.16 0.43 -36.22
CA ARG L 69 -24.17 0.20 -35.16
C ARG L 69 -22.79 0.71 -35.54
N ASP L 70 -21.97 0.97 -34.53
CA ASP L 70 -20.54 1.16 -34.73
C ASP L 70 -20.00 -0.11 -35.38
N ALA L 71 -19.22 0.04 -36.44
CA ALA L 71 -18.73 -1.10 -37.22
C ALA L 71 -17.59 -1.85 -36.53
N GLY L 72 -16.86 -1.17 -35.66
CA GLY L 72 -15.74 -1.77 -34.93
C GLY L 72 -16.15 -2.42 -33.62
N THR L 73 -17.00 -1.75 -32.86
CA THR L 73 -17.37 -2.20 -31.52
C THR L 73 -18.83 -2.65 -31.35
N HIS L 74 -19.66 -2.40 -32.35
CA HIS L 74 -21.09 -2.73 -32.30
C HIS L 74 -21.93 -1.93 -31.29
N ASP L 75 -21.37 -0.84 -30.77
CA ASP L 75 -22.13 0.07 -29.91
C ASP L 75 -23.39 0.48 -30.64
N GLY L 76 -24.49 0.58 -29.90
CA GLY L 76 -25.78 0.93 -30.49
C GLY L 76 -25.81 2.38 -30.93
N LEU L 77 -26.46 2.64 -32.06
CA LEU L 77 -26.65 3.98 -32.57
C LEU L 77 -28.14 4.21 -32.82
N LEU L 78 -28.54 5.48 -32.89
CA LEU L 78 -29.93 5.84 -33.10
C LEU L 78 -30.13 6.21 -34.54
N VAL L 79 -31.35 5.98 -35.04
CA VAL L 79 -31.73 6.36 -36.39
C VAL L 79 -33.07 7.07 -36.32
N ASN L 80 -33.07 8.35 -36.69
CA ASN L 80 -34.23 9.22 -36.49
C ASN L 80 -34.74 9.12 -35.05
N GLN L 81 -33.79 9.22 -34.11
CA GLN L 81 -34.06 9.28 -32.66
C GLN L 81 -34.53 7.97 -32.01
N THR L 82 -34.45 6.85 -32.73
CA THR L 82 -34.91 5.57 -32.19
C THR L 82 -34.10 4.39 -32.72
N GLU L 83 -34.45 3.20 -32.24
CA GLU L 83 -33.67 1.99 -32.45
C GLU L 83 -33.78 1.48 -33.88
N LEU L 84 -35.01 1.36 -34.37
CA LEU L 84 -35.28 0.73 -35.66
C LEU L 84 -35.72 1.77 -36.69
N PHE L 85 -35.39 1.50 -37.96
CA PHE L 85 -35.81 2.34 -39.07
C PHE L 85 -36.56 1.48 -40.08
N VAL L 86 -37.72 1.98 -40.54
CA VAL L 86 -38.57 1.28 -41.48
C VAL L 86 -38.88 2.20 -42.66
N PRO L 87 -38.35 1.87 -43.86
CA PRO L 87 -38.63 2.70 -45.04
C PRO L 87 -40.12 2.82 -45.34
N SER L 88 -40.60 4.06 -45.43
CA SER L 88 -42.01 4.31 -45.72
C SER L 88 -42.20 4.49 -47.24
N LEU L 89 -43.33 5.07 -47.64
CA LEU L 89 -43.64 5.34 -49.03
C LEU L 89 -43.02 6.67 -49.45
N ASN L 90 -42.41 6.72 -50.64
CA ASN L 90 -41.78 7.95 -51.15
C ASN L 90 -42.82 9.01 -51.54
N VAL L 91 -42.71 10.19 -50.94
CA VAL L 91 -43.78 11.21 -51.00
C VAL L 91 -43.97 11.89 -52.37
N ASP L 92 -42.88 12.19 -53.08
CA ASP L 92 -42.96 12.84 -54.39
C ASP L 92 -41.63 12.73 -55.13
N GLY L 93 -41.18 11.49 -55.33
CA GLY L 93 -39.83 11.22 -55.82
C GLY L 93 -38.78 11.65 -54.81
N GLN L 94 -39.15 11.61 -53.53
CA GLN L 94 -38.32 12.10 -52.44
C GLN L 94 -37.83 10.92 -51.61
N PRO L 95 -36.51 10.79 -51.44
CA PRO L 95 -36.01 9.71 -50.61
C PRO L 95 -36.29 9.98 -49.15
N ILE L 96 -36.40 8.91 -48.36
CA ILE L 96 -36.60 9.02 -46.92
C ILE L 96 -35.24 9.19 -46.28
N PHE L 97 -35.15 10.11 -45.32
CA PHE L 97 -33.90 10.34 -44.61
C PHE L 97 -33.79 9.46 -43.36
N ALA L 98 -32.72 8.68 -43.31
CA ALA L 98 -32.39 7.88 -42.13
C ALA L 98 -31.18 8.50 -41.44
N ASN L 99 -31.46 9.39 -40.49
CA ASN L 99 -30.40 10.11 -39.79
C ASN L 99 -29.83 9.31 -38.67
N ILE L 100 -28.56 8.95 -38.81
CA ILE L 100 -27.86 8.10 -37.85
C ILE L 100 -27.02 8.97 -36.92
N THR L 101 -27.23 8.82 -35.61
CA THR L 101 -26.59 9.68 -34.61
C THR L 101 -26.10 8.88 -33.42
N LEU L 102 -25.16 9.48 -32.68
CA LEU L 102 -24.81 8.97 -31.37
C LEU L 102 -25.97 9.19 -30.42
N PRO L 103 -26.29 8.19 -29.60
CA PRO L 103 -27.15 8.50 -28.48
C PRO L 103 -26.35 9.22 -27.42
N VAL L 104 -27.03 9.77 -26.43
CA VAL L 104 -26.38 10.23 -25.23
C VAL L 104 -26.18 8.97 -24.39
N TYR L 105 -25.02 8.34 -24.55
CA TYR L 105 -24.69 7.19 -23.71
C TYR L 105 -24.65 7.60 -22.24
N THR L 106 -24.87 6.64 -21.35
CA THR L 106 -24.65 6.86 -19.93
C THR L 106 -23.15 6.94 -19.74
N LEU L 107 -22.72 7.73 -18.75
CA LEU L 107 -21.31 7.84 -18.43
C LEU L 107 -20.69 6.46 -18.22
N LYS L 108 -21.41 5.58 -17.52
CA LYS L 108 -20.94 4.23 -17.28
C LYS L 108 -20.68 3.50 -18.59
N GLU L 109 -21.66 3.52 -19.49
CA GLU L 109 -21.54 2.82 -20.76
C GLU L 109 -20.41 3.43 -21.59
N ARG L 110 -20.32 4.75 -21.58
CA ARG L 110 -19.24 5.45 -22.28
C ARG L 110 -17.87 5.05 -21.72
N CYS L 111 -17.75 4.99 -20.39
CA CYS L 111 -16.50 4.55 -19.77
C CYS L 111 -16.15 3.13 -20.21
N LEU L 112 -17.13 2.24 -20.23
CA LEU L 112 -16.90 0.86 -20.64
C LEU L 112 -16.41 0.80 -22.09
N GLN L 113 -16.99 1.66 -22.96
CA GLN L 113 -16.57 1.74 -24.36
C GLN L 113 -15.09 2.06 -24.49
N VAL L 114 -14.65 3.08 -23.75
CA VAL L 114 -13.27 3.55 -23.81
C VAL L 114 -12.30 2.51 -23.25
N VAL L 115 -12.65 1.91 -22.12
CA VAL L 115 -11.79 0.91 -21.50
C VAL L 115 -11.65 -0.33 -22.40
N ARG L 116 -12.73 -0.74 -23.04
CA ARG L 116 -12.68 -1.87 -23.98
C ARG L 116 -11.71 -1.59 -25.12
N SER L 117 -11.74 -0.36 -25.66
CA SER L 117 -10.88 0.02 -26.78
C SER L 117 -9.38 0.10 -26.41
N LEU L 118 -9.08 0.14 -25.12
CA LEU L 118 -7.70 0.24 -24.63
C LEU L 118 -7.12 -1.08 -24.11
N VAL L 119 -7.98 -2.02 -23.74
CA VAL L 119 -7.53 -3.26 -23.10
C VAL L 119 -7.89 -4.48 -23.94
N LYS L 120 -6.93 -5.40 -24.10
CA LYS L 120 -7.20 -6.67 -24.79
C LYS L 120 -8.14 -7.50 -23.91
N PRO L 121 -9.14 -8.15 -24.52
CA PRO L 121 -10.10 -8.97 -23.73
C PRO L 121 -9.47 -10.03 -22.82
N GLU L 122 -8.33 -10.58 -23.24
CA GLU L 122 -7.55 -11.50 -22.41
C GLU L 122 -7.09 -10.86 -21.09
N ASN L 123 -7.02 -9.53 -21.06
CA ASN L 123 -6.48 -8.78 -19.93
C ASN L 123 -7.51 -8.04 -19.06
N TYR L 124 -8.81 -8.15 -19.36
CA TYR L 124 -9.84 -7.47 -18.55
C TYR L 124 -9.78 -7.87 -17.08
N ARG L 125 -9.46 -9.14 -16.84
CA ARG L 125 -9.40 -9.68 -15.48
C ARG L 125 -8.17 -9.20 -14.71
N ARG L 126 -7.17 -8.68 -15.42
CA ARG L 126 -6.00 -8.08 -14.79
C ARG L 126 -6.23 -6.64 -14.26
N LEU L 127 -7.36 -6.03 -14.61
CA LEU L 127 -7.69 -4.67 -14.15
C LEU L 127 -8.12 -4.63 -12.69
N ASP L 128 -7.63 -3.64 -11.94
CA ASP L 128 -7.92 -3.54 -10.51
C ASP L 128 -9.29 -2.89 -10.28
N ILE L 129 -10.34 -3.69 -10.46
CA ILE L 129 -11.72 -3.22 -10.37
C ILE L 129 -12.63 -4.28 -9.79
N VAL L 130 -13.88 -3.92 -9.53
CA VAL L 130 -14.87 -4.82 -8.91
C VAL L 130 -15.31 -5.91 -9.90
N ARG L 131 -15.70 -7.08 -9.38
CA ARG L 131 -16.14 -8.20 -10.20
C ARG L 131 -17.30 -7.83 -11.14
N SER L 132 -18.28 -7.12 -10.60
CA SER L 132 -19.36 -6.53 -11.39
C SER L 132 -18.86 -5.91 -12.70
N LEU L 133 -17.80 -5.09 -12.61
CA LEU L 133 -17.27 -4.37 -13.76
C LEU L 133 -16.57 -5.29 -14.78
N TYR L 134 -15.89 -6.34 -14.30
CA TYR L 134 -15.32 -7.35 -15.21
C TYR L 134 -16.41 -7.90 -16.12
N GLU L 135 -17.57 -8.19 -15.51
CA GLU L 135 -18.72 -8.75 -16.23
C GLU L 135 -19.37 -7.75 -17.20
N ASP L 136 -19.43 -6.48 -16.79
CA ASP L 136 -19.96 -5.42 -17.63
C ASP L 136 -19.08 -5.20 -18.86
N LEU L 137 -17.76 -5.24 -18.66
CA LEU L 137 -16.79 -5.12 -19.76
C LEU L 137 -16.90 -6.28 -20.73
N GLU L 138 -16.96 -7.50 -20.20
CA GLU L 138 -17.05 -8.72 -21.02
C GLU L 138 -18.37 -8.82 -21.77
N ASP L 139 -19.41 -8.22 -21.22
CA ASP L 139 -20.72 -8.16 -21.87
C ASP L 139 -20.70 -7.09 -22.96
N HIS L 140 -20.06 -7.41 -24.08
CA HIS L 140 -19.96 -6.49 -25.22
C HIS L 140 -21.32 -6.23 -25.84
N PRO L 141 -21.50 -5.07 -26.49
CA PRO L 141 -22.71 -4.85 -27.26
C PRO L 141 -22.87 -5.92 -28.34
N ASN L 142 -24.11 -6.35 -28.53
CA ASN L 142 -24.40 -7.50 -29.35
C ASN L 142 -25.79 -7.33 -29.96
N VAL L 143 -25.86 -7.32 -31.29
CA VAL L 143 -27.10 -7.04 -32.01
C VAL L 143 -28.18 -8.04 -31.65
N GLN L 144 -27.82 -9.33 -31.63
CA GLN L 144 -28.77 -10.39 -31.31
C GLN L 144 -29.39 -10.19 -29.93
N LYS L 145 -28.55 -9.90 -28.93
CA LYS L 145 -29.03 -9.61 -27.57
C LYS L 145 -29.95 -8.38 -27.55
N ASP L 146 -29.64 -7.37 -28.33
CA ASP L 146 -30.51 -6.18 -28.45
C ASP L 146 -31.85 -6.51 -29.10
N LEU L 147 -31.83 -7.40 -30.10
CA LEU L 147 -33.05 -7.87 -30.72
C LEU L 147 -33.90 -8.67 -29.73
N GLU L 148 -33.23 -9.45 -28.89
CA GLU L 148 -33.92 -10.19 -27.83
C GLU L 148 -34.55 -9.22 -26.82
N ARG L 149 -33.82 -8.16 -26.48
CA ARG L 149 -34.32 -7.12 -25.59
C ARG L 149 -35.51 -6.37 -26.21
N LEU L 150 -35.38 -5.96 -27.46
CA LEU L 150 -36.45 -5.24 -28.18
C LEU L 150 -37.71 -6.09 -28.32
N THR L 151 -37.52 -7.34 -28.74
CA THR L 151 -38.64 -8.29 -28.89
C THR L 151 -39.40 -8.49 -27.59
N GLN L 152 -38.68 -8.65 -26.48
CA GLN L 152 -39.31 -8.82 -25.16
C GLN L 152 -39.83 -7.47 -24.64
N GLU L 153 -40.76 -6.86 -25.37
CA GLU L 153 -41.21 -5.50 -25.10
C GLU L 153 -42.40 -5.14 -25.98
CAB 3JV M . -28.51 -14.49 -5.22
CBC 3JV M . -28.99 -14.08 -3.81
CAC 3JV M . -27.77 -13.79 -2.92
CAD 3JV M . -29.79 -15.25 -3.24
CAN 3JV M . -29.94 -12.90 -3.92
CAT 3JV M . -29.17 -11.59 -4.24
OAE 3JV M . -28.89 -11.33 -5.42
N 3JV M . -28.89 -10.73 -3.23
CD2 3JV M . -29.18 -10.81 -1.76
CG 3JV M . -29.16 -9.40 -1.24
OD1 3JV M . -30.45 -8.79 -1.41
CB 3JV M . -28.15 -8.70 -2.13
CA 3JV M . -28.23 -9.40 -3.49
C 3JV M . -26.95 -9.47 -4.02
O 3JV M . -26.17 -10.36 -3.67
NAR 3JV M . -26.61 -8.48 -4.89
CAM 3JV M . -25.28 -8.39 -5.47
CAW 3JV M . -24.51 -7.53 -4.64
CAL 3JV M . -23.13 -7.60 -4.72
CAV 3JV M . -22.30 -6.80 -3.94
CAA 3JV M . -20.91 -6.97 -4.10
CAH 3JV M . -25.07 -6.62 -3.74
CAI 3JV M . -24.25 -5.81 -2.94
CAY 3JV M . -22.87 -5.88 -3.02
CAX 3JV M . -22.14 -5.08 -2.22
SAS 3JV M . -22.39 -4.89 -0.59
CAJ 3JV M . -21.16 -3.81 -0.37
NAQ 3JV M . -20.58 -3.61 -1.56
CAK 3JV M . -21.11 -4.31 -2.59
CAB 3JV N . 12.32 -37.56 -5.73
CBC 3JV N . 11.87 -37.12 -4.34
CAC 3JV N . 13.10 -36.71 -3.53
CAD 3JV N . 11.20 -38.32 -3.65
CAN 3JV N . 10.82 -36.02 -4.46
CAT 3JV N . 11.51 -34.66 -4.78
OAE 3JV N . 11.83 -34.40 -5.94
N 3JV N . 11.70 -33.77 -3.77
CD2 3JV N . 11.37 -33.84 -2.30
CG 3JV N . 11.41 -32.40 -1.79
OD1 3JV N . 10.11 -31.82 -1.86
CB 3JV N . 12.35 -31.67 -2.71
CA 3JV N . 12.33 -32.42 -4.05
C 3JV N . 13.64 -32.52 -4.55
O 3JV N . 14.41 -33.37 -4.11
NAR 3JV N . 14.00 -31.61 -5.48
CAM 3JV N . 15.34 -31.58 -6.05
CAW 3JV N . 16.16 -30.74 -5.26
CAL 3JV N . 17.54 -30.92 -5.34
CAV 3JV N . 18.43 -30.14 -4.59
CAA 3JV N . 19.80 -30.41 -4.76
CAH 3JV N . 15.66 -29.77 -4.39
CAI 3JV N . 16.54 -28.99 -3.63
CAY 3JV N . 17.93 -29.15 -3.72
CAX 3JV N . 18.72 -28.35 -2.94
SAS 3JV N . 18.49 -28.04 -1.27
CAJ 3JV N . 19.82 -27.05 -1.14
NAQ 3JV N . 20.41 -26.99 -2.34
CAK 3JV N . 19.82 -27.69 -3.33
CAB 3JV O . 8.68 -32.19 -52.81
CBC 3JV O . 8.07 -31.97 -51.42
CAC 3JV O . 9.19 -31.75 -50.40
CAD 3JV O . 7.28 -33.21 -51.03
CAN 3JV O . 7.08 -30.81 -51.45
CAT 3JV O . 7.80 -29.47 -51.68
OAE 3JV O . 8.00 -29.09 -52.84
N 3JV O . 8.13 -28.72 -50.60
CD2 3JV O . 7.96 -28.93 -49.13
CG 3JV O . 7.96 -27.55 -48.52
OD1 3JV O . 6.64 -26.97 -48.59
CB 3JV O . 8.89 -26.75 -49.40
CA 3JV O . 8.77 -27.36 -50.79
C 3JV O . 10.04 -27.42 -51.38
O 3JV O . 10.76 -28.41 -51.18
NAR 3JV O . 10.39 -26.35 -52.11
CAM 3JV O . 11.68 -26.26 -52.76
CAW 3JV O . 12.55 -25.49 -51.97
CAL 3JV O . 13.91 -25.58 -52.25
CAV 3JV O . 14.87 -24.87 -51.53
CAA 3JV O . 16.19 -25.06 -51.91
CAH 3JV O . 12.15 -24.65 -50.92
CAI 3JV O . 13.10 -23.92 -50.18
CAY 3JV O . 14.47 -24.02 -50.47
CAX 3JV O . 15.35 -23.31 -49.73
SAS 3JV O . 15.34 -23.21 -48.05
CAJ 3JV O . 16.68 -22.21 -47.96
NAQ 3JV O . 17.10 -21.98 -49.22
CAK 3JV O . 16.38 -22.57 -50.19
CAB 3JV P . -31.94 -9.14 -52.37
CBC 3JV P . -32.47 -8.91 -50.94
CAC 3JV P . -31.28 -8.62 -50.00
CAD 3JV P . -33.15 -10.20 -50.47
CAN 3JV P . -33.51 -7.83 -50.92
CAT 3JV P . -32.85 -6.46 -51.21
OAE 3JV P . -32.60 -6.16 -52.37
N 3JV P . -32.58 -5.62 -50.18
CD2 3JV P . -32.83 -5.81 -48.71
CG 3JV P . -32.83 -4.43 -48.11
OD1 3JV P . -34.15 -3.91 -48.17
CB 3JV P . -31.91 -3.61 -48.99
CA 3JV P . -31.99 -4.24 -50.39
C 3JV P . -30.71 -4.27 -50.95
O 3JV P . -29.97 -5.23 -50.77
NAR 3JV P . -30.36 -3.19 -51.68
CAM 3JV P . -29.05 -3.08 -52.29
CAW 3JV P . -28.21 -2.31 -51.47
CAL 3JV P . -26.86 -2.32 -51.76
CAV 3JV P . -25.93 -1.60 -51.02
CAA 3JV P . -24.58 -1.70 -51.41
CAH 3JV P . -28.65 -1.53 -50.40
CAI 3JV P . -27.73 -0.80 -49.64
CAY 3JV P . -26.36 -0.80 -49.93
CAX 3JV P . -25.51 -0.08 -49.16
SAS 3JV P . -25.64 0.03 -47.52
CAJ 3JV P . -24.31 1.00 -47.30
NAQ 3JV P . -23.79 1.22 -48.51
CAK 3JV P . -24.44 0.64 -49.54
#